data_3HQA
# 
_entry.id   3HQA 
# 
_audit_conform.dict_name       mmcif_pdbx.dic 
_audit_conform.dict_version    5.399 
_audit_conform.dict_location   http://mmcif.pdb.org/dictionaries/ascii/mmcif_pdbx.dic 
# 
loop_
_database_2.database_id 
_database_2.database_code 
_database_2.pdbx_database_accession 
_database_2.pdbx_DOI 
PDB   3HQA         pdb_00003hqa 10.2210/pdb3hqa/pdb 
RCSB  RCSB053450   ?            ?                   
WWPDB D_1000053450 ?            ?                   
# 
loop_
_pdbx_audit_revision_history.ordinal 
_pdbx_audit_revision_history.data_content_type 
_pdbx_audit_revision_history.major_revision 
_pdbx_audit_revision_history.minor_revision 
_pdbx_audit_revision_history.revision_date 
1 'Structure model' 1 0 2010-02-02 
2 'Structure model' 1 1 2011-07-13 
3 'Structure model' 1 2 2012-03-28 
4 'Structure model' 1 3 2017-11-01 
5 'Structure model' 1 4 2019-07-24 
6 'Structure model' 1 5 2023-09-06 
7 'Structure model' 1 6 2024-11-20 
# 
_pdbx_audit_revision_details.ordinal             1 
_pdbx_audit_revision_details.revision_ordinal    1 
_pdbx_audit_revision_details.data_content_type   'Structure model' 
_pdbx_audit_revision_details.provider            repository 
_pdbx_audit_revision_details.type                'Initial release' 
_pdbx_audit_revision_details.description         ? 
_pdbx_audit_revision_details.details             ? 
# 
loop_
_pdbx_audit_revision_group.ordinal 
_pdbx_audit_revision_group.revision_ordinal 
_pdbx_audit_revision_group.data_content_type 
_pdbx_audit_revision_group.group 
1 2 'Structure model' 'Version format compliance' 
2 3 'Structure model' 'Database references'       
3 4 'Structure model' 'Refinement description'    
4 5 'Structure model' 'Data collection'           
5 5 'Structure model' 'Refinement description'    
6 6 'Structure model' 'Data collection'           
7 6 'Structure model' 'Database references'       
8 6 'Structure model' 'Refinement description'    
9 7 'Structure model' 'Structure summary'         
# 
loop_
_pdbx_audit_revision_category.ordinal 
_pdbx_audit_revision_category.revision_ordinal 
_pdbx_audit_revision_category.data_content_type 
_pdbx_audit_revision_category.category 
1 4 'Structure model' software                      
2 5 'Structure model' software                      
3 6 'Structure model' chem_comp_atom                
4 6 'Structure model' chem_comp_bond                
5 6 'Structure model' database_2                    
6 6 'Structure model' pdbx_initial_refinement_model 
7 6 'Structure model' struct_ref_seq_dif            
8 7 'Structure model' pdbx_entry_details            
9 7 'Structure model' pdbx_modification_feature     
# 
loop_
_pdbx_audit_revision_item.ordinal 
_pdbx_audit_revision_item.revision_ordinal 
_pdbx_audit_revision_item.data_content_type 
_pdbx_audit_revision_item.item 
1 5 'Structure model' '_software.classification'            
2 5 'Structure model' '_software.name'                      
3 5 'Structure model' '_software.version'                   
4 6 'Structure model' '_database_2.pdbx_DOI'                
5 6 'Structure model' '_database_2.pdbx_database_accession' 
6 6 'Structure model' '_struct_ref_seq_dif.details'         
# 
_pdbx_database_status.status_code                     REL 
_pdbx_database_status.entry_id                        3HQA 
_pdbx_database_status.recvd_initial_deposition_date   2009-06-05 
_pdbx_database_status.deposit_site                    RCSB 
_pdbx_database_status.process_site                    RCSB 
_pdbx_database_status.status_code_sf                  REL 
_pdbx_database_status.status_code_mr                  ? 
_pdbx_database_status.SG_entry                        ? 
_pdbx_database_status.status_code_cs                  ? 
_pdbx_database_status.pdb_format_compatible           Y 
_pdbx_database_status.methods_development_category    ? 
_pdbx_database_status.status_code_nmr_data            ? 
# 
_pdbx_database_related.db_name        PDB 
_pdbx_database_related.db_id          3HQB 
_pdbx_database_related.details        'The same protein in a different space group.' 
_pdbx_database_related.content_type   unspecified 
# 
loop_
_audit_author.name 
_audit_author.pdbx_ordinal 
'Cook, W.J.'   1 
'Ealick, S.E.' 2 
# 
_citation.id                        primary 
_citation.title                     'Structure of human desArg-C5a.' 
_citation.journal_abbrev            'Acta Crystallogr.,Sect.D' 
_citation.journal_volume            66 
_citation.page_first                190 
_citation.page_last                 197 
_citation.year                      2010 
_citation.journal_id_ASTM           ABCRE6 
_citation.country                   DK 
_citation.journal_id_ISSN           0907-4449 
_citation.journal_id_CSD            0766 
_citation.book_publisher            ? 
_citation.pdbx_database_id_PubMed   20124699 
_citation.pdbx_database_id_DOI      10.1107/S0907444909049051 
# 
loop_
_citation_author.citation_id 
_citation_author.name 
_citation_author.ordinal 
_citation_author.identifier_ORCID 
primary 'Cook, W.J.'    1 ? 
primary 'Galakatos, N.' 2 ? 
primary 'Boyar, W.C.'   3 ? 
primary 'Walter, R.L.'  4 ? 
primary 'Ealick, S.E.'  5 ? 
# 
_entity.id                         1 
_entity.type                       polymer 
_entity.src_method                 man 
_entity.pdbx_description           'Complement C5' 
_entity.formula_weight             8161.574 
_entity.pdbx_number_of_molecules   2 
_entity.pdbx_ec                    ? 
_entity.pdbx_mutation              ? 
_entity.pdbx_fragment              ? 
_entity.details                    ? 
# 
_entity_name_com.entity_id   1 
_entity_name_com.name        
;C3 and PZP-like alpha-2-macroglobulin domain-containing protein 4, Complement C5 beta chain, Complement C5 alpha chain, C5a anaphylatoxin, Complement C5 alpha' chain
;
# 
_entity_poly.entity_id                      1 
_entity_poly.type                           'polypeptide(L)' 
_entity_poly.nstd_linkage                   no 
_entity_poly.nstd_monomer                   no 
_entity_poly.pdbx_seq_one_letter_code       MLQKKIEEIAAKYKHSVVKKCCYDGACVNNDETCEQRAARISLGPRCIKAFTECCVVASQLRANISHKDMQLG 
_entity_poly.pdbx_seq_one_letter_code_can   MLQKKIEEIAAKYKHSVVKKCCYDGACVNNDETCEQRAARISLGPRCIKAFTECCVVASQLRANISHKDMQLG 
_entity_poly.pdbx_strand_id                 A,B 
_entity_poly.pdbx_target_identifier         ? 
# 
loop_
_entity_poly_seq.entity_id 
_entity_poly_seq.num 
_entity_poly_seq.mon_id 
_entity_poly_seq.hetero 
1 1  MET n 
1 2  LEU n 
1 3  GLN n 
1 4  LYS n 
1 5  LYS n 
1 6  ILE n 
1 7  GLU n 
1 8  GLU n 
1 9  ILE n 
1 10 ALA n 
1 11 ALA n 
1 12 LYS n 
1 13 TYR n 
1 14 LYS n 
1 15 HIS n 
1 16 SER n 
1 17 VAL n 
1 18 VAL n 
1 19 LYS n 
1 20 LYS n 
1 21 CYS n 
1 22 CYS n 
1 23 TYR n 
1 24 ASP n 
1 25 GLY n 
1 26 ALA n 
1 27 CYS n 
1 28 VAL n 
1 29 ASN n 
1 30 ASN n 
1 31 ASP n 
1 32 GLU n 
1 33 THR n 
1 34 CYS n 
1 35 GLU n 
1 36 GLN n 
1 37 ARG n 
1 38 ALA n 
1 39 ALA n 
1 40 ARG n 
1 41 ILE n 
1 42 SER n 
1 43 LEU n 
1 44 GLY n 
1 45 PRO n 
1 46 ARG n 
1 47 CYS n 
1 48 ILE n 
1 49 LYS n 
1 50 ALA n 
1 51 PHE n 
1 52 THR n 
1 53 GLU n 
1 54 CYS n 
1 55 CYS n 
1 56 VAL n 
1 57 VAL n 
1 58 ALA n 
1 59 SER n 
1 60 GLN n 
1 61 LEU n 
1 62 ARG n 
1 63 ALA n 
1 64 ASN n 
1 65 ILE n 
1 66 SER n 
1 67 HIS n 
1 68 LYS n 
1 69 ASP n 
1 70 MET n 
1 71 GLN n 
1 72 LEU n 
1 73 GLY n 
# 
_entity_src_gen.entity_id                          1 
_entity_src_gen.pdbx_src_id                        1 
_entity_src_gen.pdbx_alt_source_flag               sample 
_entity_src_gen.pdbx_seq_type                      ? 
_entity_src_gen.pdbx_beg_seq_num                   ? 
_entity_src_gen.pdbx_end_seq_num                   ? 
_entity_src_gen.gene_src_common_name               human 
_entity_src_gen.gene_src_genus                     ? 
_entity_src_gen.pdbx_gene_src_gene                 'C5, CPAMD4' 
_entity_src_gen.gene_src_species                   ? 
_entity_src_gen.gene_src_strain                    ? 
_entity_src_gen.gene_src_tissue                    ? 
_entity_src_gen.gene_src_tissue_fraction           ? 
_entity_src_gen.gene_src_details                   
'THE SYNTHETIC C5A GENE OF PB-6 REPLACES THE N-TERMINAL THREONINE RESIDUE OF HUMAN C5A WITH METHIONINE.' 
_entity_src_gen.pdbx_gene_src_fragment             ? 
_entity_src_gen.pdbx_gene_src_scientific_name      'Homo sapiens' 
_entity_src_gen.pdbx_gene_src_ncbi_taxonomy_id     9606 
_entity_src_gen.pdbx_gene_src_variant              ? 
_entity_src_gen.pdbx_gene_src_cell_line            ? 
_entity_src_gen.pdbx_gene_src_atcc                 ? 
_entity_src_gen.pdbx_gene_src_organ                ? 
_entity_src_gen.pdbx_gene_src_organelle            ? 
_entity_src_gen.pdbx_gene_src_cell                 ? 
_entity_src_gen.pdbx_gene_src_cellular_location    ? 
_entity_src_gen.host_org_common_name               ? 
_entity_src_gen.pdbx_host_org_scientific_name      'Escherichia coli' 
_entity_src_gen.pdbx_host_org_ncbi_taxonomy_id     562 
_entity_src_gen.host_org_genus                     ? 
_entity_src_gen.pdbx_host_org_gene                 ? 
_entity_src_gen.pdbx_host_org_organ                ? 
_entity_src_gen.host_org_species                   ? 
_entity_src_gen.pdbx_host_org_tissue               ? 
_entity_src_gen.pdbx_host_org_tissue_fraction      ? 
_entity_src_gen.pdbx_host_org_strain               LCIQ 
_entity_src_gen.pdbx_host_org_variant              ? 
_entity_src_gen.pdbx_host_org_cell_line            ? 
_entity_src_gen.pdbx_host_org_atcc                 ? 
_entity_src_gen.pdbx_host_org_culture_collection   ? 
_entity_src_gen.pdbx_host_org_cell                 ? 
_entity_src_gen.pdbx_host_org_organelle            ? 
_entity_src_gen.pdbx_host_org_cellular_location    ? 
_entity_src_gen.pdbx_host_org_vector_type          Plasmid 
_entity_src_gen.pdbx_host_org_vector               ? 
_entity_src_gen.host_org_details                   ? 
_entity_src_gen.expression_system_id               ? 
_entity_src_gen.plasmid_name                       pB-6 
_entity_src_gen.plasmid_details                    ? 
_entity_src_gen.pdbx_description                   ? 
# 
loop_
_chem_comp.id 
_chem_comp.type 
_chem_comp.mon_nstd_flag 
_chem_comp.name 
_chem_comp.pdbx_synonyms 
_chem_comp.formula 
_chem_comp.formula_weight 
ALA 'L-peptide linking' y ALANINE         ? 'C3 H7 N O2'     89.093  
ARG 'L-peptide linking' y ARGININE        ? 'C6 H15 N4 O2 1' 175.209 
ASN 'L-peptide linking' y ASPARAGINE      ? 'C4 H8 N2 O3'    132.118 
ASP 'L-peptide linking' y 'ASPARTIC ACID' ? 'C4 H7 N O4'     133.103 
CYS 'L-peptide linking' y CYSTEINE        ? 'C3 H7 N O2 S'   121.158 
GLN 'L-peptide linking' y GLUTAMINE       ? 'C5 H10 N2 O3'   146.144 
GLU 'L-peptide linking' y 'GLUTAMIC ACID' ? 'C5 H9 N O4'     147.129 
GLY 'peptide linking'   y GLYCINE         ? 'C2 H5 N O2'     75.067  
HIS 'L-peptide linking' y HISTIDINE       ? 'C6 H10 N3 O2 1' 156.162 
ILE 'L-peptide linking' y ISOLEUCINE      ? 'C6 H13 N O2'    131.173 
LEU 'L-peptide linking' y LEUCINE         ? 'C6 H13 N O2'    131.173 
LYS 'L-peptide linking' y LYSINE          ? 'C6 H15 N2 O2 1' 147.195 
MET 'L-peptide linking' y METHIONINE      ? 'C5 H11 N O2 S'  149.211 
PHE 'L-peptide linking' y PHENYLALANINE   ? 'C9 H11 N O2'    165.189 
PRO 'L-peptide linking' y PROLINE         ? 'C5 H9 N O2'     115.130 
SER 'L-peptide linking' y SERINE          ? 'C3 H7 N O3'     105.093 
THR 'L-peptide linking' y THREONINE       ? 'C4 H9 N O3'     119.119 
TYR 'L-peptide linking' y TYROSINE        ? 'C9 H11 N O3'    181.189 
VAL 'L-peptide linking' y VALINE          ? 'C5 H11 N O2'    117.146 
# 
loop_
_pdbx_poly_seq_scheme.asym_id 
_pdbx_poly_seq_scheme.entity_id 
_pdbx_poly_seq_scheme.seq_id 
_pdbx_poly_seq_scheme.mon_id 
_pdbx_poly_seq_scheme.ndb_seq_num 
_pdbx_poly_seq_scheme.pdb_seq_num 
_pdbx_poly_seq_scheme.auth_seq_num 
_pdbx_poly_seq_scheme.pdb_mon_id 
_pdbx_poly_seq_scheme.auth_mon_id 
_pdbx_poly_seq_scheme.pdb_strand_id 
_pdbx_poly_seq_scheme.pdb_ins_code 
_pdbx_poly_seq_scheme.hetero 
A 1 1  MET 1  1  1  MET ALA A . n 
A 1 2  LEU 2  2  2  LEU LEU A . n 
A 1 3  GLN 3  3  3  GLN GLN A . n 
A 1 4  LYS 4  4  4  LYS LYS A . n 
A 1 5  LYS 5  5  5  LYS LYS A . n 
A 1 6  ILE 6  6  6  ILE ILE A . n 
A 1 7  GLU 7  7  7  GLU GLU A . n 
A 1 8  GLU 8  8  8  GLU GLU A . n 
A 1 9  ILE 9  9  9  ILE ILE A . n 
A 1 10 ALA 10 10 10 ALA ALA A . n 
A 1 11 ALA 11 11 11 ALA ALA A . n 
A 1 12 LYS 12 12 12 LYS LYS A . n 
A 1 13 TYR 13 13 13 TYR TYR A . n 
A 1 14 LYS 14 14 14 LYS LYS A . n 
A 1 15 HIS 15 15 15 HIS HIS A . n 
A 1 16 SER 16 16 16 SER SER A . n 
A 1 17 VAL 17 17 17 VAL VAL A . n 
A 1 18 VAL 18 18 18 VAL VAL A . n 
A 1 19 LYS 19 19 19 LYS LYS A . n 
A 1 20 LYS 20 20 20 LYS LYS A . n 
A 1 21 CYS 21 21 21 CYS CYS A . n 
A 1 22 CYS 22 22 22 CYS CYS A . n 
A 1 23 TYR 23 23 23 TYR TYR A . n 
A 1 24 ASP 24 24 24 ASP ASP A . n 
A 1 25 GLY 25 25 25 GLY GLY A . n 
A 1 26 ALA 26 26 26 ALA ALA A . n 
A 1 27 CYS 27 27 27 CYS CYS A . n 
A 1 28 VAL 28 28 28 VAL VAL A . n 
A 1 29 ASN 29 29 29 ASN ASN A . n 
A 1 30 ASN 30 30 30 ASN ASN A . n 
A 1 31 ASP 31 31 31 ASP ASP A . n 
A 1 32 GLU 32 32 32 GLU GLU A . n 
A 1 33 THR 33 33 33 THR THR A . n 
A 1 34 CYS 34 34 34 CYS CYS A . n 
A 1 35 GLU 35 35 35 GLU GLU A . n 
A 1 36 GLN 36 36 36 GLN GLN A . n 
A 1 37 ARG 37 37 37 ARG ARG A . n 
A 1 38 ALA 38 38 38 ALA ALA A . n 
A 1 39 ALA 39 39 39 ALA ALA A . n 
A 1 40 ARG 40 40 40 ARG ARG A . n 
A 1 41 ILE 41 41 41 ILE ILE A . n 
A 1 42 SER 42 42 42 SER SER A . n 
A 1 43 LEU 43 43 43 LEU LEU A . n 
A 1 44 GLY 44 44 44 GLY GLY A . n 
A 1 45 PRO 45 45 45 PRO PRO A . n 
A 1 46 ARG 46 46 46 ARG ARG A . n 
A 1 47 CYS 47 47 47 CYS CYS A . n 
A 1 48 ILE 48 48 48 ILE ILE A . n 
A 1 49 LYS 49 49 49 LYS LYS A . n 
A 1 50 ALA 50 50 50 ALA ALA A . n 
A 1 51 PHE 51 51 51 PHE PHE A . n 
A 1 52 THR 52 52 52 THR THR A . n 
A 1 53 GLU 53 53 53 GLU GLU A . n 
A 1 54 CYS 54 54 54 CYS CYS A . n 
A 1 55 CYS 55 55 55 CYS CYS A . n 
A 1 56 VAL 56 56 56 VAL VAL A . n 
A 1 57 VAL 57 57 57 VAL VAL A . n 
A 1 58 ALA 58 58 58 ALA ALA A . n 
A 1 59 SER 59 59 59 SER SER A . n 
A 1 60 GLN 60 60 60 GLN GLN A . n 
A 1 61 LEU 61 61 61 LEU LEU A . n 
A 1 62 ARG 62 62 62 ARG ARG A . n 
A 1 63 ALA 63 63 63 ALA ALA A . n 
A 1 64 ASN 64 64 64 ASN ASN A . n 
A 1 65 ILE 65 65 65 ILE ILE A . n 
A 1 66 SER 66 66 66 SER SER A . n 
A 1 67 HIS 67 67 ?  ?   ?   A . n 
A 1 68 LYS 68 68 ?  ?   ?   A . n 
A 1 69 ASP 69 69 ?  ?   ?   A . n 
A 1 70 MET 70 70 ?  ?   ?   A . n 
A 1 71 GLN 71 71 ?  ?   ?   A . n 
A 1 72 LEU 72 72 ?  ?   ?   A . n 
A 1 73 GLY 73 73 ?  ?   ?   A . n 
B 1 1  MET 1  1  ?  ?   ?   B . n 
B 1 2  LEU 2  2  ?  ?   ?   B . n 
B 1 3  GLN 3  3  3  GLN GLN B . n 
B 1 4  LYS 4  4  4  LYS LYS B . n 
B 1 5  LYS 5  5  5  LYS LYS B . n 
B 1 6  ILE 6  6  6  ILE ILE B . n 
B 1 7  GLU 7  7  7  GLU GLU B . n 
B 1 8  GLU 8  8  8  GLU GLU B . n 
B 1 9  ILE 9  9  9  ILE ILE B . n 
B 1 10 ALA 10 10 10 ALA ALA B . n 
B 1 11 ALA 11 11 11 ALA ALA B . n 
B 1 12 LYS 12 12 12 LYS LYS B . n 
B 1 13 TYR 13 13 13 TYR TYR B . n 
B 1 14 LYS 14 14 14 LYS LYS B . n 
B 1 15 HIS 15 15 15 HIS HIS B . n 
B 1 16 SER 16 16 16 SER SER B . n 
B 1 17 VAL 17 17 17 VAL VAL B . n 
B 1 18 VAL 18 18 18 VAL VAL B . n 
B 1 19 LYS 19 19 19 LYS LYS B . n 
B 1 20 LYS 20 20 20 LYS LYS B . n 
B 1 21 CYS 21 21 21 CYS CYS B . n 
B 1 22 CYS 22 22 22 CYS CYS B . n 
B 1 23 TYR 23 23 23 TYR TYR B . n 
B 1 24 ASP 24 24 24 ASP ASP B . n 
B 1 25 GLY 25 25 25 GLY GLY B . n 
B 1 26 ALA 26 26 26 ALA ALA B . n 
B 1 27 CYS 27 27 27 CYS CYS B . n 
B 1 28 VAL 28 28 28 VAL VAL B . n 
B 1 29 ASN 29 29 29 ASN ASN B . n 
B 1 30 ASN 30 30 30 ASN ASN B . n 
B 1 31 ASP 31 31 31 ASP ASP B . n 
B 1 32 GLU 32 32 32 GLU GLU B . n 
B 1 33 THR 33 33 33 THR THR B . n 
B 1 34 CYS 34 34 34 CYS CYS B . n 
B 1 35 GLU 35 35 35 GLU GLU B . n 
B 1 36 GLN 36 36 36 GLN GLN B . n 
B 1 37 ARG 37 37 37 ARG ARG B . n 
B 1 38 ALA 38 38 38 ALA ALA B . n 
B 1 39 ALA 39 39 39 ALA ALA B . n 
B 1 40 ARG 40 40 40 ARG ARG B . n 
B 1 41 ILE 41 41 41 ILE ILE B . n 
B 1 42 SER 42 42 42 SER SER B . n 
B 1 43 LEU 43 43 43 LEU LEU B . n 
B 1 44 GLY 44 44 44 GLY GLY B . n 
B 1 45 PRO 45 45 45 PRO PRO B . n 
B 1 46 ARG 46 46 46 ARG ARG B . n 
B 1 47 CYS 47 47 47 CYS CYS B . n 
B 1 48 ILE 48 48 48 ILE ILE B . n 
B 1 49 LYS 49 49 49 LYS LYS B . n 
B 1 50 ALA 50 50 50 ALA ALA B . n 
B 1 51 PHE 51 51 51 PHE PHE B . n 
B 1 52 THR 52 52 52 THR THR B . n 
B 1 53 GLU 53 53 53 GLU GLU B . n 
B 1 54 CYS 54 54 54 CYS CYS B . n 
B 1 55 CYS 55 55 55 CYS CYS B . n 
B 1 56 VAL 56 56 56 VAL VAL B . n 
B 1 57 VAL 57 57 57 VAL VAL B . n 
B 1 58 ALA 58 58 58 ALA ALA B . n 
B 1 59 SER 59 59 59 SER SER B . n 
B 1 60 GLN 60 60 60 GLN GLN B . n 
B 1 61 LEU 61 61 61 LEU LEU B . n 
B 1 62 ARG 62 62 62 ARG ARG B . n 
B 1 63 ALA 63 63 63 ALA ALA B . n 
B 1 64 ASN 64 64 64 ASN ASN B . n 
B 1 65 ILE 65 65 65 ILE ILE B . n 
B 1 66 SER 66 66 66 SER SER B . n 
B 1 67 HIS 67 67 ?  ?   ?   B . n 
B 1 68 LYS 68 68 ?  ?   ?   B . n 
B 1 69 ASP 69 69 ?  ?   ?   B . n 
B 1 70 MET 70 70 ?  ?   ?   B . n 
B 1 71 GLN 71 71 ?  ?   ?   B . n 
B 1 72 LEU 72 72 ?  ?   ?   B . n 
B 1 73 GLY 73 73 ?  ?   ?   B . n 
# 
loop_
_pdbx_unobs_or_zero_occ_atoms.id 
_pdbx_unobs_or_zero_occ_atoms.PDB_model_num 
_pdbx_unobs_or_zero_occ_atoms.polymer_flag 
_pdbx_unobs_or_zero_occ_atoms.occupancy_flag 
_pdbx_unobs_or_zero_occ_atoms.auth_asym_id 
_pdbx_unobs_or_zero_occ_atoms.auth_comp_id 
_pdbx_unobs_or_zero_occ_atoms.auth_seq_id 
_pdbx_unobs_or_zero_occ_atoms.PDB_ins_code 
_pdbx_unobs_or_zero_occ_atoms.auth_atom_id 
_pdbx_unobs_or_zero_occ_atoms.label_alt_id 
_pdbx_unobs_or_zero_occ_atoms.label_asym_id 
_pdbx_unobs_or_zero_occ_atoms.label_comp_id 
_pdbx_unobs_or_zero_occ_atoms.label_seq_id 
_pdbx_unobs_or_zero_occ_atoms.label_atom_id 
1 1 Y 1 A MET 1 ? CG ? A MET 1 CG 
2 1 Y 1 A MET 1 ? SD ? A MET 1 SD 
3 1 Y 1 A MET 1 ? CE ? A MET 1 CE 
# 
loop_
_software.name 
_software.classification 
_software.version 
_software.citation_id 
_software.pdbx_ordinal 
PHENIX refinement       1.5_2 ? 1 
PHASER phasing          .     ? 2 
CNS    refinement       1.2   ? 3 
X-GEN  'data reduction' .     ? 4 
X-GEN  'data scaling'   .     ? 5 
# 
_cell.entry_id           3HQA 
_cell.length_a           50.610 
_cell.length_b           50.610 
_cell.length_c           117.490 
_cell.angle_alpha        90.00 
_cell.angle_beta         90.00 
_cell.angle_gamma        90.00 
_cell.Z_PDB              16 
_cell.pdbx_unique_axis   ? 
_cell.length_a_esd       ? 
_cell.length_b_esd       ? 
_cell.length_c_esd       ? 
_cell.angle_alpha_esd    ? 
_cell.angle_beta_esd     ? 
_cell.angle_gamma_esd    ? 
# 
_symmetry.entry_id                         3HQA 
_symmetry.space_group_name_H-M             'P 41 21 2' 
_symmetry.pdbx_full_space_group_name_H-M   ? 
_symmetry.cell_setting                     ? 
_symmetry.Int_Tables_number                92 
_symmetry.space_group_name_Hall            ? 
# 
_exptl.entry_id          3HQA 
_exptl.method            'X-RAY DIFFRACTION' 
_exptl.crystals_number   1 
# 
_exptl_crystal.id                    1 
_exptl_crystal.density_meas          ? 
_exptl_crystal.density_Matthews      2.31 
_exptl_crystal.density_percent_sol   46.75 
_exptl_crystal.description           ? 
_exptl_crystal.F_000                 ? 
_exptl_crystal.preparation           ? 
# 
_exptl_crystal_grow.crystal_id      1 
_exptl_crystal_grow.method          'VAPOR DIFFUSION, HANGING DROP' 
_exptl_crystal_grow.temp            298 
_exptl_crystal_grow.temp_details    ? 
_exptl_crystal_grow.pH              4.8 
_exptl_crystal_grow.pdbx_pH_range   ? 
_exptl_crystal_grow.pdbx_details    '2.4 M sodium chloride, pH 4.8, VAPOR DIFFUSION, HANGING DROP, temperature 298K' 
# 
_diffrn.id                     1 
_diffrn.ambient_temp           298 
_diffrn.ambient_temp_details   ? 
_diffrn.crystal_id             1 
# 
_diffrn_detector.diffrn_id              1 
_diffrn_detector.detector               'AREA DETECTOR' 
_diffrn_detector.type                   'SIEMENS-NICOLET X100' 
_diffrn_detector.pdbx_collection_date   1991-06-07 
_diffrn_detector.details                ? 
# 
_diffrn_radiation.diffrn_id                        1 
_diffrn_radiation.wavelength_id                    1 
_diffrn_radiation.pdbx_monochromatic_or_laue_m_l   M 
_diffrn_radiation.monochromator                    'Ni FILTER' 
_diffrn_radiation.pdbx_diffrn_protocol             'SINGLE WAVELENGTH' 
_diffrn_radiation.pdbx_scattering_type             x-ray 
# 
_diffrn_radiation_wavelength.id           1 
_diffrn_radiation_wavelength.wavelength   1.5418 
_diffrn_radiation_wavelength.wt           1.0 
# 
_diffrn_source.diffrn_id                   1 
_diffrn_source.source                      'ROTATING ANODE' 
_diffrn_source.type                        'RIGAKU RU300' 
_diffrn_source.pdbx_synchrotron_site       ? 
_diffrn_source.pdbx_synchrotron_beamline   ? 
_diffrn_source.pdbx_wavelength             ? 
_diffrn_source.pdbx_wavelength_list        1.5418 
# 
_reflns.entry_id                     3HQA 
_reflns.observed_criterion_sigma_I   0.0 
_reflns.observed_criterion_sigma_F   0.0 
_reflns.d_resolution_low             46.5 
_reflns.d_resolution_high            2.58 
_reflns.number_obs                   5330 
_reflns.number_all                   5389 
_reflns.percent_possible_obs         98.9 
_reflns.pdbx_Rmerge_I_obs            ? 
_reflns.pdbx_Rsym_value              ? 
_reflns.pdbx_netI_over_sigmaI        ? 
_reflns.B_iso_Wilson_estimate        22.3 
_reflns.pdbx_redundancy              ? 
_reflns.R_free_details               ? 
_reflns.limit_h_max                  ? 
_reflns.limit_h_min                  ? 
_reflns.limit_k_max                  ? 
_reflns.limit_k_min                  ? 
_reflns.limit_l_max                  ? 
_reflns.limit_l_min                  ? 
_reflns.observed_criterion_F_max     ? 
_reflns.observed_criterion_F_min     ? 
_reflns.pdbx_chi_squared             ? 
_reflns.pdbx_scaling_rejects         ? 
_reflns.pdbx_ordinal                 1 
_reflns.pdbx_diffrn_id               1 
# 
_refine.pdbx_refine_id                           'X-RAY DIFFRACTION' 
_refine.entry_id                                 3HQA 
_refine.ls_number_reflns_obs                     5078 
_refine.ls_number_reflns_all                     5209 
_refine.pdbx_ls_sigma_I                          ? 
_refine.pdbx_ls_sigma_F                          2.00 
_refine.pdbx_data_cutoff_high_absF               ? 
_refine.pdbx_data_cutoff_low_absF                ? 
_refine.pdbx_data_cutoff_high_rms_absF           ? 
_refine.ls_d_res_low                             46.481 
_refine.ls_d_res_high                            2.586 
_refine.ls_percent_reflns_obs                    97.50 
_refine.ls_R_factor_obs                          0.2150 
_refine.ls_R_factor_all                          ? 
_refine.ls_R_factor_R_work                       0.2129 
_refine.ls_R_factor_R_free                       0.2529 
_refine.ls_R_factor_R_free_error                 ? 
_refine.ls_R_factor_R_free_error_details         ? 
_refine.ls_percent_reflns_R_free                 5.47 
_refine.ls_number_reflns_R_free                  278 
_refine.ls_number_parameters                     ? 
_refine.ls_number_restraints                     ? 
_refine.occupancy_min                            ? 
_refine.occupancy_max                            ? 
_refine.correlation_coeff_Fo_to_Fc               ? 
_refine.correlation_coeff_Fo_to_Fc_free          ? 
_refine.B_iso_mean                               50.4 
_refine.aniso_B[1][1]                            0.07 
_refine.aniso_B[2][2]                            0.07 
_refine.aniso_B[3][3]                            -0.13 
_refine.aniso_B[1][2]                            0.00 
_refine.aniso_B[1][3]                            0.00 
_refine.aniso_B[2][3]                            0.00 
_refine.solvent_model_details                    'FLAT BULK SOLVENT MODEL' 
_refine.solvent_model_param_ksol                 0.349 
_refine.solvent_model_param_bsol                 50.389 
_refine.pdbx_solvent_vdw_probe_radii             1.11 
_refine.pdbx_solvent_ion_probe_radii             ? 
_refine.pdbx_solvent_shrinkage_radii             0.90 
_refine.pdbx_ls_cross_valid_method               ? 
_refine.details                                  'BULK SOLVENT MODEL USED' 
_refine.pdbx_starting_model                      'PDB ENTRY 3CU7 (RESIDUES A681 TO A742)' 
_refine.pdbx_method_to_determine_struct          'MOLECULAR REPLACEMENT' 
_refine.pdbx_isotropic_thermal_model             RESTRAINED 
_refine.pdbx_stereochemistry_target_values       ML 
_refine.pdbx_stereochem_target_val_spec_case     ? 
_refine.pdbx_R_Free_selection_details            ? 
_refine.pdbx_overall_ESU_R                       ? 
_refine.pdbx_overall_ESU_R_Free                  ? 
_refine.overall_SU_ML                            0.24 
_refine.pdbx_overall_phase_error                 22.53 
_refine.overall_SU_B                             ? 
_refine.ls_redundancy_reflns_obs                 ? 
_refine.B_iso_min                                ? 
_refine.B_iso_max                                ? 
_refine.overall_SU_R_Cruickshank_DPI             ? 
_refine.overall_SU_R_free                        ? 
_refine.ls_wR_factor_R_free                      ? 
_refine.ls_wR_factor_R_work                      ? 
_refine.overall_FOM_free_R_set                   ? 
_refine.overall_FOM_work_R_set                   ? 
_refine.pdbx_diffrn_id                           1 
_refine.pdbx_TLS_residual_ADP_flag               ? 
_refine.pdbx_overall_SU_R_free_Cruickshank_DPI   ? 
_refine.pdbx_overall_SU_R_Blow_DPI               ? 
_refine.pdbx_overall_SU_R_free_Blow_DPI          ? 
# 
_refine_analyze.pdbx_refine_id                  'X-RAY DIFFRACTION' 
_refine_analyze.entry_id                        3HQA 
_refine_analyze.Luzzati_coordinate_error_obs    0.31 
_refine_analyze.Luzzati_sigma_a_obs             0.24 
_refine_analyze.Luzzati_d_res_low_obs           5.00 
_refine_analyze.Luzzati_coordinate_error_free   0.39 
_refine_analyze.Luzzati_sigma_a_free            0.31 
_refine_analyze.Luzzati_d_res_low_free          ? 
_refine_analyze.number_disordered_residues      ? 
_refine_analyze.occupancy_sum_hydrogen          ? 
_refine_analyze.occupancy_sum_non_hydrogen      ? 
_refine_analyze.pdbx_Luzzati_d_res_high_obs     ? 
# 
_refine_hist.pdbx_refine_id                   'X-RAY DIFFRACTION' 
_refine_hist.cycle_id                         LAST 
_refine_hist.pdbx_number_atoms_protein        993 
_refine_hist.pdbx_number_atoms_nucleic_acid   0 
_refine_hist.pdbx_number_atoms_ligand         0 
_refine_hist.number_atoms_solvent             0 
_refine_hist.number_atoms_total               993 
_refine_hist.d_res_high                       2.586 
_refine_hist.d_res_low                        46.481 
# 
loop_
_refine_ls_restr.type 
_refine_ls_restr.dev_ideal 
_refine_ls_restr.dev_ideal_target 
_refine_ls_restr.weight 
_refine_ls_restr.number 
_refine_ls_restr.pdbx_refine_id 
_refine_ls_restr.pdbx_restraint_function 
f_bond_d           0.009  ? ? 1009 'X-RAY DIFFRACTION' ? 
f_angle_d          1.132  ? ? 1344 'X-RAY DIFFRACTION' ? 
f_dihedral_angle_d 15.955 ? ? 382  'X-RAY DIFFRACTION' ? 
f_chiral_restr     0.071  ? ? 155  'X-RAY DIFFRACTION' ? 
f_plane_restr      0.003  ? ? 174  'X-RAY DIFFRACTION' ? 
# 
loop_
_refine_ls_restr_ncs.dom_id 
_refine_ls_restr_ncs.pdbx_auth_asym_id 
_refine_ls_restr_ncs.pdbx_number 
_refine_ls_restr_ncs.rms_dev_position 
_refine_ls_restr_ncs.weight_position 
_refine_ls_restr_ncs.pdbx_type 
_refine_ls_restr_ncs.pdbx_ens_id 
_refine_ls_restr_ncs.pdbx_ordinal 
_refine_ls_restr_ncs.pdbx_refine_id 
_refine_ls_restr_ncs.ncs_model_details 
_refine_ls_restr_ncs.rms_dev_B_iso 
_refine_ls_restr_ncs.weight_B_iso 
_refine_ls_restr_ncs.pdbx_asym_id 
_refine_ls_restr_ncs.pdbx_rms 
_refine_ls_restr_ncs.pdbx_weight 
1 A 109 ?     ? POSITIONAL 1 1  'X-RAY DIFFRACTION' ? ? ? ? ? ? 
2 B 109 0.057 ? POSITIONAL 1 2  'X-RAY DIFFRACTION' ? ? ? ? ? ? 
1 A 74  ?     ? POSITIONAL 2 3  'X-RAY DIFFRACTION' ? ? ? ? ? ? 
2 B 74  0.067 ? POSITIONAL 2 4  'X-RAY DIFFRACTION' ? ? ? ? ? ? 
1 A 46  ?     ? POSITIONAL 3 5  'X-RAY DIFFRACTION' ? ? ? ? ? ? 
2 B 46  0.050 ? POSITIONAL 3 6  'X-RAY DIFFRACTION' ? ? ? ? ? ? 
1 A 37  ?     ? POSITIONAL 4 7  'X-RAY DIFFRACTION' ? ? ? ? ? ? 
2 B 37  0.058 ? POSITIONAL 4 8  'X-RAY DIFFRACTION' ? ? ? ? ? ? 
1 A 47  ?     ? POSITIONAL 5 9  'X-RAY DIFFRACTION' ? ? ? ? ? ? 
2 B 47  0.036 ? POSITIONAL 5 10 'X-RAY DIFFRACTION' ? ? ? ? ? ? 
# 
loop_
_refine_ls_shell.pdbx_refine_id 
_refine_ls_shell.pdbx_total_number_of_bins_used 
_refine_ls_shell.d_res_high 
_refine_ls_shell.d_res_low 
_refine_ls_shell.number_reflns_R_work 
_refine_ls_shell.R_factor_R_work 
_refine_ls_shell.percent_reflns_obs 
_refine_ls_shell.R_factor_R_free 
_refine_ls_shell.R_factor_R_free_error 
_refine_ls_shell.percent_reflns_R_free 
_refine_ls_shell.number_reflns_R_free 
_refine_ls_shell.number_reflns_all 
_refine_ls_shell.R_factor_all 
_refine_ls_shell.redundancy_reflns_obs 
_refine_ls_shell.number_reflns_obs 
'X-RAY DIFFRACTION' . 2.5857 3.2576  2289 0.2168 96.00 0.2795 . . 132 . . . . 
'X-RAY DIFFRACTION' . 3.2576 46.4885 2511 0.2105 99.00 0.2376 . . 146 . . . . 
# 
_pdbx_xplor_file.pdbx_refine_id   'X-RAY DIFFRACTION' 
_pdbx_xplor_file.serial_no        1 
_pdbx_xplor_file.param_file       protein_rep.param 
_pdbx_xplor_file.topol_file       protein.top 
# 
loop_
_struct_ncs_dom.id 
_struct_ncs_dom.details 
_struct_ncs_dom.pdbx_ens_id 
1 ? 1 
2 ? 1 
1 ? 2 
2 ? 2 
1 ? 3 
2 ? 3 
1 ? 4 
2 ? 4 
1 ? 5 
2 ? 5 
# 
loop_
_struct_ncs_dom_lim.dom_id 
_struct_ncs_dom_lim.beg_auth_asym_id 
_struct_ncs_dom_lim.beg_auth_seq_id 
_struct_ncs_dom_lim.end_auth_asym_id 
_struct_ncs_dom_lim.end_auth_seq_id 
_struct_ncs_dom_lim.pdbx_component_id 
_struct_ncs_dom_lim.pdbx_refine_code 
_struct_ncs_dom_lim.beg_label_asym_id 
_struct_ncs_dom_lim.beg_label_comp_id 
_struct_ncs_dom_lim.beg_label_seq_id 
_struct_ncs_dom_lim.beg_label_alt_id 
_struct_ncs_dom_lim.end_label_asym_id 
_struct_ncs_dom_lim.end_label_comp_id 
_struct_ncs_dom_lim.end_label_seq_id 
_struct_ncs_dom_lim.end_label_alt_id 
_struct_ncs_dom_lim.pdbx_ens_id 
_struct_ncs_dom_lim.selection_details 
_struct_ncs_dom_lim.beg_auth_comp_id 
_struct_ncs_dom_lim.end_auth_comp_id 
1 ? ? ? ? 1 ? ? ? ? ? ? ? ? ? 1 'chain A and (resseq 20:34 )' ? ? 
2 ? ? ? ? 1 ? ? ? ? ? ? ? ? ? 1 'chain B and (resseq 20:34 )' ? ? 
1 ? ? ? ? 1 ? ? ? ? ? ? ? ? ? 2 'chain A and (resseq 36:45 )' ? ? 
2 ? ? ? ? 1 ? ? ? ? ? ? ? ? ? 2 'chain B and (resseq 36:45 )' ? ? 
1 ? ? ? ? 1 ? ? ? ? ? ? ? ? ? 3 'chain A and (resseq 47:52 )' ? ? 
2 ? ? ? ? 1 ? ? ? ? ? ? ? ? ? 3 'chain B and (resseq 47:52 )' ? ? 
1 ? ? ? ? 1 ? ? ? ? ? ? ? ? ? 4 'chain A and (resseq 54:59 )' ? ? 
2 ? ? ? ? 1 ? ? ? ? ? ? ? ? ? 4 'chain B and (resseq 54:59 )' ? ? 
1 ? ? ? ? 1 ? ? ? ? ? ? ? ? ? 5 'chain A and (resseq 61:66 )' ? ? 
2 ? ? ? ? 1 ? ? ? ? ? ? ? ? ? 5 'chain B and (resseq 61:66 )' ? ? 
# 
loop_
_struct_ncs_ens.id 
_struct_ncs_ens.details 
1 ? 
2 ? 
3 ? 
4 ? 
5 ? 
# 
_struct.entry_id                  3HQA 
_struct.title                     'Crystal structure of human desarg-C5A' 
_struct.pdbx_model_details        ? 
_struct.pdbx_CASP_flag            ? 
_struct.pdbx_model_type_details   ? 
# 
_struct_keywords.entry_id        3HQA 
_struct_keywords.pdbx_keywords   'IMMUNE SYSTEM' 
_struct_keywords.text            
;COMPLEMENT, C5A, ANAPHYLATOXIN, Cleavage on pair of basic residues, Complement alternate pathway, Complement pathway, Cytolysis, Disulfide bond, Glycoprotein, Immune response, Inflammatory response, Innate immunity, Membrane attack complex, Secreted, IMMUNE SYSTEM
;
# 
loop_
_struct_asym.id 
_struct_asym.pdbx_blank_PDB_chainid_flag 
_struct_asym.pdbx_modified 
_struct_asym.entity_id 
_struct_asym.details 
A N N 1 ? 
B N N 1 ? 
# 
_struct_ref.id                         1 
_struct_ref.db_name                    UNP 
_struct_ref.db_code                    CO5_HUMAN 
_struct_ref.pdbx_db_accession          P01031 
_struct_ref.entity_id                  1 
_struct_ref.pdbx_seq_one_letter_code   LQKKIEEIAAKYKHSVVKKCCYDGACVNNDETCEQRAARISLGPRCIKAFTECCVVASQLRANISHKDMQLGR 
_struct_ref.pdbx_align_begin           679 
_struct_ref.pdbx_db_isoform            ? 
# 
loop_
_struct_ref_seq.align_id 
_struct_ref_seq.ref_id 
_struct_ref_seq.pdbx_PDB_id_code 
_struct_ref_seq.pdbx_strand_id 
_struct_ref_seq.seq_align_beg 
_struct_ref_seq.pdbx_seq_align_beg_ins_code 
_struct_ref_seq.seq_align_end 
_struct_ref_seq.pdbx_seq_align_end_ins_code 
_struct_ref_seq.pdbx_db_accession 
_struct_ref_seq.db_align_beg 
_struct_ref_seq.pdbx_db_align_beg_ins_code 
_struct_ref_seq.db_align_end 
_struct_ref_seq.pdbx_db_align_end_ins_code 
_struct_ref_seq.pdbx_auth_seq_align_beg 
_struct_ref_seq.pdbx_auth_seq_align_end 
1 1 3HQA A 2 ? 73 ? P01031 679 ? 750 ? 2 73 
2 1 3HQA B 2 ? 73 ? P01031 679 ? 750 ? 2 73 
# 
loop_
_struct_ref_seq_dif.align_id 
_struct_ref_seq_dif.pdbx_pdb_id_code 
_struct_ref_seq_dif.mon_id 
_struct_ref_seq_dif.pdbx_pdb_strand_id 
_struct_ref_seq_dif.seq_num 
_struct_ref_seq_dif.pdbx_pdb_ins_code 
_struct_ref_seq_dif.pdbx_seq_db_name 
_struct_ref_seq_dif.pdbx_seq_db_accession_code 
_struct_ref_seq_dif.db_mon_id 
_struct_ref_seq_dif.pdbx_seq_db_seq_num 
_struct_ref_seq_dif.details 
_struct_ref_seq_dif.pdbx_auth_seq_num 
_struct_ref_seq_dif.pdbx_ordinal 
1 3HQA MET A 1 ? UNP P01031 ? ? 'initiating methionine' 1 1 
2 3HQA MET B 1 ? UNP P01031 ? ? 'initiating methionine' 1 2 
# 
loop_
_pdbx_struct_assembly.id 
_pdbx_struct_assembly.details 
_pdbx_struct_assembly.method_details 
_pdbx_struct_assembly.oligomeric_details 
_pdbx_struct_assembly.oligomeric_count 
1 author_defined_assembly   ?    monomeric 1 
2 author_defined_assembly   ?    monomeric 1 
3 software_defined_assembly PISA dimeric   2 
# 
loop_
_pdbx_struct_assembly_prop.biol_id 
_pdbx_struct_assembly_prop.type 
_pdbx_struct_assembly_prop.value 
_pdbx_struct_assembly_prop.details 
3 'ABSA (A^2)' 1610 ? 
3 MORE         -14  ? 
3 'SSA (A^2)'  9080 ? 
# 
loop_
_pdbx_struct_assembly_gen.assembly_id 
_pdbx_struct_assembly_gen.oper_expression 
_pdbx_struct_assembly_gen.asym_id_list 
1 1 A   
2 1 B   
3 1 A,B 
# 
_pdbx_struct_oper_list.id                   1 
_pdbx_struct_oper_list.type                 'identity operation' 
_pdbx_struct_oper_list.name                 1_555 
_pdbx_struct_oper_list.symmetry_operation   x,y,z 
_pdbx_struct_oper_list.matrix[1][1]         1.0000000000 
_pdbx_struct_oper_list.matrix[1][2]         0.0000000000 
_pdbx_struct_oper_list.matrix[1][3]         0.0000000000 
_pdbx_struct_oper_list.vector[1]            0.0000000000 
_pdbx_struct_oper_list.matrix[2][1]         0.0000000000 
_pdbx_struct_oper_list.matrix[2][2]         1.0000000000 
_pdbx_struct_oper_list.matrix[2][3]         0.0000000000 
_pdbx_struct_oper_list.vector[2]            0.0000000000 
_pdbx_struct_oper_list.matrix[3][1]         0.0000000000 
_pdbx_struct_oper_list.matrix[3][2]         0.0000000000 
_pdbx_struct_oper_list.matrix[3][3]         1.0000000000 
_pdbx_struct_oper_list.vector[3]            0.0000000000 
# 
_struct_biol.id        1 
_struct_biol.details   ? 
# 
loop_
_struct_conf.conf_type_id 
_struct_conf.id 
_struct_conf.pdbx_PDB_helix_id 
_struct_conf.beg_label_comp_id 
_struct_conf.beg_label_asym_id 
_struct_conf.beg_label_seq_id 
_struct_conf.pdbx_beg_PDB_ins_code 
_struct_conf.end_label_comp_id 
_struct_conf.end_label_asym_id 
_struct_conf.end_label_seq_id 
_struct_conf.pdbx_end_PDB_ins_code 
_struct_conf.beg_auth_comp_id 
_struct_conf.beg_auth_asym_id 
_struct_conf.beg_auth_seq_id 
_struct_conf.end_auth_comp_id 
_struct_conf.end_auth_asym_id 
_struct_conf.end_auth_seq_id 
_struct_conf.pdbx_PDB_helix_class 
_struct_conf.details 
_struct_conf.pdbx_PDB_helix_length 
HELX_P HELX_P1 1 LEU A 2  ? LYS A 14 ? LEU A 2  LYS A 14 1 ? 13 
HELX_P HELX_P2 2 HIS A 15 ? CYS A 27 ? HIS A 15 CYS A 27 1 ? 13 
HELX_P HELX_P3 3 THR A 33 ? ARG A 40 ? THR A 33 ARG A 40 1 ? 8  
HELX_P HELX_P4 4 GLY A 44 ? ILE A 65 ? GLY A 44 ILE A 65 1 ? 22 
HELX_P HELX_P5 5 GLN B 3  ? CYS B 27 ? GLN B 3  CYS B 27 1 ? 25 
HELX_P HELX_P6 6 THR B 33 ? ARG B 40 ? THR B 33 ARG B 40 1 ? 8  
HELX_P HELX_P7 7 GLY B 44 ? ILE B 65 ? GLY B 44 ILE B 65 1 ? 22 
# 
_struct_conf_type.id          HELX_P 
_struct_conf_type.criteria    ? 
_struct_conf_type.reference   ? 
# 
loop_
_struct_conn.id 
_struct_conn.conn_type_id 
_struct_conn.pdbx_leaving_atom_flag 
_struct_conn.pdbx_PDB_id 
_struct_conn.ptnr1_label_asym_id 
_struct_conn.ptnr1_label_comp_id 
_struct_conn.ptnr1_label_seq_id 
_struct_conn.ptnr1_label_atom_id 
_struct_conn.pdbx_ptnr1_label_alt_id 
_struct_conn.pdbx_ptnr1_PDB_ins_code 
_struct_conn.pdbx_ptnr1_standard_comp_id 
_struct_conn.ptnr1_symmetry 
_struct_conn.ptnr2_label_asym_id 
_struct_conn.ptnr2_label_comp_id 
_struct_conn.ptnr2_label_seq_id 
_struct_conn.ptnr2_label_atom_id 
_struct_conn.pdbx_ptnr2_label_alt_id 
_struct_conn.pdbx_ptnr2_PDB_ins_code 
_struct_conn.ptnr1_auth_asym_id 
_struct_conn.ptnr1_auth_comp_id 
_struct_conn.ptnr1_auth_seq_id 
_struct_conn.ptnr2_auth_asym_id 
_struct_conn.ptnr2_auth_comp_id 
_struct_conn.ptnr2_auth_seq_id 
_struct_conn.ptnr2_symmetry 
_struct_conn.pdbx_ptnr3_label_atom_id 
_struct_conn.pdbx_ptnr3_label_seq_id 
_struct_conn.pdbx_ptnr3_label_comp_id 
_struct_conn.pdbx_ptnr3_label_asym_id 
_struct_conn.pdbx_ptnr3_label_alt_id 
_struct_conn.pdbx_ptnr3_PDB_ins_code 
_struct_conn.details 
_struct_conn.pdbx_dist_value 
_struct_conn.pdbx_value_order 
_struct_conn.pdbx_role 
disulf1 disulf ? ? A CYS 21 SG ? ? ? 1_555 A CYS 47 SG ? ? A CYS 21 A CYS 47 1_555 ? ? ? ? ? ? ? 2.056 ? ? 
disulf2 disulf ? ? A CYS 22 SG ? ? ? 1_555 A CYS 54 SG ? ? A CYS 22 A CYS 54 1_555 ? ? ? ? ? ? ? 2.013 ? ? 
disulf3 disulf ? ? A CYS 34 SG ? ? ? 1_555 A CYS 55 SG ? ? A CYS 34 A CYS 55 1_555 ? ? ? ? ? ? ? 2.040 ? ? 
disulf4 disulf ? ? B CYS 21 SG ? ? ? 1_555 B CYS 47 SG ? ? B CYS 21 B CYS 47 1_555 ? ? ? ? ? ? ? 2.030 ? ? 
disulf5 disulf ? ? B CYS 22 SG ? ? ? 1_555 B CYS 54 SG ? ? B CYS 22 B CYS 54 1_555 ? ? ? ? ? ? ? 2.007 ? ? 
disulf6 disulf ? ? B CYS 34 SG ? ? ? 1_555 B CYS 55 SG ? ? B CYS 34 B CYS 55 1_555 ? ? ? ? ? ? ? 2.017 ? ? 
# 
_struct_conn_type.id          disulf 
_struct_conn_type.criteria    ? 
_struct_conn_type.reference   ? 
# 
loop_
_pdbx_modification_feature.ordinal 
_pdbx_modification_feature.label_comp_id 
_pdbx_modification_feature.label_asym_id 
_pdbx_modification_feature.label_seq_id 
_pdbx_modification_feature.label_alt_id 
_pdbx_modification_feature.modified_residue_label_comp_id 
_pdbx_modification_feature.modified_residue_label_asym_id 
_pdbx_modification_feature.modified_residue_label_seq_id 
_pdbx_modification_feature.modified_residue_label_alt_id 
_pdbx_modification_feature.auth_comp_id 
_pdbx_modification_feature.auth_asym_id 
_pdbx_modification_feature.auth_seq_id 
_pdbx_modification_feature.PDB_ins_code 
_pdbx_modification_feature.symmetry 
_pdbx_modification_feature.modified_residue_auth_comp_id 
_pdbx_modification_feature.modified_residue_auth_asym_id 
_pdbx_modification_feature.modified_residue_auth_seq_id 
_pdbx_modification_feature.modified_residue_PDB_ins_code 
_pdbx_modification_feature.modified_residue_symmetry 
_pdbx_modification_feature.comp_id_linking_atom 
_pdbx_modification_feature.modified_residue_id_linking_atom 
_pdbx_modification_feature.modified_residue_id 
_pdbx_modification_feature.ref_pcm_id 
_pdbx_modification_feature.ref_comp_id 
_pdbx_modification_feature.type 
_pdbx_modification_feature.category 
1 CYS A 21 ? CYS A 47 ? CYS A 21 ? 1_555 CYS A 47 ? 1_555 SG SG . . . None 'Disulfide bridge' 
2 CYS A 22 ? CYS A 54 ? CYS A 22 ? 1_555 CYS A 54 ? 1_555 SG SG . . . None 'Disulfide bridge' 
3 CYS A 34 ? CYS A 55 ? CYS A 34 ? 1_555 CYS A 55 ? 1_555 SG SG . . . None 'Disulfide bridge' 
4 CYS B 21 ? CYS B 47 ? CYS B 21 ? 1_555 CYS B 47 ? 1_555 SG SG . . . None 'Disulfide bridge' 
5 CYS B 22 ? CYS B 54 ? CYS B 22 ? 1_555 CYS B 54 ? 1_555 SG SG . . . None 'Disulfide bridge' 
6 CYS B 34 ? CYS B 55 ? CYS B 34 ? 1_555 CYS B 55 ? 1_555 SG SG . . . None 'Disulfide bridge' 
# 
_pdbx_entry_details.entry_id                   3HQA 
_pdbx_entry_details.compound_details           ? 
_pdbx_entry_details.source_details             ? 
_pdbx_entry_details.nonpolymer_details         ? 
_pdbx_entry_details.sequence_details           ? 
_pdbx_entry_details.has_ligand_of_interest     ? 
_pdbx_entry_details.has_protein_modification   Y 
# 
loop_
_pdbx_validate_torsion.id 
_pdbx_validate_torsion.PDB_model_num 
_pdbx_validate_torsion.auth_comp_id 
_pdbx_validate_torsion.auth_asym_id 
_pdbx_validate_torsion.auth_seq_id 
_pdbx_validate_torsion.PDB_ins_code 
_pdbx_validate_torsion.label_alt_id 
_pdbx_validate_torsion.phi 
_pdbx_validate_torsion.psi 
1 1 ASN A 29 ? ? -165.29 76.88 
2 1 ILE A 65 ? ? -90.99  30.50 
3 1 ASN B 29 ? ? -163.77 77.99 
4 1 ILE B 65 ? ? -89.32  30.07 
# 
loop_
_pdbx_unobs_or_zero_occ_residues.id 
_pdbx_unobs_or_zero_occ_residues.PDB_model_num 
_pdbx_unobs_or_zero_occ_residues.polymer_flag 
_pdbx_unobs_or_zero_occ_residues.occupancy_flag 
_pdbx_unobs_or_zero_occ_residues.auth_asym_id 
_pdbx_unobs_or_zero_occ_residues.auth_comp_id 
_pdbx_unobs_or_zero_occ_residues.auth_seq_id 
_pdbx_unobs_or_zero_occ_residues.PDB_ins_code 
_pdbx_unobs_or_zero_occ_residues.label_asym_id 
_pdbx_unobs_or_zero_occ_residues.label_comp_id 
_pdbx_unobs_or_zero_occ_residues.label_seq_id 
1  1 Y 1 A HIS 67 ? A HIS 67 
2  1 Y 1 A LYS 68 ? A LYS 68 
3  1 Y 1 A ASP 69 ? A ASP 69 
4  1 Y 1 A MET 70 ? A MET 70 
5  1 Y 1 A GLN 71 ? A GLN 71 
6  1 Y 1 A LEU 72 ? A LEU 72 
7  1 Y 1 A GLY 73 ? A GLY 73 
8  1 Y 1 B MET 1  ? B MET 1  
9  1 Y 1 B LEU 2  ? B LEU 2  
10 1 Y 1 B HIS 67 ? B HIS 67 
11 1 Y 1 B LYS 68 ? B LYS 68 
12 1 Y 1 B ASP 69 ? B ASP 69 
13 1 Y 1 B MET 70 ? B MET 70 
14 1 Y 1 B GLN 71 ? B GLN 71 
15 1 Y 1 B LEU 72 ? B LEU 72 
16 1 Y 1 B GLY 73 ? B GLY 73 
# 
loop_
_chem_comp_atom.comp_id 
_chem_comp_atom.atom_id 
_chem_comp_atom.type_symbol 
_chem_comp_atom.pdbx_aromatic_flag 
_chem_comp_atom.pdbx_stereo_config 
_chem_comp_atom.pdbx_ordinal 
ALA N    N N N 1   
ALA CA   C N S 2   
ALA C    C N N 3   
ALA O    O N N 4   
ALA CB   C N N 5   
ALA OXT  O N N 6   
ALA H    H N N 7   
ALA H2   H N N 8   
ALA HA   H N N 9   
ALA HB1  H N N 10  
ALA HB2  H N N 11  
ALA HB3  H N N 12  
ALA HXT  H N N 13  
ARG N    N N N 14  
ARG CA   C N S 15  
ARG C    C N N 16  
ARG O    O N N 17  
ARG CB   C N N 18  
ARG CG   C N N 19  
ARG CD   C N N 20  
ARG NE   N N N 21  
ARG CZ   C N N 22  
ARG NH1  N N N 23  
ARG NH2  N N N 24  
ARG OXT  O N N 25  
ARG H    H N N 26  
ARG H2   H N N 27  
ARG HA   H N N 28  
ARG HB2  H N N 29  
ARG HB3  H N N 30  
ARG HG2  H N N 31  
ARG HG3  H N N 32  
ARG HD2  H N N 33  
ARG HD3  H N N 34  
ARG HE   H N N 35  
ARG HH11 H N N 36  
ARG HH12 H N N 37  
ARG HH21 H N N 38  
ARG HH22 H N N 39  
ARG HXT  H N N 40  
ASN N    N N N 41  
ASN CA   C N S 42  
ASN C    C N N 43  
ASN O    O N N 44  
ASN CB   C N N 45  
ASN CG   C N N 46  
ASN OD1  O N N 47  
ASN ND2  N N N 48  
ASN OXT  O N N 49  
ASN H    H N N 50  
ASN H2   H N N 51  
ASN HA   H N N 52  
ASN HB2  H N N 53  
ASN HB3  H N N 54  
ASN HD21 H N N 55  
ASN HD22 H N N 56  
ASN HXT  H N N 57  
ASP N    N N N 58  
ASP CA   C N S 59  
ASP C    C N N 60  
ASP O    O N N 61  
ASP CB   C N N 62  
ASP CG   C N N 63  
ASP OD1  O N N 64  
ASP OD2  O N N 65  
ASP OXT  O N N 66  
ASP H    H N N 67  
ASP H2   H N N 68  
ASP HA   H N N 69  
ASP HB2  H N N 70  
ASP HB3  H N N 71  
ASP HD2  H N N 72  
ASP HXT  H N N 73  
CYS N    N N N 74  
CYS CA   C N R 75  
CYS C    C N N 76  
CYS O    O N N 77  
CYS CB   C N N 78  
CYS SG   S N N 79  
CYS OXT  O N N 80  
CYS H    H N N 81  
CYS H2   H N N 82  
CYS HA   H N N 83  
CYS HB2  H N N 84  
CYS HB3  H N N 85  
CYS HG   H N N 86  
CYS HXT  H N N 87  
GLN N    N N N 88  
GLN CA   C N S 89  
GLN C    C N N 90  
GLN O    O N N 91  
GLN CB   C N N 92  
GLN CG   C N N 93  
GLN CD   C N N 94  
GLN OE1  O N N 95  
GLN NE2  N N N 96  
GLN OXT  O N N 97  
GLN H    H N N 98  
GLN H2   H N N 99  
GLN HA   H N N 100 
GLN HB2  H N N 101 
GLN HB3  H N N 102 
GLN HG2  H N N 103 
GLN HG3  H N N 104 
GLN HE21 H N N 105 
GLN HE22 H N N 106 
GLN HXT  H N N 107 
GLU N    N N N 108 
GLU CA   C N S 109 
GLU C    C N N 110 
GLU O    O N N 111 
GLU CB   C N N 112 
GLU CG   C N N 113 
GLU CD   C N N 114 
GLU OE1  O N N 115 
GLU OE2  O N N 116 
GLU OXT  O N N 117 
GLU H    H N N 118 
GLU H2   H N N 119 
GLU HA   H N N 120 
GLU HB2  H N N 121 
GLU HB3  H N N 122 
GLU HG2  H N N 123 
GLU HG3  H N N 124 
GLU HE2  H N N 125 
GLU HXT  H N N 126 
GLY N    N N N 127 
GLY CA   C N N 128 
GLY C    C N N 129 
GLY O    O N N 130 
GLY OXT  O N N 131 
GLY H    H N N 132 
GLY H2   H N N 133 
GLY HA2  H N N 134 
GLY HA3  H N N 135 
GLY HXT  H N N 136 
HIS N    N N N 137 
HIS CA   C N S 138 
HIS C    C N N 139 
HIS O    O N N 140 
HIS CB   C N N 141 
HIS CG   C Y N 142 
HIS ND1  N Y N 143 
HIS CD2  C Y N 144 
HIS CE1  C Y N 145 
HIS NE2  N Y N 146 
HIS OXT  O N N 147 
HIS H    H N N 148 
HIS H2   H N N 149 
HIS HA   H N N 150 
HIS HB2  H N N 151 
HIS HB3  H N N 152 
HIS HD1  H N N 153 
HIS HD2  H N N 154 
HIS HE1  H N N 155 
HIS HE2  H N N 156 
HIS HXT  H N N 157 
ILE N    N N N 158 
ILE CA   C N S 159 
ILE C    C N N 160 
ILE O    O N N 161 
ILE CB   C N S 162 
ILE CG1  C N N 163 
ILE CG2  C N N 164 
ILE CD1  C N N 165 
ILE OXT  O N N 166 
ILE H    H N N 167 
ILE H2   H N N 168 
ILE HA   H N N 169 
ILE HB   H N N 170 
ILE HG12 H N N 171 
ILE HG13 H N N 172 
ILE HG21 H N N 173 
ILE HG22 H N N 174 
ILE HG23 H N N 175 
ILE HD11 H N N 176 
ILE HD12 H N N 177 
ILE HD13 H N N 178 
ILE HXT  H N N 179 
LEU N    N N N 180 
LEU CA   C N S 181 
LEU C    C N N 182 
LEU O    O N N 183 
LEU CB   C N N 184 
LEU CG   C N N 185 
LEU CD1  C N N 186 
LEU CD2  C N N 187 
LEU OXT  O N N 188 
LEU H    H N N 189 
LEU H2   H N N 190 
LEU HA   H N N 191 
LEU HB2  H N N 192 
LEU HB3  H N N 193 
LEU HG   H N N 194 
LEU HD11 H N N 195 
LEU HD12 H N N 196 
LEU HD13 H N N 197 
LEU HD21 H N N 198 
LEU HD22 H N N 199 
LEU HD23 H N N 200 
LEU HXT  H N N 201 
LYS N    N N N 202 
LYS CA   C N S 203 
LYS C    C N N 204 
LYS O    O N N 205 
LYS CB   C N N 206 
LYS CG   C N N 207 
LYS CD   C N N 208 
LYS CE   C N N 209 
LYS NZ   N N N 210 
LYS OXT  O N N 211 
LYS H    H N N 212 
LYS H2   H N N 213 
LYS HA   H N N 214 
LYS HB2  H N N 215 
LYS HB3  H N N 216 
LYS HG2  H N N 217 
LYS HG3  H N N 218 
LYS HD2  H N N 219 
LYS HD3  H N N 220 
LYS HE2  H N N 221 
LYS HE3  H N N 222 
LYS HZ1  H N N 223 
LYS HZ2  H N N 224 
LYS HZ3  H N N 225 
LYS HXT  H N N 226 
MET N    N N N 227 
MET CA   C N S 228 
MET C    C N N 229 
MET O    O N N 230 
MET CB   C N N 231 
MET CG   C N N 232 
MET SD   S N N 233 
MET CE   C N N 234 
MET OXT  O N N 235 
MET H    H N N 236 
MET H2   H N N 237 
MET HA   H N N 238 
MET HB2  H N N 239 
MET HB3  H N N 240 
MET HG2  H N N 241 
MET HG3  H N N 242 
MET HE1  H N N 243 
MET HE2  H N N 244 
MET HE3  H N N 245 
MET HXT  H N N 246 
PHE N    N N N 247 
PHE CA   C N S 248 
PHE C    C N N 249 
PHE O    O N N 250 
PHE CB   C N N 251 
PHE CG   C Y N 252 
PHE CD1  C Y N 253 
PHE CD2  C Y N 254 
PHE CE1  C Y N 255 
PHE CE2  C Y N 256 
PHE CZ   C Y N 257 
PHE OXT  O N N 258 
PHE H    H N N 259 
PHE H2   H N N 260 
PHE HA   H N N 261 
PHE HB2  H N N 262 
PHE HB3  H N N 263 
PHE HD1  H N N 264 
PHE HD2  H N N 265 
PHE HE1  H N N 266 
PHE HE2  H N N 267 
PHE HZ   H N N 268 
PHE HXT  H N N 269 
PRO N    N N N 270 
PRO CA   C N S 271 
PRO C    C N N 272 
PRO O    O N N 273 
PRO CB   C N N 274 
PRO CG   C N N 275 
PRO CD   C N N 276 
PRO OXT  O N N 277 
PRO H    H N N 278 
PRO HA   H N N 279 
PRO HB2  H N N 280 
PRO HB3  H N N 281 
PRO HG2  H N N 282 
PRO HG3  H N N 283 
PRO HD2  H N N 284 
PRO HD3  H N N 285 
PRO HXT  H N N 286 
SER N    N N N 287 
SER CA   C N S 288 
SER C    C N N 289 
SER O    O N N 290 
SER CB   C N N 291 
SER OG   O N N 292 
SER OXT  O N N 293 
SER H    H N N 294 
SER H2   H N N 295 
SER HA   H N N 296 
SER HB2  H N N 297 
SER HB3  H N N 298 
SER HG   H N N 299 
SER HXT  H N N 300 
THR N    N N N 301 
THR CA   C N S 302 
THR C    C N N 303 
THR O    O N N 304 
THR CB   C N R 305 
THR OG1  O N N 306 
THR CG2  C N N 307 
THR OXT  O N N 308 
THR H    H N N 309 
THR H2   H N N 310 
THR HA   H N N 311 
THR HB   H N N 312 
THR HG1  H N N 313 
THR HG21 H N N 314 
THR HG22 H N N 315 
THR HG23 H N N 316 
THR HXT  H N N 317 
TYR N    N N N 318 
TYR CA   C N S 319 
TYR C    C N N 320 
TYR O    O N N 321 
TYR CB   C N N 322 
TYR CG   C Y N 323 
TYR CD1  C Y N 324 
TYR CD2  C Y N 325 
TYR CE1  C Y N 326 
TYR CE2  C Y N 327 
TYR CZ   C Y N 328 
TYR OH   O N N 329 
TYR OXT  O N N 330 
TYR H    H N N 331 
TYR H2   H N N 332 
TYR HA   H N N 333 
TYR HB2  H N N 334 
TYR HB3  H N N 335 
TYR HD1  H N N 336 
TYR HD2  H N N 337 
TYR HE1  H N N 338 
TYR HE2  H N N 339 
TYR HH   H N N 340 
TYR HXT  H N N 341 
VAL N    N N N 342 
VAL CA   C N S 343 
VAL C    C N N 344 
VAL O    O N N 345 
VAL CB   C N N 346 
VAL CG1  C N N 347 
VAL CG2  C N N 348 
VAL OXT  O N N 349 
VAL H    H N N 350 
VAL H2   H N N 351 
VAL HA   H N N 352 
VAL HB   H N N 353 
VAL HG11 H N N 354 
VAL HG12 H N N 355 
VAL HG13 H N N 356 
VAL HG21 H N N 357 
VAL HG22 H N N 358 
VAL HG23 H N N 359 
VAL HXT  H N N 360 
# 
loop_
_chem_comp_bond.comp_id 
_chem_comp_bond.atom_id_1 
_chem_comp_bond.atom_id_2 
_chem_comp_bond.value_order 
_chem_comp_bond.pdbx_aromatic_flag 
_chem_comp_bond.pdbx_stereo_config 
_chem_comp_bond.pdbx_ordinal 
ALA N   CA   sing N N 1   
ALA N   H    sing N N 2   
ALA N   H2   sing N N 3   
ALA CA  C    sing N N 4   
ALA CA  CB   sing N N 5   
ALA CA  HA   sing N N 6   
ALA C   O    doub N N 7   
ALA C   OXT  sing N N 8   
ALA CB  HB1  sing N N 9   
ALA CB  HB2  sing N N 10  
ALA CB  HB3  sing N N 11  
ALA OXT HXT  sing N N 12  
ARG N   CA   sing N N 13  
ARG N   H    sing N N 14  
ARG N   H2   sing N N 15  
ARG CA  C    sing N N 16  
ARG CA  CB   sing N N 17  
ARG CA  HA   sing N N 18  
ARG C   O    doub N N 19  
ARG C   OXT  sing N N 20  
ARG CB  CG   sing N N 21  
ARG CB  HB2  sing N N 22  
ARG CB  HB3  sing N N 23  
ARG CG  CD   sing N N 24  
ARG CG  HG2  sing N N 25  
ARG CG  HG3  sing N N 26  
ARG CD  NE   sing N N 27  
ARG CD  HD2  sing N N 28  
ARG CD  HD3  sing N N 29  
ARG NE  CZ   sing N N 30  
ARG NE  HE   sing N N 31  
ARG CZ  NH1  sing N N 32  
ARG CZ  NH2  doub N N 33  
ARG NH1 HH11 sing N N 34  
ARG NH1 HH12 sing N N 35  
ARG NH2 HH21 sing N N 36  
ARG NH2 HH22 sing N N 37  
ARG OXT HXT  sing N N 38  
ASN N   CA   sing N N 39  
ASN N   H    sing N N 40  
ASN N   H2   sing N N 41  
ASN CA  C    sing N N 42  
ASN CA  CB   sing N N 43  
ASN CA  HA   sing N N 44  
ASN C   O    doub N N 45  
ASN C   OXT  sing N N 46  
ASN CB  CG   sing N N 47  
ASN CB  HB2  sing N N 48  
ASN CB  HB3  sing N N 49  
ASN CG  OD1  doub N N 50  
ASN CG  ND2  sing N N 51  
ASN ND2 HD21 sing N N 52  
ASN ND2 HD22 sing N N 53  
ASN OXT HXT  sing N N 54  
ASP N   CA   sing N N 55  
ASP N   H    sing N N 56  
ASP N   H2   sing N N 57  
ASP CA  C    sing N N 58  
ASP CA  CB   sing N N 59  
ASP CA  HA   sing N N 60  
ASP C   O    doub N N 61  
ASP C   OXT  sing N N 62  
ASP CB  CG   sing N N 63  
ASP CB  HB2  sing N N 64  
ASP CB  HB3  sing N N 65  
ASP CG  OD1  doub N N 66  
ASP CG  OD2  sing N N 67  
ASP OD2 HD2  sing N N 68  
ASP OXT HXT  sing N N 69  
CYS N   CA   sing N N 70  
CYS N   H    sing N N 71  
CYS N   H2   sing N N 72  
CYS CA  C    sing N N 73  
CYS CA  CB   sing N N 74  
CYS CA  HA   sing N N 75  
CYS C   O    doub N N 76  
CYS C   OXT  sing N N 77  
CYS CB  SG   sing N N 78  
CYS CB  HB2  sing N N 79  
CYS CB  HB3  sing N N 80  
CYS SG  HG   sing N N 81  
CYS OXT HXT  sing N N 82  
GLN N   CA   sing N N 83  
GLN N   H    sing N N 84  
GLN N   H2   sing N N 85  
GLN CA  C    sing N N 86  
GLN CA  CB   sing N N 87  
GLN CA  HA   sing N N 88  
GLN C   O    doub N N 89  
GLN C   OXT  sing N N 90  
GLN CB  CG   sing N N 91  
GLN CB  HB2  sing N N 92  
GLN CB  HB3  sing N N 93  
GLN CG  CD   sing N N 94  
GLN CG  HG2  sing N N 95  
GLN CG  HG3  sing N N 96  
GLN CD  OE1  doub N N 97  
GLN CD  NE2  sing N N 98  
GLN NE2 HE21 sing N N 99  
GLN NE2 HE22 sing N N 100 
GLN OXT HXT  sing N N 101 
GLU N   CA   sing N N 102 
GLU N   H    sing N N 103 
GLU N   H2   sing N N 104 
GLU CA  C    sing N N 105 
GLU CA  CB   sing N N 106 
GLU CA  HA   sing N N 107 
GLU C   O    doub N N 108 
GLU C   OXT  sing N N 109 
GLU CB  CG   sing N N 110 
GLU CB  HB2  sing N N 111 
GLU CB  HB3  sing N N 112 
GLU CG  CD   sing N N 113 
GLU CG  HG2  sing N N 114 
GLU CG  HG3  sing N N 115 
GLU CD  OE1  doub N N 116 
GLU CD  OE2  sing N N 117 
GLU OE2 HE2  sing N N 118 
GLU OXT HXT  sing N N 119 
GLY N   CA   sing N N 120 
GLY N   H    sing N N 121 
GLY N   H2   sing N N 122 
GLY CA  C    sing N N 123 
GLY CA  HA2  sing N N 124 
GLY CA  HA3  sing N N 125 
GLY C   O    doub N N 126 
GLY C   OXT  sing N N 127 
GLY OXT HXT  sing N N 128 
HIS N   CA   sing N N 129 
HIS N   H    sing N N 130 
HIS N   H2   sing N N 131 
HIS CA  C    sing N N 132 
HIS CA  CB   sing N N 133 
HIS CA  HA   sing N N 134 
HIS C   O    doub N N 135 
HIS C   OXT  sing N N 136 
HIS CB  CG   sing N N 137 
HIS CB  HB2  sing N N 138 
HIS CB  HB3  sing N N 139 
HIS CG  ND1  sing Y N 140 
HIS CG  CD2  doub Y N 141 
HIS ND1 CE1  doub Y N 142 
HIS ND1 HD1  sing N N 143 
HIS CD2 NE2  sing Y N 144 
HIS CD2 HD2  sing N N 145 
HIS CE1 NE2  sing Y N 146 
HIS CE1 HE1  sing N N 147 
HIS NE2 HE2  sing N N 148 
HIS OXT HXT  sing N N 149 
ILE N   CA   sing N N 150 
ILE N   H    sing N N 151 
ILE N   H2   sing N N 152 
ILE CA  C    sing N N 153 
ILE CA  CB   sing N N 154 
ILE CA  HA   sing N N 155 
ILE C   O    doub N N 156 
ILE C   OXT  sing N N 157 
ILE CB  CG1  sing N N 158 
ILE CB  CG2  sing N N 159 
ILE CB  HB   sing N N 160 
ILE CG1 CD1  sing N N 161 
ILE CG1 HG12 sing N N 162 
ILE CG1 HG13 sing N N 163 
ILE CG2 HG21 sing N N 164 
ILE CG2 HG22 sing N N 165 
ILE CG2 HG23 sing N N 166 
ILE CD1 HD11 sing N N 167 
ILE CD1 HD12 sing N N 168 
ILE CD1 HD13 sing N N 169 
ILE OXT HXT  sing N N 170 
LEU N   CA   sing N N 171 
LEU N   H    sing N N 172 
LEU N   H2   sing N N 173 
LEU CA  C    sing N N 174 
LEU CA  CB   sing N N 175 
LEU CA  HA   sing N N 176 
LEU C   O    doub N N 177 
LEU C   OXT  sing N N 178 
LEU CB  CG   sing N N 179 
LEU CB  HB2  sing N N 180 
LEU CB  HB3  sing N N 181 
LEU CG  CD1  sing N N 182 
LEU CG  CD2  sing N N 183 
LEU CG  HG   sing N N 184 
LEU CD1 HD11 sing N N 185 
LEU CD1 HD12 sing N N 186 
LEU CD1 HD13 sing N N 187 
LEU CD2 HD21 sing N N 188 
LEU CD2 HD22 sing N N 189 
LEU CD2 HD23 sing N N 190 
LEU OXT HXT  sing N N 191 
LYS N   CA   sing N N 192 
LYS N   H    sing N N 193 
LYS N   H2   sing N N 194 
LYS CA  C    sing N N 195 
LYS CA  CB   sing N N 196 
LYS CA  HA   sing N N 197 
LYS C   O    doub N N 198 
LYS C   OXT  sing N N 199 
LYS CB  CG   sing N N 200 
LYS CB  HB2  sing N N 201 
LYS CB  HB3  sing N N 202 
LYS CG  CD   sing N N 203 
LYS CG  HG2  sing N N 204 
LYS CG  HG3  sing N N 205 
LYS CD  CE   sing N N 206 
LYS CD  HD2  sing N N 207 
LYS CD  HD3  sing N N 208 
LYS CE  NZ   sing N N 209 
LYS CE  HE2  sing N N 210 
LYS CE  HE3  sing N N 211 
LYS NZ  HZ1  sing N N 212 
LYS NZ  HZ2  sing N N 213 
LYS NZ  HZ3  sing N N 214 
LYS OXT HXT  sing N N 215 
MET N   CA   sing N N 216 
MET N   H    sing N N 217 
MET N   H2   sing N N 218 
MET CA  C    sing N N 219 
MET CA  CB   sing N N 220 
MET CA  HA   sing N N 221 
MET C   O    doub N N 222 
MET C   OXT  sing N N 223 
MET CB  CG   sing N N 224 
MET CB  HB2  sing N N 225 
MET CB  HB3  sing N N 226 
MET CG  SD   sing N N 227 
MET CG  HG2  sing N N 228 
MET CG  HG3  sing N N 229 
MET SD  CE   sing N N 230 
MET CE  HE1  sing N N 231 
MET CE  HE2  sing N N 232 
MET CE  HE3  sing N N 233 
MET OXT HXT  sing N N 234 
PHE N   CA   sing N N 235 
PHE N   H    sing N N 236 
PHE N   H2   sing N N 237 
PHE CA  C    sing N N 238 
PHE CA  CB   sing N N 239 
PHE CA  HA   sing N N 240 
PHE C   O    doub N N 241 
PHE C   OXT  sing N N 242 
PHE CB  CG   sing N N 243 
PHE CB  HB2  sing N N 244 
PHE CB  HB3  sing N N 245 
PHE CG  CD1  doub Y N 246 
PHE CG  CD2  sing Y N 247 
PHE CD1 CE1  sing Y N 248 
PHE CD1 HD1  sing N N 249 
PHE CD2 CE2  doub Y N 250 
PHE CD2 HD2  sing N N 251 
PHE CE1 CZ   doub Y N 252 
PHE CE1 HE1  sing N N 253 
PHE CE2 CZ   sing Y N 254 
PHE CE2 HE2  sing N N 255 
PHE CZ  HZ   sing N N 256 
PHE OXT HXT  sing N N 257 
PRO N   CA   sing N N 258 
PRO N   CD   sing N N 259 
PRO N   H    sing N N 260 
PRO CA  C    sing N N 261 
PRO CA  CB   sing N N 262 
PRO CA  HA   sing N N 263 
PRO C   O    doub N N 264 
PRO C   OXT  sing N N 265 
PRO CB  CG   sing N N 266 
PRO CB  HB2  sing N N 267 
PRO CB  HB3  sing N N 268 
PRO CG  CD   sing N N 269 
PRO CG  HG2  sing N N 270 
PRO CG  HG3  sing N N 271 
PRO CD  HD2  sing N N 272 
PRO CD  HD3  sing N N 273 
PRO OXT HXT  sing N N 274 
SER N   CA   sing N N 275 
SER N   H    sing N N 276 
SER N   H2   sing N N 277 
SER CA  C    sing N N 278 
SER CA  CB   sing N N 279 
SER CA  HA   sing N N 280 
SER C   O    doub N N 281 
SER C   OXT  sing N N 282 
SER CB  OG   sing N N 283 
SER CB  HB2  sing N N 284 
SER CB  HB3  sing N N 285 
SER OG  HG   sing N N 286 
SER OXT HXT  sing N N 287 
THR N   CA   sing N N 288 
THR N   H    sing N N 289 
THR N   H2   sing N N 290 
THR CA  C    sing N N 291 
THR CA  CB   sing N N 292 
THR CA  HA   sing N N 293 
THR C   O    doub N N 294 
THR C   OXT  sing N N 295 
THR CB  OG1  sing N N 296 
THR CB  CG2  sing N N 297 
THR CB  HB   sing N N 298 
THR OG1 HG1  sing N N 299 
THR CG2 HG21 sing N N 300 
THR CG2 HG22 sing N N 301 
THR CG2 HG23 sing N N 302 
THR OXT HXT  sing N N 303 
TYR N   CA   sing N N 304 
TYR N   H    sing N N 305 
TYR N   H2   sing N N 306 
TYR CA  C    sing N N 307 
TYR CA  CB   sing N N 308 
TYR CA  HA   sing N N 309 
TYR C   O    doub N N 310 
TYR C   OXT  sing N N 311 
TYR CB  CG   sing N N 312 
TYR CB  HB2  sing N N 313 
TYR CB  HB3  sing N N 314 
TYR CG  CD1  doub Y N 315 
TYR CG  CD2  sing Y N 316 
TYR CD1 CE1  sing Y N 317 
TYR CD1 HD1  sing N N 318 
TYR CD2 CE2  doub Y N 319 
TYR CD2 HD2  sing N N 320 
TYR CE1 CZ   doub Y N 321 
TYR CE1 HE1  sing N N 322 
TYR CE2 CZ   sing Y N 323 
TYR CE2 HE2  sing N N 324 
TYR CZ  OH   sing N N 325 
TYR OH  HH   sing N N 326 
TYR OXT HXT  sing N N 327 
VAL N   CA   sing N N 328 
VAL N   H    sing N N 329 
VAL N   H2   sing N N 330 
VAL CA  C    sing N N 331 
VAL CA  CB   sing N N 332 
VAL CA  HA   sing N N 333 
VAL C   O    doub N N 334 
VAL C   OXT  sing N N 335 
VAL CB  CG1  sing N N 336 
VAL CB  CG2  sing N N 337 
VAL CB  HB   sing N N 338 
VAL CG1 HG11 sing N N 339 
VAL CG1 HG12 sing N N 340 
VAL CG1 HG13 sing N N 341 
VAL CG2 HG21 sing N N 342 
VAL CG2 HG22 sing N N 343 
VAL CG2 HG23 sing N N 344 
VAL OXT HXT  sing N N 345 
# 
_pdbx_initial_refinement_model.id               1 
_pdbx_initial_refinement_model.entity_id_list   ? 
_pdbx_initial_refinement_model.type             'experimental model' 
_pdbx_initial_refinement_model.source_name      PDB 
_pdbx_initial_refinement_model.accession_code   3CU7 
_pdbx_initial_refinement_model.details          'PDB ENTRY 3CU7 (RESIDUES A681 TO A742)' 
# 
_atom_sites.entry_id                    3HQA 
_atom_sites.fract_transf_matrix[1][1]   -0.01618027 
_atom_sites.fract_transf_matrix[1][2]   -0.01133019 
_atom_sites.fract_transf_matrix[1][3]   -0.00049363 
_atom_sites.fract_transf_matrix[2][1]   0.00015054 
_atom_sites.fract_transf_matrix[2][2]   0.00064539 
_atom_sites.fract_transf_matrix[2][3]   -0.01974788 
_atom_sites.fract_transf_matrix[3][1]   0.00488457 
_atom_sites.fract_transf_matrix[3][2]   -0.00696720 
_atom_sites.fract_transf_matrix[3][3]   -0.00019046 
_atom_sites.fract_transf_vector[1]      0.298519 
_atom_sites.fract_transf_vector[2]      0.306292 
_atom_sites.fract_transf_vector[3]      -0.174017 
# 
loop_
_atom_type.symbol 
C 
N 
O 
S 
# 
loop_
_atom_site.group_PDB 
_atom_site.id 
_atom_site.type_symbol 
_atom_site.label_atom_id 
_atom_site.label_alt_id 
_atom_site.label_comp_id 
_atom_site.label_asym_id 
_atom_site.label_entity_id 
_atom_site.label_seq_id 
_atom_site.pdbx_PDB_ins_code 
_atom_site.Cartn_x 
_atom_site.Cartn_y 
_atom_site.Cartn_z 
_atom_site.occupancy 
_atom_site.B_iso_or_equiv 
_atom_site.pdbx_formal_charge 
_atom_site.auth_seq_id 
_atom_site.auth_comp_id 
_atom_site.auth_asym_id 
_atom_site.auth_atom_id 
_atom_site.pdbx_PDB_model_num 
ATOM 1   N N   . MET A 1 1  ? -22.569 -15.710 -12.730 1.00 72.50  ? 1  MET A N   1 
ATOM 2   C CA  . MET A 1 1  ? -21.558 -14.668 -12.669 1.00 80.93  ? 1  MET A CA  1 
ATOM 3   C C   . MET A 1 1  ? -20.739 -14.593 -13.982 1.00 89.42  ? 1  MET A C   1 
ATOM 4   O O   . MET A 1 1  ? -20.299 -15.625 -14.533 1.00 68.45  ? 1  MET A O   1 
ATOM 5   C CB  . MET A 1 1  ? -20.641 -14.866 -11.410 1.00 51.19  ? 1  MET A CB  1 
ATOM 6   N N   . LEU A 1 2  ? -20.579 -13.368 -14.493 1.00 79.52  ? 2  LEU A N   1 
ATOM 7   C CA  . LEU A 1 2  ? -19.645 -13.081 -15.584 1.00 79.01  ? 2  LEU A CA  1 
ATOM 8   C C   . LEU A 1 2  ? -18.215 -13.294 -15.084 1.00 74.24  ? 2  LEU A C   1 
ATOM 9   O O   . LEU A 1 2  ? -17.948 -13.189 -13.882 1.00 66.27  ? 2  LEU A O   1 
ATOM 10  C CB  . LEU A 1 2  ? -19.784 -11.626 -16.033 1.00 82.51  ? 2  LEU A CB  1 
ATOM 11  C CG  . LEU A 1 2  ? -21.194 -11.052 -16.176 1.00 98.02  ? 2  LEU A CG  1 
ATOM 12  C CD1 . LEU A 1 2  ? -21.162 -9.531  -16.129 1.00 88.38  ? 2  LEU A CD1 1 
ATOM 13  C CD2 . LEU A 1 2  ? -21.854 -11.548 -17.459 1.00 100.25 ? 2  LEU A CD2 1 
ATOM 14  N N   . GLN A 1 3  ? -17.291 -13.575 -15.996 1.00 64.71  ? 3  GLN A N   1 
ATOM 15  C CA  . GLN A 1 3  ? -15.902 -13.778 -15.601 1.00 70.25  ? 3  GLN A CA  1 
ATOM 16  C C   . GLN A 1 3  ? -15.288 -12.502 -15.051 1.00 64.38  ? 3  GLN A C   1 
ATOM 17  O O   . GLN A 1 3  ? -14.427 -12.538 -14.173 1.00 57.37  ? 3  GLN A O   1 
ATOM 18  C CB  . GLN A 1 3  ? -15.084 -14.315 -16.761 1.00 63.40  ? 3  GLN A CB  1 
ATOM 19  C CG  . GLN A 1 3  ? -15.250 -15.803 -16.933 1.00 77.93  ? 3  GLN A CG  1 
ATOM 20  C CD  . GLN A 1 3  ? -14.523 -16.316 -18.152 1.00 104.84 ? 3  GLN A CD  1 
ATOM 21  O OE1 . GLN A 1 3  ? -14.499 -15.660 -19.197 1.00 122.86 ? 3  GLN A OE1 1 
ATOM 22  N NE2 . GLN A 1 3  ? -13.917 -17.493 -18.030 1.00 96.02  ? 3  GLN A NE2 1 
ATOM 23  N N   . LYS A 1 4  ? -15.759 -11.375 -15.566 1.00 64.95  ? 4  LYS A N   1 
ATOM 24  C CA  . LYS A 1 4  ? -15.345 -10.072 -15.075 1.00 64.28  ? 4  LYS A CA  1 
ATOM 25  C C   . LYS A 1 4  ? -15.645 -9.958  -13.583 1.00 57.51  ? 4  LYS A C   1 
ATOM 26  O O   . LYS A 1 4  ? -14.866 -9.394  -12.820 1.00 58.71  ? 4  LYS A O   1 
ATOM 27  C CB  . LYS A 1 4  ? -16.066 -8.970  -15.868 1.00 65.74  ? 4  LYS A CB  1 
ATOM 28  C CG  . LYS A 1 4  ? -15.947 -7.582  -15.269 1.00 66.80  ? 4  LYS A CG  1 
ATOM 29  C CD  . LYS A 1 4  ? -16.122 -6.500  -16.324 1.00 79.85  ? 4  LYS A CD  1 
ATOM 30  C CE  . LYS A 1 4  ? -14.806 -6.208  -17.051 1.00 81.44  ? 4  LYS A CE  1 
ATOM 31  N NZ  . LYS A 1 4  ? -14.750 -4.839  -17.672 1.00 73.15  ? 4  LYS A NZ  1 
ATOM 32  N N   . LYS A 1 5  ? -16.777 -10.518 -13.177 1.00 56.87  ? 5  LYS A N   1 
ATOM 33  C CA  . LYS A 1 5  ? -17.233 -10.445 -11.799 1.00 50.96  ? 5  LYS A CA  1 
ATOM 34  C C   . LYS A 1 5  ? -16.547 -11.495 -10.926 1.00 54.89  ? 5  LYS A C   1 
ATOM 35  O O   . LYS A 1 5  ? -16.378 -11.303 -9.723  1.00 46.55  ? 5  LYS A O   1 
ATOM 36  C CB  . LYS A 1 5  ? -18.735 -10.658 -11.758 1.00 55.25  ? 5  LYS A CB  1 
ATOM 37  C CG  . LYS A 1 5  ? -19.349 -10.428 -10.406 1.00 68.30  ? 5  LYS A CG  1 
ATOM 38  C CD  . LYS A 1 5  ? -19.354 -8.960  -10.048 1.00 75.43  ? 5  LYS A CD  1 
ATOM 39  C CE  . LYS A 1 5  ? -20.542 -8.639  -9.159  1.00 86.54  ? 5  LYS A CE  1 
ATOM 40  N NZ  . LYS A 1 5  ? -20.457 -7.252  -8.642  1.00 95.41  ? 5  LYS A NZ  1 
ATOM 41  N N   . ILE A 1 6  ? -16.170 -12.609 -11.542 1.00 45.80  ? 6  ILE A N   1 
ATOM 42  C CA  . ILE A 1 6  ? -15.445 -13.659 -10.855 1.00 47.31  ? 6  ILE A CA  1 
ATOM 43  C C   . ILE A 1 6  ? -14.042 -13.166 -10.468 1.00 47.08  ? 6  ILE A C   1 
ATOM 44  O O   . ILE A 1 6  ? -13.569 -13.410 -9.361  1.00 38.11  ? 6  ILE A O   1 
ATOM 45  C CB  . ILE A 1 6  ? -15.361 -14.939 -11.743 1.00 53.24  ? 6  ILE A CB  1 
ATOM 46  C CG1 . ILE A 1 6  ? -16.724 -15.635 -11.816 1.00 52.88  ? 6  ILE A CG1 1 
ATOM 47  C CG2 . ILE A 1 6  ? -14.297 -15.904 -11.245 1.00 36.60  ? 6  ILE A CG2 1 
ATOM 48  C CD1 . ILE A 1 6  ? -16.744 -16.891 -12.677 1.00 47.95  ? 6  ILE A CD1 1 
ATOM 49  N N   . GLU A 1 7  ? -13.379 -12.471 -11.382 1.00 50.76  ? 7  GLU A N   1 
ATOM 50  C CA  . GLU A 1 7  ? -12.016 -12.014 -11.134 1.00 50.86  ? 7  GLU A CA  1 
ATOM 51  C C   . GLU A 1 7  ? -12.034 -10.938 -10.079 1.00 49.28  ? 7  GLU A C   1 
ATOM 52  O O   . GLU A 1 7  ? -11.120 -10.821 -9.252  1.00 36.62  ? 7  GLU A O   1 
ATOM 53  C CB  . GLU A 1 7  ? -11.389 -11.483 -12.411 1.00 43.46  ? 7  GLU A CB  1 
ATOM 54  C CG  . GLU A 1 7  ? -10.796 -12.579 -13.269 1.00 70.04  ? 7  GLU A CG  1 
ATOM 55  C CD  . GLU A 1 7  ? -10.390 -12.085 -14.643 1.00 82.83  ? 7  GLU A CD  1 
ATOM 56  O OE1 . GLU A 1 7  ? -11.111 -11.223 -15.202 1.00 75.02  ? 7  GLU A OE1 1 
ATOM 57  O OE2 . GLU A 1 7  ? -9.353  -12.559 -15.157 1.00 86.23  ? 7  GLU A OE2 1 
ATOM 58  N N   . GLU A 1 8  ? -13.101 -10.157 -10.113 1.00 43.05  ? 8  GLU A N   1 
ATOM 59  C CA  . GLU A 1 8  ? -13.307 -9.131  -9.124  1.00 42.65  ? 8  GLU A CA  1 
ATOM 60  C C   . GLU A 1 8  ? -13.347 -9.743  -7.717  1.00 47.63  ? 8  GLU A C   1 
ATOM 61  O O   . GLU A 1 8  ? -12.753 -9.216  -6.773  1.00 46.99  ? 8  GLU A O   1 
ATOM 62  C CB  . GLU A 1 8  ? -14.603 -8.422  -9.433  1.00 50.88  ? 8  GLU A CB  1 
ATOM 63  C CG  . GLU A 1 8  ? -14.629 -6.990  -8.990  1.00 70.07  ? 8  GLU A CG  1 
ATOM 64  C CD  . GLU A 1 8  ? -15.778 -6.240  -9.610  1.00 72.65  ? 8  GLU A CD  1 
ATOM 65  O OE1 . GLU A 1 8  ? -16.496 -6.850  -10.433 1.00 70.43  ? 8  GLU A OE1 1 
ATOM 66  O OE2 . GLU A 1 8  ? -15.956 -5.049  -9.279  1.00 76.61  ? 8  GLU A OE2 1 
ATOM 67  N N   . ILE A 1 9  ? -14.035 -10.872 -7.594  1.00 50.12  ? 9  ILE A N   1 
ATOM 68  C CA  . ILE A 1 9  ? -14.141 -11.592 -6.328  1.00 43.07  ? 9  ILE A CA  1 
ATOM 69  C C   . ILE A 1 9  ? -12.819 -12.245 -5.903  1.00 43.27  ? 9  ILE A C   1 
ATOM 70  O O   . ILE A 1 9  ? -12.435 -12.159 -4.742  1.00 41.26  ? 9  ILE A O   1 
ATOM 71  C CB  . ILE A 1 9  ? -15.264 -12.652 -6.403  1.00 39.12  ? 9  ILE A CB  1 
ATOM 72  C CG1 . ILE A 1 9  ? -16.619 -11.955 -6.408  1.00 35.46  ? 9  ILE A CG1 1 
ATOM 73  C CG2 . ILE A 1 9  ? -15.174 -13.652 -5.247  1.00 33.97  ? 9  ILE A CG2 1 
ATOM 74  C CD1 . ILE A 1 9  ? -17.745 -12.904 -6.525  1.00 37.76  ? 9  ILE A CD1 1 
ATOM 75  N N   . ALA A 1 10 ? -12.138 -12.890 -6.849  1.00 35.86  ? 10 ALA A N   1 
ATOM 76  C CA  . ALA A 1 10 ? -10.879 -13.560 -6.579  1.00 37.51  ? 10 ALA A CA  1 
ATOM 77  C C   . ALA A 1 10 ? -9.844  -12.535 -6.136  1.00 46.26  ? 10 ALA A C   1 
ATOM 78  O O   . ALA A 1 10 ? -9.056  -12.796 -5.226  1.00 49.93  ? 10 ALA A O   1 
ATOM 79  C CB  . ALA A 1 10 ? -10.396 -14.332 -7.821  1.00 34.39  ? 10 ALA A CB  1 
ATOM 80  N N   . ALA A 1 11 ? -9.858  -11.362 -6.773  1.00 48.44  ? 11 ALA A N   1 
ATOM 81  C CA  . ALA A 1 11 ? -8.896  -10.301 -6.473  1.00 43.18  ? 11 ALA A CA  1 
ATOM 82  C C   . ALA A 1 11 ? -9.058  -9.832  -5.048  1.00 40.18  ? 11 ALA A C   1 
ATOM 83  O O   . ALA A 1 11 ? -8.084  -9.675  -4.315  1.00 45.19  ? 11 ALA A O   1 
ATOM 84  C CB  . ALA A 1 11 ? -9.076  -9.131  -7.429  1.00 41.54  ? 11 ALA A CB  1 
ATOM 85  N N   . LYS A 1 12 ? -10.303 -9.607  -4.656  1.00 39.97  ? 12 LYS A N   1 
ATOM 86  C CA  . LYS A 1 12 ? -10.590 -9.128  -3.321  1.00 39.59  ? 12 LYS A CA  1 
ATOM 87  C C   . LYS A 1 12 ? -10.000 -10.035 -2.234  1.00 39.72  ? 12 LYS A C   1 
ATOM 88  O O   . LYS A 1 12 ? -9.646  -9.569  -1.165  1.00 41.95  ? 12 LYS A O   1 
ATOM 89  C CB  . LYS A 1 12 ? -12.090 -8.992  -3.148  1.00 42.15  ? 12 LYS A CB  1 
ATOM 90  C CG  . LYS A 1 12 ? -12.485 -8.603  -1.753  1.00 53.23  ? 12 LYS A CG  1 
ATOM 91  C CD  . LYS A 1 12 ? -13.932 -8.953  -1.457  1.00 49.01  ? 12 LYS A CD  1 
ATOM 92  C CE  . LYS A 1 12 ? -14.190 -8.786  0.043   1.00 65.93  ? 12 LYS A CE  1 
ATOM 93  N NZ  . LYS A 1 12 ? -15.569 -9.168  0.477   1.00 76.91  ? 12 LYS A NZ  1 
ATOM 94  N N   . TYR A 1 13 ? -9.874  -11.325 -2.519  1.00 41.55  ? 13 TYR A N   1 
ATOM 95  C CA  . TYR A 1 13 ? -9.347  -12.281 -1.542  1.00 47.02  ? 13 TYR A CA  1 
ATOM 96  C C   . TYR A 1 13 ? -7.843  -12.514 -1.597  1.00 40.41  ? 13 TYR A C   1 
ATOM 97  O O   . TYR A 1 13 ? -7.263  -13.073 -0.667  1.00 40.37  ? 13 TYR A O   1 
ATOM 98  C CB  . TYR A 1 13 ? -10.114 -13.608 -1.620  1.00 45.54  ? 13 TYR A CB  1 
ATOM 99  C CG  . TYR A 1 13 ? -11.518 -13.393 -1.153  1.00 42.22  ? 13 TYR A CG  1 
ATOM 100 C CD1 . TYR A 1 13 ? -11.757 -12.990 0.148   1.00 34.23  ? 13 TYR A CD1 1 
ATOM 101 C CD2 . TYR A 1 13 ? -12.599 -13.527 -2.019  1.00 36.96  ? 13 TYR A CD2 1 
ATOM 102 C CE1 . TYR A 1 13 ? -13.024 -12.741 0.582   1.00 35.80  ? 13 TYR A CE1 1 
ATOM 103 C CE2 . TYR A 1 13 ? -13.877 -13.289 -1.585  1.00 38.69  ? 13 TYR A CE2 1 
ATOM 104 C CZ  . TYR A 1 13 ? -14.080 -12.888 -0.277  1.00 36.94  ? 13 TYR A CZ  1 
ATOM 105 O OH  . TYR A 1 13 ? -15.347 -12.652 0.206   1.00 50.97  ? 13 TYR A OH  1 
ATOM 106 N N   . LYS A 1 14 ? -7.218  -12.094 -2.688  1.00 43.27  ? 14 LYS A N   1 
ATOM 107 C CA  . LYS A 1 14 ? -5.769  -12.170 -2.813  1.00 44.24  ? 14 LYS A CA  1 
ATOM 108 C C   . LYS A 1 14 ? -5.068  -11.163 -1.890  1.00 43.90  ? 14 LYS A C   1 
ATOM 109 O O   . LYS A 1 14 ? -5.365  -9.971  -1.919  1.00 42.25  ? 14 LYS A O   1 
ATOM 110 C CB  . LYS A 1 14 ? -5.365  -11.942 -4.262  1.00 37.60  ? 14 LYS A CB  1 
ATOM 111 C CG  . LYS A 1 14 ? -5.629  -13.122 -5.145  1.00 37.94  ? 14 LYS A CG  1 
ATOM 112 C CD  . LYS A 1 14 ? -5.465  -12.758 -6.595  1.00 57.13  ? 14 LYS A CD  1 
ATOM 113 C CE  . LYS A 1 14 ? -5.966  -13.885 -7.498  1.00 60.65  ? 14 LYS A CE  1 
ATOM 114 N NZ  . LYS A 1 14 ? -5.510  -13.716 -8.929  1.00 74.10  ? 14 LYS A NZ  1 
ATOM 115 N N   . HIS A 1 15 ? -4.173  -11.672 -1.043  1.00 48.22  ? 15 HIS A N   1 
ATOM 116 C CA  . HIS A 1 15 ? -3.346  -10.856 -0.156  1.00 39.80  ? 15 HIS A CA  1 
ATOM 117 C C   . HIS A 1 15 ? -4.144  -9.896  0.726   1.00 36.77  ? 15 HIS A C   1 
ATOM 118 O O   . HIS A 1 15 ? -3.703  -8.783  1.005   1.00 32.26  ? 15 HIS A O   1 
ATOM 119 C CB  . HIS A 1 15 ? -2.328  -10.065 -0.975  1.00 40.39  ? 15 HIS A CB  1 
ATOM 120 C CG  . HIS A 1 15 ? -1.517  -10.900 -1.920  1.00 46.13  ? 15 HIS A CG  1 
ATOM 121 N ND1 . HIS A 1 15 ? -0.612  -11.854 -1.489  1.00 38.34  ? 15 HIS A ND1 1 
ATOM 122 C CD2 . HIS A 1 15 ? -1.452  -10.900 -3.274  1.00 39.17  ? 15 HIS A CD2 1 
ATOM 123 C CE1 . HIS A 1 15 ? -0.030  -12.403 -2.539  1.00 42.82  ? 15 HIS A CE1 1 
ATOM 124 N NE2 . HIS A 1 15 ? -0.522  -11.844 -3.635  1.00 43.62  ? 15 HIS A NE2 1 
ATOM 125 N N   . SER A 1 16 ? -5.314  -10.329 1.170   1.00 34.85  ? 16 SER A N   1 
ATOM 126 C CA  . SER A 1 16 ? -6.201  -9.443  1.916   1.00 36.04  ? 16 SER A CA  1 
ATOM 127 C C   . SER A 1 16 ? -5.559  -8.902  3.177   1.00 36.54  ? 16 SER A C   1 
ATOM 128 O O   . SER A 1 16 ? -5.834  -7.757  3.571   1.00 40.11  ? 16 SER A O   1 
ATOM 129 C CB  . SER A 1 16 ? -7.525  -10.142 2.277   1.00 30.86  ? 16 SER A CB  1 
ATOM 130 O OG  . SER A 1 16 ? -7.566  -11.452 1.754   1.00 55.93  ? 16 SER A OG  1 
ATOM 131 N N   . VAL A 1 17 ? -4.727  -9.729  3.814   1.00 37.64  ? 17 VAL A N   1 
ATOM 132 C CA  . VAL A 1 17 ? -4.097  -9.372  5.089   1.00 41.74  ? 17 VAL A CA  1 
ATOM 133 C C   . VAL A 1 17 ? -3.137  -8.198  4.917   1.00 34.92  ? 17 VAL A C   1 
ATOM 134 O O   . VAL A 1 17 ? -3.237  -7.168  5.603   1.00 29.65  ? 17 VAL A O   1 
ATOM 135 C CB  . VAL A 1 17 ? -3.347  -10.585 5.718   1.00 50.09  ? 17 VAL A CB  1 
ATOM 136 C CG1 . VAL A 1 17 ? -2.518  -10.145 6.905   1.00 40.90  ? 17 VAL A CG1 1 
ATOM 137 C CG2 . VAL A 1 17 ? -4.339  -11.657 6.150   1.00 41.97  ? 17 VAL A CG2 1 
ATOM 138 N N   . VAL A 1 18 ? -2.214  -8.379  3.982   1.00 32.07  ? 18 VAL A N   1 
ATOM 139 C CA  . VAL A 1 18 ? -1.284  -7.339  3.561   1.00 37.74  ? 18 VAL A CA  1 
ATOM 140 C C   . VAL A 1 18 ? -2.055  -6.075  3.191   1.00 35.67  ? 18 VAL A C   1 
ATOM 141 O O   . VAL A 1 18 ? -1.694  -4.964  3.593   1.00 34.31  ? 18 VAL A O   1 
ATOM 142 C CB  . VAL A 1 18 ? -0.447  -7.859  2.365   1.00 42.10  ? 18 VAL A CB  1 
ATOM 143 C CG1 . VAL A 1 18 ? 0.407   -6.759  1.742   1.00 30.76  ? 18 VAL A CG1 1 
ATOM 144 C CG2 . VAL A 1 18 ? 0.397   -9.054  2.819   1.00 35.51  ? 18 VAL A CG2 1 
ATOM 145 N N   . LYS A 1 19 ? -3.136  -6.259  2.438   1.00 31.82  ? 19 LYS A N   1 
ATOM 146 C CA  . LYS A 1 19 ? -4.013  -5.157  2.058   1.00 31.07  ? 19 LYS A CA  1 
ATOM 147 C C   . LYS A 1 19 ? -4.603  -4.337  3.218   1.00 33.31  ? 19 LYS A C   1 
ATOM 148 O O   . LYS A 1 19 ? -4.411  -3.120  3.255   1.00 38.06  ? 19 LYS A O   1 
ATOM 149 C CB  . LYS A 1 19 ? -5.096  -5.619  1.088   1.00 28.85  ? 19 LYS A CB  1 
ATOM 150 C CG  . LYS A 1 19 ? -4.576  -5.961  -0.295  1.00 32.97  ? 19 LYS A CG  1 
ATOM 151 C CD  . LYS A 1 19 ? -5.652  -6.625  -1.156  1.00 36.93  ? 19 LYS A CD  1 
ATOM 152 C CE  . LYS A 1 19 ? -5.103  -6.989  -2.530  1.00 40.83  ? 19 LYS A CE  1 
ATOM 153 N NZ  . LYS A 1 19 ? -6.127  -7.479  -3.489  1.00 27.59  ? 19 LYS A NZ  1 
ATOM 154 N N   . LYS A 1 20 ? -5.299  -4.958  4.163   1.00 30.75  ? 20 LYS A N   1 
ATOM 155 C CA  . LYS A 1 20 ? -5.892  -4.163  5.253   1.00 40.56  ? 20 LYS A CA  1 
ATOM 156 C C   . LYS A 1 20 ? -4.845  -3.623  6.222   1.00 36.69  ? 20 LYS A C   1 
ATOM 157 O O   . LYS A 1 20 ? -4.953  -2.502  6.729   1.00 31.44  ? 20 LYS A O   1 
ATOM 158 C CB  . LYS A 1 20 ? -6.960  -4.941  6.045   1.00 34.49  ? 20 LYS A CB  1 
ATOM 159 C CG  . LYS A 1 20 ? -8.247  -5.208  5.280   1.00 68.67  ? 20 LYS A CG  1 
ATOM 160 C CD  . LYS A 1 20 ? -9.196  -3.998  5.222   1.00 89.12  ? 20 LYS A CD  1 
ATOM 161 C CE  . LYS A 1 20 ? -10.579 -4.412  4.679   1.00 87.93  ? 20 LYS A CE  1 
ATOM 162 N NZ  . LYS A 1 20 ? -11.595 -3.325  4.629   1.00 74.67  ? 20 LYS A NZ  1 
ATOM 163 N N   . CYS A 1 21 ? -3.838  -4.436  6.493   1.00 35.41  ? 21 CYS A N   1 
ATOM 164 C CA  . CYS A 1 21 ? -2.881  -4.094  7.538   1.00 37.88  ? 21 CYS A CA  1 
ATOM 165 C C   . CYS A 1 21 ? -1.929  -3.014  7.048   1.00 37.16  ? 21 CYS A C   1 
ATOM 166 O O   . CYS A 1 21 ? -1.596  -2.085  7.793   1.00 34.73  ? 21 CYS A O   1 
ATOM 167 C CB  . CYS A 1 21 ? -2.118  -5.336  8.007   1.00 38.85  ? 21 CYS A CB  1 
ATOM 168 S SG  . CYS A 1 21 ? -3.193  -6.589  8.733   1.00 46.16  ? 21 CYS A SG  1 
ATOM 169 N N   . CYS A 1 22 ? -1.512  -3.128  5.787   1.00 35.38  ? 22 CYS A N   1 
ATOM 170 C CA  . CYS A 1 22 ? -0.703  -2.094  5.166   1.00 32.52  ? 22 CYS A CA  1 
ATOM 171 C C   . CYS A 1 22 ? -1.444  -0.757  5.191   1.00 37.42  ? 22 CYS A C   1 
ATOM 172 O O   . CYS A 1 22 ? -0.909  0.252   5.669   1.00 33.88  ? 22 CYS A O   1 
ATOM 173 C CB  . CYS A 1 22 ? -0.342  -2.475  3.732   1.00 33.46  ? 22 CYS A CB  1 
ATOM 174 S SG  . CYS A 1 22 ? 0.460   -1.118  2.804   1.00 31.22  ? 22 CYS A SG  1 
ATOM 175 N N   . TYR A 1 23 ? -2.676  -0.760  4.680   1.00 30.02  ? 23 TYR A N   1 
ATOM 176 C CA  . TYR A 1 23 ? -3.539  0.426   4.714   1.00 37.16  ? 23 TYR A CA  1 
ATOM 177 C C   . TYR A 1 23 ? -3.673  1.039   6.114   1.00 34.24  ? 23 TYR A C   1 
ATOM 178 O O   . TYR A 1 23 ? -3.578  2.255   6.274   1.00 34.39  ? 23 TYR A O   1 
ATOM 179 C CB  . TYR A 1 23 ? -4.940  0.108   4.146   1.00 35.15  ? 23 TYR A CB  1 
ATOM 180 C CG  . TYR A 1 23 ? -5.886  1.282   4.179   1.00 42.62  ? 23 TYR A CG  1 
ATOM 181 C CD1 . TYR A 1 23 ? -6.780  1.455   5.232   1.00 45.25  ? 23 TYR A CD1 1 
ATOM 182 C CD2 . TYR A 1 23 ? -5.868  2.238   3.167   1.00 46.03  ? 23 TYR A CD2 1 
ATOM 183 C CE1 . TYR A 1 23 ? -7.635  2.547   5.261   1.00 47.49  ? 23 TYR A CE1 1 
ATOM 184 C CE2 . TYR A 1 23 ? -6.711  3.330   3.188   1.00 38.20  ? 23 TYR A CE2 1 
ATOM 185 C CZ  . TYR A 1 23 ? -7.591  3.483   4.233   1.00 49.12  ? 23 TYR A CZ  1 
ATOM 186 O OH  . TYR A 1 23 ? -8.424  4.575   4.238   1.00 51.91  ? 23 TYR A OH  1 
ATOM 187 N N   . ASP A 1 24 ? -3.901  0.188   7.113   1.00 31.74  ? 24 ASP A N   1 
ATOM 188 C CA  . ASP A 1 24 ? -4.027  0.647   8.493   1.00 33.31  ? 24 ASP A CA  1 
ATOM 189 C C   . ASP A 1 24 ? -2.762  1.295   8.976   1.00 37.64  ? 24 ASP A C   1 
ATOM 190 O O   . ASP A 1 24 ? -2.819  2.342   9.605   1.00 39.69  ? 24 ASP A O   1 
ATOM 191 C CB  . ASP A 1 24 ? -4.377  -0.495  9.441   1.00 36.83  ? 24 ASP A CB  1 
ATOM 192 C CG  . ASP A 1 24 ? -5.815  -0.974  9.296   1.00 51.68  ? 24 ASP A CG  1 
ATOM 193 O OD1 . ASP A 1 24 ? -6.650  -0.252  8.691   1.00 51.35  ? 24 ASP A OD1 1 
ATOM 194 O OD2 . ASP A 1 24 ? -6.099  -2.085  9.801   1.00 44.37  ? 24 ASP A OD2 1 
ATOM 195 N N   . GLY A 1 25 ? -1.625  0.660   8.691   1.00 37.12  ? 25 GLY A N   1 
ATOM 196 C CA  . GLY A 1 25 ? -0.337  1.202   9.070   1.00 34.30  ? 25 GLY A CA  1 
ATOM 197 C C   . GLY A 1 25 ? -0.079  2.539   8.409   1.00 34.31  ? 25 GLY A C   1 
ATOM 198 O O   . GLY A 1 25 ? 0.530   3.420   9.001   1.00 37.71  ? 25 GLY A O   1 
ATOM 199 N N   . ALA A 1 26 ? -0.559  2.699   7.184   1.00 34.97  ? 26 ALA A N   1 
ATOM 200 C CA  . ALA A 1 26 ? -0.325  3.927   6.426   1.00 41.26  ? 26 ALA A CA  1 
ATOM 201 C C   . ALA A 1 26 ? -1.202  5.128   6.851   1.00 48.31  ? 26 ALA A C   1 
ATOM 202 O O   . ALA A 1 26 ? -0.882  6.280   6.564   1.00 46.16  ? 26 ALA A O   1 
ATOM 203 C CB  . ALA A 1 26 ? -0.460  3.649   4.919   1.00 34.52  ? 26 ALA A CB  1 
ATOM 204 N N   . CYS A 1 27 ? -2.308  4.867   7.533   1.00 49.67  ? 27 CYS A N   1 
ATOM 205 C CA  . CYS A 1 27 ? -3.140  5.970   7.988   1.00 56.76  ? 27 CYS A CA  1 
ATOM 206 C C   . CYS A 1 27 ? -2.550  6.662   9.232   1.00 64.88  ? 27 CYS A C   1 
ATOM 207 O O   . CYS A 1 27 ? -2.077  6.009   10.169  1.00 61.59  ? 27 CYS A O   1 
ATOM 208 C CB  . CYS A 1 27 ? -4.608  5.534   8.143   1.00 51.43  ? 27 CYS A CB  1 
ATOM 209 S SG  . CYS A 1 27 ? -5.506  5.589   6.544   1.00 52.19  ? 27 CYS A SG  1 
ATOM 210 N N   . VAL A 1 28 ? -2.552  7.996   9.205   1.00 78.97  ? 28 VAL A N   1 
ATOM 211 C CA  . VAL A 1 28 ? -1.854  8.819   10.203  1.00 82.50  ? 28 VAL A CA  1 
ATOM 212 C C   . VAL A 1 28 ? -2.329  8.566   11.617  1.00 85.84  ? 28 VAL A C   1 
ATOM 213 O O   . VAL A 1 28 ? -3.480  8.206   11.856  1.00 86.80  ? 28 VAL A O   1 
ATOM 214 C CB  . VAL A 1 28 ? -2.027  10.353  9.954   1.00 83.78  ? 28 VAL A CB  1 
ATOM 215 C CG1 . VAL A 1 28 ? -1.098  11.158  10.856  1.00 77.95  ? 28 VAL A CG1 1 
ATOM 216 C CG2 . VAL A 1 28 ? -1.772  10.701  8.518   1.00 82.09  ? 28 VAL A CG2 1 
ATOM 217 N N   . ASN A 1 29 ? -1.430  8.791   12.559  1.00 86.05  ? 29 ASN A N   1 
ATOM 218 C CA  . ASN A 1 29 ? -1.772  8.736   13.965  1.00 94.06  ? 29 ASN A CA  1 
ATOM 219 C C   . ASN A 1 29 ? -0.620  9.396   14.690  1.00 98.11  ? 29 ASN A C   1 
ATOM 220 O O   . ASN A 1 29 ? 0.236   8.715   15.250  1.00 104.30 ? 29 ASN A O   1 
ATOM 221 C CB  . ASN A 1 29 ? -1.954  7.279   14.412  1.00 88.25  ? 29 ASN A CB  1 
ATOM 222 C CG  . ASN A 1 29 ? -2.534  7.153   15.814  1.00 90.36  ? 29 ASN A CG  1 
ATOM 223 O OD1 . ASN A 1 29 ? -2.088  7.818   16.748  1.00 91.36  ? 29 ASN A OD1 1 
ATOM 224 N ND2 . ASN A 1 29 ? -3.524  6.276   15.966  1.00 89.06  ? 29 ASN A ND2 1 
ATOM 225 N N   . ASN A 1 30 ? -0.579  10.725  14.647  1.00 98.91  ? 30 ASN A N   1 
ATOM 226 C CA  . ASN A 1 30 ? 0.540   11.471  15.217  1.00 102.40 ? 30 ASN A CA  1 
ATOM 227 C C   . ASN A 1 30 ? 0.764   11.168  16.685  1.00 99.46  ? 30 ASN A C   1 
ATOM 228 O O   . ASN A 1 30 ? 1.879   11.300  17.200  1.00 94.49  ? 30 ASN A O   1 
ATOM 229 C CB  . ASN A 1 30 ? 0.347   12.967  15.013  1.00 106.26 ? 30 ASN A CB  1 
ATOM 230 C CG  . ASN A 1 30 ? 0.583   13.380  13.583  1.00 113.69 ? 30 ASN A CG  1 
ATOM 231 O OD1 . ASN A 1 30 ? 1.578   12.985  12.969  1.00 106.18 ? 30 ASN A OD1 1 
ATOM 232 N ND2 . ASN A 1 30 ? -0.338  14.167  13.032  1.00 124.07 ? 30 ASN A ND2 1 
ATOM 233 N N   . ASP A 1 31 ? -0.307  10.747  17.347  1.00 93.73  ? 31 ASP A N   1 
ATOM 234 C CA  . ASP A 1 31 ? -0.236  10.353  18.741  1.00 98.19  ? 31 ASP A CA  1 
ATOM 235 C C   . ASP A 1 31 ? 0.796   9.246   18.949  1.00 96.33  ? 31 ASP A C   1 
ATOM 236 O O   . ASP A 1 31 ? 1.513   9.237   19.952  1.00 98.03  ? 31 ASP A O   1 
ATOM 237 C CB  . ASP A 1 31 ? -1.614  9.905   19.229  1.00 96.91  ? 31 ASP A CB  1 
ATOM 238 C CG  . ASP A 1 31 ? -2.672  10.980  19.045  1.00 105.24 ? 31 ASP A CG  1 
ATOM 239 O OD1 . ASP A 1 31 ? -2.334  12.180  19.193  1.00 105.67 ? 31 ASP A OD1 1 
ATOM 240 O OD2 . ASP A 1 31 ? -3.836  10.627  18.746  1.00 108.39 ? 31 ASP A OD2 1 
ATOM 241 N N   . GLU A 1 32 ? 0.892   8.319   18.000  1.00 85.07  ? 32 GLU A N   1 
ATOM 242 C CA  . GLU A 1 32 ? 1.718   7.139   18.221  1.00 73.93  ? 32 GLU A CA  1 
ATOM 243 C C   . GLU A 1 32 ? 2.725   6.802   17.134  1.00 67.14  ? 32 GLU A C   1 
ATOM 244 O O   . GLU A 1 32 ? 2.511   7.072   15.958  1.00 68.45  ? 32 GLU A O   1 
ATOM 245 C CB  . GLU A 1 32 ? 0.829   5.936   18.477  1.00 74.39  ? 32 GLU A CB  1 
ATOM 246 C CG  . GLU A 1 32 ? -0.079  6.128   19.661  1.00 81.47  ? 32 GLU A CG  1 
ATOM 247 C CD  . GLU A 1 32 ? -1.041  4.984   19.811  1.00 89.65  ? 32 GLU A CD  1 
ATOM 248 O OE1 . GLU A 1 32 ? -0.577  3.880   20.169  1.00 82.71  ? 32 GLU A OE1 1 
ATOM 249 O OE2 . GLU A 1 32 ? -2.249  5.189   19.555  1.00 90.41  ? 32 GLU A OE2 1 
ATOM 250 N N   . THR A 1 33 ? 3.830   6.198   17.551  1.00 58.89  ? 33 THR A N   1 
ATOM 251 C CA  . THR A 1 33 ? 4.816   5.691   16.616  1.00 55.29  ? 33 THR A CA  1 
ATOM 252 C C   . THR A 1 33 ? 4.343   4.373   16.019  1.00 55.18  ? 33 THR A C   1 
ATOM 253 O O   . THR A 1 33 ? 3.459   3.696   16.567  1.00 50.46  ? 33 THR A O   1 
ATOM 254 C CB  . THR A 1 33 ? 6.207   5.495   17.286  1.00 58.90  ? 33 THR A CB  1 
ATOM 255 O OG1 . THR A 1 33 ? 6.125   4.517   18.342  1.00 51.30  ? 33 THR A OG1 1 
ATOM 256 C CG2 . THR A 1 33 ? 6.715   6.815   17.831  1.00 52.82  ? 33 THR A CG2 1 
ATOM 257 N N   . CYS A 1 34 ? 4.942   4.019   14.892  1.00 43.94  ? 34 CYS A N   1 
ATOM 258 C CA  . CYS A 1 34 ? 4.608   2.789   14.215  1.00 41.51  ? 34 CYS A CA  1 
ATOM 259 C C   . CYS A 1 34 ? 4.722   1.591   15.137  1.00 44.76  ? 34 CYS A C   1 
ATOM 260 O O   . CYS A 1 34 ? 3.814   0.765   15.187  1.00 40.75  ? 34 CYS A O   1 
ATOM 261 C CB  . CYS A 1 34 ? 5.462   2.644   12.961  1.00 34.46  ? 34 CYS A CB  1 
ATOM 262 S SG  . CYS A 1 34 ? 5.019   3.923   11.792  1.00 34.36  ? 34 CYS A SG  1 
ATOM 263 N N   . GLU A 1 35 ? 5.811   1.510   15.895  1.00 55.06  ? 35 GLU A N   1 
ATOM 264 C CA  . GLU A 1 35 ? 5.956   0.448   16.882  1.00 43.96  ? 35 GLU A CA  1 
ATOM 265 C C   . GLU A 1 35 ? 4.847   0.468   17.949  1.00 52.17  ? 35 GLU A C   1 
ATOM 266 O O   . GLU A 1 35 ? 4.335   -0.594  18.277  1.00 55.56  ? 35 GLU A O   1 
ATOM 267 C CB  . GLU A 1 35 ? 7.337   0.485   17.526  1.00 54.09  ? 35 GLU A CB  1 
ATOM 268 C CG  . GLU A 1 35 ? 8.482   0.265   16.548  1.00 62.36  ? 35 GLU A CG  1 
ATOM 269 C CD  . GLU A 1 35 ? 9.127   1.570   16.035  1.00 68.47  ? 35 GLU A CD  1 
ATOM 270 O OE1 . GLU A 1 35 ? 8.399   2.553   15.696  1.00 45.73  ? 35 GLU A OE1 1 
ATOM 271 O OE2 . GLU A 1 35 ? 10.384  1.589   15.959  1.00 65.87  ? 35 GLU A OE2 1 
ATOM 272 N N   . GLN A 1 36 ? 4.459   1.635   18.482  1.00 41.88  ? 36 GLN A N   1 
ATOM 273 C CA  . GLN A 1 36 ? 3.399   1.642   19.501  1.00 49.56  ? 36 GLN A CA  1 
ATOM 274 C C   . GLN A 1 36 ? 2.101   1.087   18.946  1.00 54.23  ? 36 GLN A C   1 
ATOM 275 O O   . GLN A 1 36 ? 1.448   0.267   19.584  1.00 58.17  ? 36 GLN A O   1 
ATOM 276 C CB  . GLN A 1 36 ? 3.155   3.034   20.077  1.00 54.66  ? 36 GLN A CB  1 
ATOM 277 C CG  . GLN A 1 36 ? 4.290   3.545   20.934  1.00 64.44  ? 36 GLN A CG  1 
ATOM 278 C CD  . GLN A 1 36 ? 4.232   5.048   21.109  1.00 76.77  ? 36 GLN A CD  1 
ATOM 279 O OE1 . GLN A 1 36 ? 3.701   5.758   20.253  1.00 81.02  ? 36 GLN A OE1 1 
ATOM 280 N NE2 . GLN A 1 36 ? 4.774   5.544   22.217  1.00 76.74  ? 36 GLN A NE2 1 
ATOM 281 N N   . ARG A 1 37 ? 1.730   1.524   17.749  1.00 50.52  ? 37 ARG A N   1 
ATOM 282 C CA  . ARG A 1 37 ? 0.485   1.066   17.148  1.00 41.07  ? 37 ARG A CA  1 
ATOM 283 C C   . ARG A 1 37 ? 0.584   -0.423  16.815  1.00 47.75  ? 37 ARG A C   1 
ATOM 284 O O   . ARG A 1 37 ? -0.356  -1.175  17.062  1.00 55.84  ? 37 ARG A O   1 
ATOM 285 C CB  . ARG A 1 37 ? 0.148   1.895   15.903  1.00 47.29  ? 37 ARG A CB  1 
ATOM 286 C CG  . ARG A 1 37 ? 0.038   3.411   16.152  1.00 52.13  ? 37 ARG A CG  1 
ATOM 287 C CD  . ARG A 1 37 ? 0.234   4.213   14.857  1.00 55.64  ? 37 ARG A CD  1 
ATOM 288 N NE  . ARG A 1 37 ? -0.693  3.811   13.786  1.00 62.47  ? 37 ARG A NE  1 
ATOM 289 C CZ  . ARG A 1 37 ? -0.695  4.307   12.544  1.00 56.97  ? 37 ARG A CZ  1 
ATOM 290 N NH1 . ARG A 1 37 ? 0.171   5.241   12.181  1.00 65.12  ? 37 ARG A NH1 1 
ATOM 291 N NH2 . ARG A 1 37 ? -1.570  3.869   11.659  1.00 51.42  ? 37 ARG A NH2 1 
ATOM 292 N N   . ALA A 1 38 ? 1.731   -0.850  16.288  1.00 42.93  ? 38 ALA A N   1 
ATOM 293 C CA  . ALA A 1 38 ? 1.937   -2.248  15.883  1.00 44.60  ? 38 ALA A CA  1 
ATOM 294 C C   . ALA A 1 38 ? 1.849   -3.220  17.054  1.00 47.33  ? 38 ALA A C   1 
ATOM 295 O O   . ALA A 1 38 ? 1.417   -4.357  16.896  1.00 41.04  ? 38 ALA A O   1 
ATOM 296 C CB  . ALA A 1 38 ? 3.285   -2.407  15.176  1.00 37.66  ? 38 ALA A CB  1 
ATOM 297 N N   . ALA A 1 39 ? 2.283   -2.759  18.222  1.00 54.31  ? 39 ALA A N   1 
ATOM 298 C CA  . ALA A 1 39 ? 2.265   -3.558  19.445  1.00 49.77  ? 39 ALA A CA  1 
ATOM 299 C C   . ALA A 1 39 ? 0.856   -4.060  19.750  1.00 52.52  ? 39 ALA A C   1 
ATOM 300 O O   . ALA A 1 39 ? 0.685   -5.197  20.208  1.00 52.03  ? 39 ALA A O   1 
ATOM 301 C CB  . ALA A 1 39 ? 2.798   -2.737  20.623  1.00 48.12  ? 39 ALA A CB  1 
ATOM 302 N N   . ARG A 1 40 ? -0.143  -3.213  19.485  1.00 50.08  ? 40 ARG A N   1 
ATOM 303 C CA  . ARG A 1 40 ? -1.546  -3.530  19.789  1.00 52.23  ? 40 ARG A CA  1 
ATOM 304 C C   . ARG A 1 40 ? -2.206  -4.492  18.820  1.00 52.67  ? 40 ARG A C   1 
ATOM 305 O O   . ARG A 1 40 ? -3.269  -5.030  19.114  1.00 64.86  ? 40 ARG A O   1 
ATOM 306 C CB  . ARG A 1 40 ? -2.386  -2.264  19.794  1.00 52.06  ? 40 ARG A CB  1 
ATOM 307 C CG  . ARG A 1 40 ? -1.878  -1.225  20.725  1.00 62.81  ? 40 ARG A CG  1 
ATOM 308 C CD  . ARG A 1 40 ? -2.598  0.059   20.447  1.00 80.30  ? 40 ARG A CD  1 
ATOM 309 N NE  . ARG A 1 40 ? -2.224  1.082   21.408  1.00 100.70 ? 40 ARG A NE  1 
ATOM 310 C CZ  . ARG A 1 40 ? -2.588  2.351   21.304  1.00 110.88 ? 40 ARG A CZ  1 
ATOM 311 N NH1 . ARG A 1 40 ? -3.329  2.731   20.270  1.00 104.74 ? 40 ARG A NH1 1 
ATOM 312 N NH2 . ARG A 1 40 ? -2.206  3.232   22.226  1.00 109.56 ? 40 ARG A NH2 1 
ATOM 313 N N   . ILE A 1 41 ? -1.610  -4.691  17.655  1.00 50.01  ? 41 ILE A N   1 
ATOM 314 C CA  . ILE A 1 41 ? -2.192  -5.614  16.694  1.00 53.20  ? 41 ILE A CA  1 
ATOM 315 C C   . ILE A 1 41 ? -2.266  -7.046  17.234  1.00 49.87  ? 41 ILE A C   1 
ATOM 316 O O   . ILE A 1 41 ? -1.291  -7.592  17.779  1.00 47.77  ? 41 ILE A O   1 
ATOM 317 C CB  . ILE A 1 41 ? -1.452  -5.573  15.345  1.00 55.41  ? 41 ILE A CB  1 
ATOM 318 C CG1 . ILE A 1 41 ? -1.698  -4.215  14.671  1.00 47.72  ? 41 ILE A CG1 1 
ATOM 319 C CG2 . ILE A 1 41 ? -1.894  -6.749  14.446  1.00 41.79  ? 41 ILE A CG2 1 
ATOM 320 C CD1 . ILE A 1 41 ? -0.549  -3.738  13.784  1.00 46.55  ? 41 ILE A CD1 1 
ATOM 321 N N   . SER A 1 42 ? -3.439  -7.647  17.071  1.00 55.32  ? 42 SER A N   1 
ATOM 322 C CA  . SER A 1 42 ? -3.674  -9.011  17.542  1.00 61.65  ? 42 SER A CA  1 
ATOM 323 C C   . SER A 1 42 ? -3.891  -9.998  16.393  1.00 53.75  ? 42 SER A C   1 
ATOM 324 O O   . SER A 1 42 ? -4.194  -11.169 16.623  1.00 59.91  ? 42 SER A O   1 
ATOM 325 C CB  . SER A 1 42 ? -4.841  -9.054  18.543  1.00 56.76  ? 42 SER A CB  1 
ATOM 326 O OG  . SER A 1 42 ? -5.908  -8.194  18.158  1.00 72.20  ? 42 SER A OG  1 
ATOM 327 N N   . LEU A 1 43 ? -3.739  -9.521  15.159  1.00 48.72  ? 43 LEU A N   1 
ATOM 328 C CA  . LEU A 1 43 ? -3.720  -10.416 14.006  1.00 37.71  ? 43 LEU A CA  1 
ATOM 329 C C   . LEU A 1 43 ? -2.319  -10.968 13.857  1.00 47.35  ? 43 LEU A C   1 
ATOM 330 O O   . LEU A 1 43 ? -1.428  -10.650 14.661  1.00 56.69  ? 43 LEU A O   1 
ATOM 331 C CB  . LEU A 1 43 ? -4.138  -9.689  12.733  1.00 38.25  ? 43 LEU A CB  1 
ATOM 332 C CG  . LEU A 1 43 ? -5.361  -8.791  12.929  1.00 50.20  ? 43 LEU A CG  1 
ATOM 333 C CD1 . LEU A 1 43 ? -5.747  -8.119  11.633  1.00 41.28  ? 43 LEU A CD1 1 
ATOM 334 C CD2 . LEU A 1 43 ? -6.536  -9.581  13.488  1.00 50.25  ? 43 LEU A CD2 1 
ATOM 335 N N   . GLY A 1 44 ? -2.115  -11.776 12.820  1.00 44.99  ? 44 GLY A N   1 
ATOM 336 C CA  . GLY A 1 44 ? -0.862  -12.502 12.668  1.00 46.28  ? 44 GLY A CA  1 
ATOM 337 C C   . GLY A 1 44 ? 0.376   -11.696 12.290  1.00 50.62  ? 44 GLY A C   1 
ATOM 338 O O   . GLY A 1 44 ? 0.336   -10.471 12.134  1.00 43.80  ? 44 GLY A O   1 
ATOM 339 N N   . PRO A 1 45 ? 1.503   -12.393 12.145  1.00 54.56  ? 45 PRO A N   1 
ATOM 340 C CA  . PRO A 1 45 ? 2.780   -11.819 11.719  1.00 44.48  ? 45 PRO A CA  1 
ATOM 341 C C   . PRO A 1 45 ? 2.691   -11.149 10.360  1.00 41.01  ? 45 PRO A C   1 
ATOM 342 O O   . PRO A 1 45 ? 3.268   -10.072 10.192  1.00 44.00  ? 45 PRO A O   1 
ATOM 343 C CB  . PRO A 1 45 ? 3.696   -13.045 11.619  1.00 50.37  ? 45 PRO A CB  1 
ATOM 344 C CG  . PRO A 1 45 ? 3.109   -14.026 12.570  1.00 52.53  ? 45 PRO A CG  1 
ATOM 345 C CD  . PRO A 1 45 ? 1.622   -13.818 12.491  1.00 54.92  ? 45 PRO A CD  1 
ATOM 346 N N   . ARG A 1 46 ? 2.031   -11.781 9.393   1.00 46.82  ? 46 ARG A N   1 
ATOM 347 C CA  . ARG A 1 46 ? 1.889   -11.155 8.078   1.00 53.49  ? 46 ARG A CA  1 
ATOM 348 C C   . ARG A 1 46 ? 1.336   -9.738  8.271   1.00 42.78  ? 46 ARG A C   1 
ATOM 349 O O   . ARG A 1 46 ? 1.844   -8.788  7.682   1.00 39.21  ? 46 ARG A O   1 
ATOM 350 C CB  . ARG A 1 46 ? 1.013   -11.986 7.116   1.00 45.12  ? 46 ARG A CB  1 
ATOM 351 C CG  . ARG A 1 46 ? 1.766   -12.634 5.929   1.00 64.95  ? 46 ARG A CG  1 
ATOM 352 C CD  . ARG A 1 46 ? 0.827   -13.381 4.932   1.00 83.76  ? 46 ARG A CD  1 
ATOM 353 N NE  . ARG A 1 46 ? 0.074   -12.493 4.030   1.00 104.63 ? 46 ARG A NE  1 
ATOM 354 C CZ  . ARG A 1 46 ? -1.040  -12.841 3.374   1.00 96.34  ? 46 ARG A CZ  1 
ATOM 355 N NH1 . ARG A 1 46 ? -1.540  -14.065 3.524   1.00 92.50  ? 46 ARG A NH1 1 
ATOM 356 N NH2 . ARG A 1 46 ? -1.666  -11.968 2.575   1.00 48.22  ? 46 ARG A NH2 1 
ATOM 357 N N   . CYS A 1 47 ? 0.337   -9.604  9.140   1.00 33.89  ? 47 CYS A N   1 
ATOM 358 C CA  . CYS A 1 47 ? -0.310  -8.324  9.383   1.00 33.78  ? 47 CYS A CA  1 
ATOM 359 C C   . CYS A 1 47 ? 0.621   -7.303  10.030  1.00 40.68  ? 47 CYS A C   1 
ATOM 360 O O   . CYS A 1 47 ? 0.661   -6.133  9.633   1.00 43.15  ? 47 CYS A O   1 
ATOM 361 C CB  . CYS A 1 47 ? -1.550  -8.500  10.267  1.00 34.15  ? 47 CYS A CB  1 
ATOM 362 S SG  . CYS A 1 47 ? -2.435  -6.932  10.613  1.00 43.16  ? 47 CYS A SG  1 
ATOM 363 N N   . ILE A 1 48 ? 1.343   -7.750  11.048  1.00 36.71  ? 48 ILE A N   1 
ATOM 364 C CA  . ILE A 1 48 ? 2.229   -6.891  11.801  1.00 37.51  ? 48 ILE A CA  1 
ATOM 365 C C   . ILE A 1 48 ? 3.340   -6.315  10.923  1.00 37.72  ? 48 ILE A C   1 
ATOM 366 O O   . ILE A 1 48 ? 3.645   -5.113  10.996  1.00 32.58  ? 48 ILE A O   1 
ATOM 367 C CB  . ILE A 1 48 ? 2.827   -7.654  13.006  1.00 46.64  ? 48 ILE A CB  1 
ATOM 368 C CG1 . ILE A 1 48 ? 1.716   -8.005  14.007  1.00 45.42  ? 48 ILE A CG1 1 
ATOM 369 C CG2 . ILE A 1 48 ? 3.935   -6.838  13.687  1.00 29.94  ? 48 ILE A CG2 1 
ATOM 370 C CD1 . ILE A 1 48 ? 2.135   -9.055  15.014  1.00 42.51  ? 48 ILE A CD1 1 
ATOM 371 N N   . LYS A 1 49 ? 3.943   -7.166  10.093  1.00 37.03  ? 49 LYS A N   1 
ATOM 372 C CA  . LYS A 1 49 ? 4.999   -6.698  9.184   1.00 38.72  ? 49 LYS A CA  1 
ATOM 373 C C   . LYS A 1 49 ? 4.496   -5.682  8.165   1.00 38.31  ? 49 LYS A C   1 
ATOM 374 O O   . LYS A 1 49 ? 5.110   -4.633  7.966   1.00 39.70  ? 49 LYS A O   1 
ATOM 375 C CB  . LYS A 1 49 ? 5.675   -7.865  8.478   1.00 31.39  ? 49 LYS A CB  1 
ATOM 376 C CG  . LYS A 1 49 ? 6.548   -8.635  9.427   1.00 49.23  ? 49 LYS A CG  1 
ATOM 377 C CD  . LYS A 1 49 ? 7.261   -9.787  8.762   1.00 48.54  ? 49 LYS A CD  1 
ATOM 378 C CE  . LYS A 1 49 ? 6.448   -11.076 8.902   1.00 56.08  ? 49 LYS A CE  1 
ATOM 379 N NZ  . LYS A 1 49 ? 7.329   -12.257 8.634   1.00 66.94  ? 49 LYS A NZ  1 
ATOM 380 N N   . ALA A 1 50 ? 3.373   -5.996  7.526   1.00 36.45  ? 50 ALA A N   1 
ATOM 381 C CA  . ALA A 1 50 ? 2.773   -5.105  6.538   1.00 35.09  ? 50 ALA A CA  1 
ATOM 382 C C   . ALA A 1 50 ? 2.348   -3.773  7.168   1.00 33.38  ? 50 ALA A C   1 
ATOM 383 O O   . ALA A 1 50 ? 2.563   -2.707  6.598   1.00 36.64  ? 50 ALA A O   1 
ATOM 384 C CB  . ALA A 1 50 ? 1.585   -5.792  5.859   1.00 32.69  ? 50 ALA A CB  1 
ATOM 385 N N   . PHE A 1 51 ? 1.758   -3.838  8.351   1.00 27.88  ? 51 PHE A N   1 
ATOM 386 C CA  . PHE A 1 51 ? 1.339   -2.634  9.038   1.00 31.14  ? 51 PHE A CA  1 
ATOM 387 C C   . PHE A 1 51 ? 2.552   -1.750  9.304   1.00 36.17  ? 51 PHE A C   1 
ATOM 388 O O   . PHE A 1 51 ? 2.507   -0.532  9.096   1.00 31.97  ? 51 PHE A O   1 
ATOM 389 C CB  . PHE A 1 51 ? 0.651   -3.007  10.341  1.00 31.61  ? 51 PHE A CB  1 
ATOM 390 C CG  . PHE A 1 51 ? 0.241   -1.831  11.176  1.00 34.08  ? 51 PHE A CG  1 
ATOM 391 C CD1 . PHE A 1 51 ? -1.061  -1.355  11.133  1.00 37.87  ? 51 PHE A CD1 1 
ATOM 392 C CD2 . PHE A 1 51 ? 1.150   -1.215  12.032  1.00 33.77  ? 51 PHE A CD2 1 
ATOM 393 C CE1 . PHE A 1 51 ? -1.452  -0.270  11.920  1.00 38.12  ? 51 PHE A CE1 1 
ATOM 394 C CE2 . PHE A 1 51 ? 0.765   -0.149  12.820  1.00 39.56  ? 51 PHE A CE2 1 
ATOM 395 C CZ  . PHE A 1 51 ? -0.538  0.328   12.760  1.00 38.90  ? 51 PHE A CZ  1 
ATOM 396 N N   . THR A 1 52 ? 3.638   -2.386  9.744   1.00 37.35  ? 52 THR A N   1 
ATOM 397 C CA  . THR A 1 52 ? 4.828   -1.690  10.219  1.00 34.12  ? 52 THR A CA  1 
ATOM 398 C C   . THR A 1 52 ? 5.569   -1.091  9.054   1.00 30.33  ? 52 THR A C   1 
ATOM 399 O O   . THR A 1 52 ? 5.890   0.109   9.060   1.00 32.67  ? 52 THR A O   1 
ATOM 400 C CB  . THR A 1 52 ? 5.765   -2.644  10.986  1.00 34.34  ? 52 THR A CB  1 
ATOM 401 O OG1 . THR A 1 52 ? 5.055   -3.201  12.099  1.00 32.30  ? 52 THR A OG1 1 
ATOM 402 C CG2 . THR A 1 52 ? 7.005   -1.917  11.490  1.00 25.63  ? 52 THR A CG2 1 
ATOM 403 N N   . GLU A 1 53 ? 5.825   -1.924  8.054   1.00 24.50  ? 53 GLU A N   1 
ATOM 404 C CA  . GLU A 1 53 ? 6.455   -1.441  6.846   1.00 28.52  ? 53 GLU A CA  1 
ATOM 405 C C   . GLU A 1 53 ? 5.671   -0.256  6.280   1.00 32.63  ? 53 GLU A C   1 
ATOM 406 O O   . GLU A 1 53 ? 6.244   0.790   5.988   1.00 29.37  ? 53 GLU A O   1 
ATOM 407 C CB  . GLU A 1 53 ? 6.576   -2.545  5.792   1.00 34.39  ? 53 GLU A CB  1 
ATOM 408 C CG  . GLU A 1 53 ? 7.157   -2.034  4.451   1.00 30.98  ? 53 GLU A CG  1 
ATOM 409 C CD  . GLU A 1 53 ? 7.373   -3.135  3.429   1.00 34.27  ? 53 GLU A CD  1 
ATOM 410 O OE1 . GLU A 1 53 ? 7.167   -4.318  3.770   1.00 45.79  ? 53 GLU A OE1 1 
ATOM 411 O OE2 . GLU A 1 53 ? 7.740   -2.828  2.277   1.00 40.16  ? 53 GLU A OE2 1 
ATOM 412 N N   . CYS A 1 54 ? 4.355   -0.407  6.139   1.00 31.96  ? 54 CYS A N   1 
ATOM 413 C CA  . CYS A 1 54 ? 3.550   0.660   5.529   1.00 29.94  ? 54 CYS A CA  1 
ATOM 414 C C   . CYS A 1 54 ? 3.496   1.954   6.331   1.00 30.06  ? 54 CYS A C   1 
ATOM 415 O O   . CYS A 1 54 ? 3.576   3.054   5.784   1.00 31.84  ? 54 CYS A O   1 
ATOM 416 C CB  . CYS A 1 54 ? 2.149   0.173   5.210   1.00 29.06  ? 54 CYS A CB  1 
ATOM 417 S SG  . CYS A 1 54 ? 2.206   -0.863  3.772   1.00 32.58  ? 54 CYS A SG  1 
ATOM 418 N N   . CYS A 1 55 ? 3.378   1.809   7.640   1.00 31.90  ? 55 CYS A N   1 
ATOM 419 C CA  . CYS A 1 55 ? 3.474   2.922   8.558   1.00 29.30  ? 55 CYS A CA  1 
ATOM 420 C C   . CYS A 1 55 ? 4.814   3.654   8.457   1.00 31.33  ? 55 CYS A C   1 
ATOM 421 O O   . CYS A 1 55 ? 4.863   4.871   8.351   1.00 31.90  ? 55 CYS A O   1 
ATOM 422 C CB  . CYS A 1 55 ? 3.266   2.391   9.978   1.00 33.37  ? 55 CYS A CB  1 
ATOM 423 S SG  . CYS A 1 55 ? 3.073   3.660   11.241  1.00 39.65  ? 55 CYS A SG  1 
ATOM 424 N N   . VAL A 1 56 ? 5.909   2.907   8.494   1.00 28.99  ? 56 VAL A N   1 
ATOM 425 C CA  . VAL A 1 56 ? 7.231   3.527   8.457   1.00 30.15  ? 56 VAL A CA  1 
ATOM 426 C C   . VAL A 1 56 ? 7.476   4.272   7.143   1.00 32.10  ? 56 VAL A C   1 
ATOM 427 O O   . VAL A 1 56 ? 7.889   5.435   7.155   1.00 35.89  ? 56 VAL A O   1 
ATOM 428 C CB  . VAL A 1 56 ? 8.358   2.491   8.752   1.00 30.16  ? 56 VAL A CB  1 
ATOM 429 C CG1 . VAL A 1 56 ? 9.734   3.029   8.371   1.00 31.88  ? 56 VAL A CG1 1 
ATOM 430 C CG2 . VAL A 1 56 ? 8.315   2.092   10.203  1.00 25.53  ? 56 VAL A CG2 1 
ATOM 431 N N   . VAL A 1 57 ? 7.205   3.605   6.020   1.00 29.75  ? 57 VAL A N   1 
ATOM 432 C CA  . VAL A 1 57 ? 7.407   4.194   4.703   1.00 29.18  ? 57 VAL A CA  1 
ATOM 433 C C   . VAL A 1 57 ? 6.496   5.404   4.464   1.00 34.21  ? 57 VAL A C   1 
ATOM 434 O O   . VAL A 1 57 ? 6.937   6.420   3.927   1.00 34.89  ? 57 VAL A O   1 
ATOM 435 C CB  . VAL A 1 57 ? 7.207   3.167   3.589   1.00 26.67  ? 57 VAL A CB  1 
ATOM 436 C CG1 . VAL A 1 57 ? 7.340   3.826   2.222   1.00 20.27  ? 57 VAL A CG1 1 
ATOM 437 C CG2 . VAL A 1 57 ? 8.194   2.038   3.728   1.00 27.06  ? 57 VAL A CG2 1 
ATOM 438 N N   . ALA A 1 58 ? 5.232   5.301   4.873   1.00 33.69  ? 58 ALA A N   1 
ATOM 439 C CA  . ALA A 1 58 ? 4.304   6.418   4.710   1.00 41.74  ? 58 ALA A CA  1 
ATOM 440 C C   . ALA A 1 58 ? 4.752   7.627   5.557   1.00 41.28  ? 58 ALA A C   1 
ATOM 441 O O   . ALA A 1 58 ? 4.616   8.781   5.138   1.00 35.27  ? 58 ALA A O   1 
ATOM 442 C CB  . ALA A 1 58 ? 2.866   5.984   5.033   1.00 31.40  ? 58 ALA A CB  1 
ATOM 443 N N   . SER A 1 59 ? 5.316   7.348   6.731   1.00 35.45  ? 59 SER A N   1 
ATOM 444 C CA  . SER A 1 59 ? 5.862   8.403   7.583   1.00 39.73  ? 59 SER A CA  1 
ATOM 445 C C   . SER A 1 59 ? 7.051   9.132   6.974   1.00 43.28  ? 59 SER A C   1 
ATOM 446 O O   . SER A 1 59 ? 7.122   10.351  7.069   1.00 44.73  ? 59 SER A O   1 
ATOM 447 C CB  . SER A 1 59 ? 6.239   7.866   8.953   1.00 29.09  ? 59 SER A CB  1 
ATOM 448 O OG  . SER A 1 59 ? 5.076   7.587   9.688   1.00 42.04  ? 59 SER A OG  1 
ATOM 449 N N   . GLN A 1 60 ? 7.983   8.391   6.371   1.00 37.14  ? 60 GLN A N   1 
ATOM 450 C CA  . GLN A 1 60 ? 9.074   8.999   5.611   1.00 41.32  ? 60 GLN A CA  1 
ATOM 451 C C   . GLN A 1 60 ? 8.542   9.904   4.510   1.00 44.92  ? 60 GLN A C   1 
ATOM 452 O O   . GLN A 1 60 ? 9.004   11.027  4.359   1.00 43.09  ? 60 GLN A O   1 
ATOM 453 C CB  . GLN A 1 60 ? 9.957   7.938   4.952   1.00 42.57  ? 60 GLN A CB  1 
ATOM 454 C CG  . GLN A 1 60 ? 10.606  6.970   5.905   1.00 62.25  ? 60 GLN A CG  1 
ATOM 455 C CD  . GLN A 1 60 ? 12.043  7.329   6.207   1.00 68.94  ? 60 GLN A CD  1 
ATOM 456 O OE1 . GLN A 1 60 ? 12.648  6.795   7.156   1.00 56.22  ? 60 GLN A OE1 1 
ATOM 457 N NE2 . GLN A 1 60 ? 12.603  8.248   5.410   1.00 64.17  ? 60 GLN A NE2 1 
ATOM 458 N N   . LEU A 1 61 ? 7.597   9.395   3.723   1.00 42.42  ? 61 LEU A N   1 
ATOM 459 C CA  . LEU A 1 61 ? 6.985   10.171  2.655   1.00 47.51  ? 61 LEU A CA  1 
ATOM 460 C C   . LEU A 1 61 ? 6.493   11.519  3.160   1.00 51.25  ? 61 LEU A C   1 
ATOM 461 O O   . LEU A 1 61 ? 6.814   12.564  2.588   1.00 47.91  ? 61 LEU A O   1 
ATOM 462 C CB  . LEU A 1 61 ? 5.811   9.419   2.054   1.00 37.81  ? 61 LEU A CB  1 
ATOM 463 C CG  . LEU A 1 61 ? 6.212   8.364   1.049   1.00 50.17  ? 61 LEU A CG  1 
ATOM 464 C CD1 . LEU A 1 61 ? 4.982   7.575   0.601   1.00 48.45  ? 61 LEU A CD1 1 
ATOM 465 C CD2 . LEU A 1 61 ? 6.906   9.037   -0.114  1.00 50.74  ? 61 LEU A CD2 1 
ATOM 466 N N   . ARG A 1 62 ? 5.709   11.477  4.233   1.00 42.85  ? 62 ARG A N   1 
ATOM 467 C CA  . ARG A 1 62 ? 5.146   12.677  4.836   1.00 47.70  ? 62 ARG A CA  1 
ATOM 468 C C   . ARG A 1 62 ? 6.213   13.592  5.442   1.00 54.79  ? 62 ARG A C   1 
ATOM 469 O O   . ARG A 1 62 ? 6.018   14.800  5.559   1.00 56.79  ? 62 ARG A O   1 
ATOM 470 C CB  . ARG A 1 62 ? 4.094   12.299  5.879   1.00 38.80  ? 62 ARG A CB  1 
ATOM 471 C CG  . ARG A 1 62 ? 2.801   11.809  5.248   1.00 41.22  ? 62 ARG A CG  1 
ATOM 472 C CD  . ARG A 1 62 ? 1.719   11.675  6.264   1.00 39.20  ? 62 ARG A CD  1 
ATOM 473 N NE  . ARG A 1 62 ? 1.821   10.414  6.984   1.00 58.18  ? 62 ARG A NE  1 
ATOM 474 C CZ  . ARG A 1 62 ? 0.964   9.405   6.851   1.00 58.66  ? 62 ARG A CZ  1 
ATOM 475 N NH1 . ARG A 1 62 ? -0.073  9.513   6.018   1.00 49.97  ? 62 ARG A NH1 1 
ATOM 476 N NH2 . ARG A 1 62 ? 1.135   8.294   7.559   1.00 53.61  ? 62 ARG A NH2 1 
ATOM 477 N N   . ALA A 1 63 ? 7.344   13.003  5.812   1.00 56.26  ? 63 ALA A N   1 
ATOM 478 C CA  . ALA A 1 63 ? 8.489   13.751  6.319   1.00 59.67  ? 63 ALA A CA  1 
ATOM 479 C C   . ALA A 1 63 ? 9.267   14.417  5.180   1.00 61.00  ? 63 ALA A C   1 
ATOM 480 O O   . ALA A 1 63 ? 9.665   15.572  5.297   1.00 69.35  ? 63 ALA A O   1 
ATOM 481 C CB  . ALA A 1 63 ? 9.403   12.836  7.123   1.00 45.03  ? 63 ALA A CB  1 
ATOM 482 N N   . ASN A 1 64 ? 9.478   13.684  4.088   1.00 54.74  ? 64 ASN A N   1 
ATOM 483 C CA  . ASN A 1 64 ? 10.110  14.229  2.887   1.00 61.35  ? 64 ASN A CA  1 
ATOM 484 C C   . ASN A 1 64 ? 9.333   15.418  2.312   1.00 70.70  ? 64 ASN A C   1 
ATOM 485 O O   . ASN A 1 64 ? 9.836   16.161  1.464   1.00 73.68  ? 64 ASN A O   1 
ATOM 486 C CB  . ASN A 1 64 ? 10.260  13.146  1.806   1.00 61.14  ? 64 ASN A CB  1 
ATOM 487 C CG  . ASN A 1 64 ? 11.300  12.086  2.163   1.00 74.60  ? 64 ASN A CG  1 
ATOM 488 O OD1 . ASN A 1 64 ? 12.080  12.250  3.105   1.00 75.31  ? 64 ASN A OD1 1 
ATOM 489 N ND2 . ASN A 1 64 ? 11.313  10.990  1.406   1.00 72.39  ? 64 ASN A ND2 1 
ATOM 490 N N   . ILE A 1 65 ? 8.097   15.586  2.775   1.00 71.64  ? 65 ILE A N   1 
ATOM 491 C CA  . ILE A 1 65 ? 7.261   16.695  2.329   1.00 75.67  ? 65 ILE A CA  1 
ATOM 492 C C   . ILE A 1 65 ? 7.445   17.918  3.253   1.00 82.04  ? 65 ILE A C   1 
ATOM 493 O O   . ILE A 1 65 ? 6.537   18.726  3.445   1.00 82.18  ? 65 ILE A O   1 
ATOM 494 C CB  . ILE A 1 65 ? 5.786   16.247  2.200   1.00 67.01  ? 65 ILE A CB  1 
ATOM 495 C CG1 . ILE A 1 65 ? 5.684   15.126  1.167   1.00 60.38  ? 65 ILE A CG1 1 
ATOM 496 C CG2 . ILE A 1 65 ? 4.893   17.392  1.768   1.00 65.53  ? 65 ILE A CG2 1 
ATOM 497 C CD1 . ILE A 1 65 ? 4.262   14.693  0.868   1.00 54.41  ? 65 ILE A CD1 1 
ATOM 498 N N   . SER A 1 66 ? 8.644   18.047  3.816   1.00 88.56  ? 66 SER A N   1 
ATOM 499 C CA  . SER A 1 66 ? 8.964   19.167  4.693   1.00 89.33  ? 66 SER A CA  1 
ATOM 500 C C   . SER A 1 66 ? 10.426  19.586  4.508   1.00 91.33  ? 66 SER A C   1 
ATOM 501 O O   . SER A 1 66 ? 10.706  20.711  4.086   1.00 98.13  ? 66 SER A O   1 
ATOM 502 C CB  . SER A 1 66 ? 8.670   18.804  6.152   1.00 80.72  ? 66 SER A CB  1 
ATOM 503 O OG  . SER A 1 66 ? 7.352   18.290  6.284   1.00 70.16  ? 66 SER A OG  1 
ATOM 504 N N   . GLN B 1 3  ? 24.744  -14.273 -14.317 1.00 90.60  ? 3  GLN B N   1 
ATOM 505 C CA  . GLN B 1 3  ? 23.936  -14.510 -13.126 1.00 103.21 ? 3  GLN B CA  1 
ATOM 506 C C   . GLN B 1 3  ? 23.993  -13.328 -12.161 1.00 97.47  ? 3  GLN B C   1 
ATOM 507 O O   . GLN B 1 3  ? 23.053  -13.100 -11.396 1.00 95.86  ? 3  GLN B O   1 
ATOM 508 C CB  . GLN B 1 3  ? 24.411  -15.769 -12.408 1.00 93.40  ? 3  GLN B CB  1 
ATOM 509 C CG  . GLN B 1 3  ? 24.655  -16.938 -13.327 1.00 94.73  ? 3  GLN B CG  1 
ATOM 510 C CD  . GLN B 1 3  ? 25.765  -17.839 -12.817 1.00 116.26 ? 3  GLN B CD  1 
ATOM 511 O OE1 . GLN B 1 3  ? 26.740  -17.371 -12.215 1.00 101.01 ? 3  GLN B OE1 1 
ATOM 512 N NE2 . GLN B 1 3  ? 25.625  -19.141 -13.056 1.00 109.72 ? 3  GLN B NE2 1 
ATOM 513 N N   . LYS B 1 4  ? 25.097  -12.582 -12.207 1.00 99.14  ? 4  LYS B N   1 
ATOM 514 C CA  . LYS B 1 4  ? 25.356  -11.484 -11.265 1.00 103.87 ? 4  LYS B CA  1 
ATOM 515 C C   . LYS B 1 4  ? 24.772  -10.159 -11.749 1.00 92.29  ? 4  LYS B C   1 
ATOM 516 O O   . LYS B 1 4  ? 24.156  -9.410  -10.982 1.00 89.85  ? 4  LYS B O   1 
ATOM 517 C CB  . LYS B 1 4  ? 26.863  -11.310 -11.054 1.00 108.00 ? 4  LYS B CB  1 
ATOM 518 C CG  . LYS B 1 4  ? 27.638  -12.608 -10.941 1.00 108.87 ? 4  LYS B CG  1 
ATOM 519 C CD  . LYS B 1 4  ? 29.106  -12.383 -11.252 1.00 100.87 ? 4  LYS B CD  1 
ATOM 520 C CE  . LYS B 1 4  ? 29.902  -13.663 -11.105 1.00 106.16 ? 4  LYS B CE  1 
ATOM 521 N NZ  . LYS B 1 4  ? 31.355  -13.366 -11.116 1.00 95.32  ? 4  LYS B NZ  1 
ATOM 522 N N   . LYS B 1 5  ? 24.996  -9.870  -13.026 1.00 88.17  ? 5  LYS B N   1 
ATOM 523 C CA  . LYS B 1 5  ? 24.433  -8.690  -13.664 1.00 78.28  ? 5  LYS B CA  1 
ATOM 524 C C   . LYS B 1 5  ? 22.958  -8.920  -13.928 1.00 81.74  ? 5  LYS B C   1 
ATOM 525 O O   . LYS B 1 5  ? 22.163  -7.979  -13.925 1.00 82.92  ? 5  LYS B O   1 
ATOM 526 C CB  . LYS B 1 5  ? 25.148  -8.411  -14.980 1.00 74.32  ? 5  LYS B CB  1 
ATOM 527 C CG  . LYS B 1 5  ? 24.337  -7.614  -15.973 1.00 72.63  ? 5  LYS B CG  1 
ATOM 528 C CD  . LYS B 1 5  ? 24.873  -7.846  -17.354 1.00 65.17  ? 5  LYS B CD  1 
ATOM 529 C CE  . LYS B 1 5  ? 24.101  -7.067  -18.374 1.00 67.89  ? 5  LYS B CE  1 
ATOM 530 N NZ  . LYS B 1 5  ? 24.643  -7.424  -19.699 1.00 60.61  ? 5  LYS B NZ  1 
ATOM 531 N N   . ILE B 1 6  ? 22.595  -10.177 -14.166 1.00 77.04  ? 6  ILE B N   1 
ATOM 532 C CA  . ILE B 1 6  ? 21.195  -10.528 -14.347 1.00 74.60  ? 6  ILE B CA  1 
ATOM 533 C C   . ILE B 1 6  ? 20.384  -10.110 -13.128 1.00 69.22  ? 6  ILE B C   1 
ATOM 534 O O   . ILE B 1 6  ? 19.304  -9.545  -13.264 1.00 63.22  ? 6  ILE B O   1 
ATOM 535 C CB  . ILE B 1 6  ? 21.001  -12.037 -14.622 1.00 81.64  ? 6  ILE B CB  1 
ATOM 536 C CG1 . ILE B 1 6  ? 21.324  -12.347 -16.089 1.00 76.18  ? 6  ILE B CG1 1 
ATOM 537 C CG2 . ILE B 1 6  ? 19.571  -12.472 -14.273 1.00 61.19  ? 6  ILE B CG2 1 
ATOM 538 C CD1 . ILE B 1 6  ? 20.938  -13.743 -16.543 1.00 54.80  ? 6  ILE B CD1 1 
ATOM 539 N N   . GLU B 1 7  ? 20.911  -10.375 -11.937 1.00 69.98  ? 7  GLU B N   1 
ATOM 540 C CA  . GLU B 1 7  ? 20.192  -10.027 -10.726 1.00 71.96  ? 7  GLU B CA  1 
ATOM 541 C C   . GLU B 1 7  ? 20.031  -8.512  -10.635 1.00 67.22  ? 7  GLU B C   1 
ATOM 542 O O   . GLU B 1 7  ? 19.003  -8.004  -10.178 1.00 61.96  ? 7  GLU B O   1 
ATOM 543 C CB  . GLU B 1 7  ? 20.902  -10.584 -9.498  1.00 84.78  ? 7  GLU B CB  1 
ATOM 544 C CG  . GLU B 1 7  ? 20.014  -10.604 -8.263  1.00 104.30 ? 7  GLU B CG  1 
ATOM 545 C CD  . GLU B 1 7  ? 20.760  -11.015 -7.011  1.00 118.74 ? 7  GLU B CD  1 
ATOM 546 O OE1 . GLU B 1 7  ? 20.826  -12.234 -6.737  1.00 122.03 ? 7  GLU B OE1 1 
ATOM 547 O OE2 . GLU B 1 7  ? 21.280  -10.116 -6.306  1.00 127.13 ? 7  GLU B OE2 1 
ATOM 548 N N   . GLU B 1 8  ? 21.046  -7.801  -11.106 1.00 60.41  ? 8  GLU B N   1 
ATOM 549 C CA  . GLU B 1 8  ? 21.004  -6.347  -11.216 1.00 66.34  ? 8  GLU B CA  1 
ATOM 550 C C   . GLU B 1 8  ? 19.879  -5.840  -12.136 1.00 65.84  ? 8  GLU B C   1 
ATOM 551 O O   . GLU B 1 8  ? 19.306  -4.764  -11.917 1.00 51.95  ? 8  GLU B O   1 
ATOM 552 C CB  . GLU B 1 8  ? 22.363  -5.856  -11.702 1.00 67.14  ? 8  GLU B CB  1 
ATOM 553 C CG  . GLU B 1 8  ? 22.379  -4.459  -12.264 1.00 74.08  ? 8  GLU B CG  1 
ATOM 554 C CD  . GLU B 1 8  ? 23.761  -4.086  -12.766 1.00 94.05  ? 8  GLU B CD  1 
ATOM 555 O OE1 . GLU B 1 8  ? 24.133  -4.553  -13.866 1.00 89.65  ? 8  GLU B OE1 1 
ATOM 556 O OE2 . GLU B 1 8  ? 24.481  -3.349  -12.051 1.00 102.73 ? 8  GLU B OE2 1 
ATOM 557 N N   . ILE B 1 9  ? 19.575  -6.622  -13.169 1.00 64.55  ? 9  ILE B N   1 
ATOM 558 C CA  . ILE B 1 9  ? 18.473  -6.306  -14.065 1.00 55.95  ? 9  ILE B CA  1 
ATOM 559 C C   . ILE B 1 9  ? 17.171  -6.592  -13.331 1.00 58.41  ? 9  ILE B C   1 
ATOM 560 O O   . ILE B 1 9  ? 16.173  -5.898  -13.512 1.00 60.57  ? 9  ILE B O   1 
ATOM 561 C CB  . ILE B 1 9  ? 18.540  -7.114  -15.391 1.00 57.98  ? 9  ILE B CB  1 
ATOM 562 C CG1 . ILE B 1 9  ? 19.881  -6.891  -16.100 1.00 63.42  ? 9  ILE B CG1 1 
ATOM 563 C CG2 . ILE B 1 9  ? 17.398  -6.723  -16.319 1.00 51.01  ? 9  ILE B CG2 1 
ATOM 564 C CD1 . ILE B 1 9  ? 20.015  -7.617  -17.433 1.00 49.60  ? 9  ILE B CD1 1 
ATOM 565 N N   . ALA B 1 10 ? 17.191  -7.613  -12.485 1.00 59.20  ? 10 ALA B N   1 
ATOM 566 C CA  . ALA B 1 10 ? 16.022  -7.955  -11.697 1.00 56.60  ? 10 ALA B CA  1 
ATOM 567 C C   . ALA B 1 10 ? 15.666  -6.795  -10.756 1.00 47.75  ? 10 ALA B C   1 
ATOM 568 O O   . ALA B 1 10 ? 14.503  -6.439  -10.617 1.00 52.19  ? 10 ALA B O   1 
ATOM 569 C CB  . ALA B 1 10 ? 16.260  -9.244  -10.935 1.00 49.84  ? 10 ALA B CB  1 
ATOM 570 N N   . ALA B 1 11 ? 16.677  -6.202  -10.132 1.00 50.21  ? 11 ALA B N   1 
ATOM 571 C CA  . ALA B 1 11 ? 16.497  -5.012  -9.282  1.00 53.58  ? 11 ALA B CA  1 
ATOM 572 C C   . ALA B 1 11 ? 15.783  -3.843  -9.975  1.00 48.40  ? 11 ALA B C   1 
ATOM 573 O O   . ALA B 1 11 ? 14.828  -3.281  -9.433  1.00 50.21  ? 11 ALA B O   1 
ATOM 574 C CB  . ALA B 1 11 ? 17.837  -4.540  -8.736  1.00 31.28  ? 11 ALA B CB  1 
ATOM 575 N N   . LYS B 1 12 ? 16.263  -3.472  -11.160 1.00 47.05  ? 12 LYS B N   1 
ATOM 576 C CA  . LYS B 1 12 ? 15.650  -2.400  -11.944 1.00 52.56  ? 12 LYS B CA  1 
ATOM 577 C C   . LYS B 1 12 ? 14.191  -2.731  -12.273 1.00 51.94  ? 12 LYS B C   1 
ATOM 578 O O   . LYS B 1 12 ? 13.328  -1.846  -12.344 1.00 46.82  ? 12 LYS B O   1 
ATOM 579 C CB  . LYS B 1 12 ? 16.458  -2.111  -13.226 1.00 43.44  ? 12 LYS B CB  1 
ATOM 580 C CG  . LYS B 1 12 ? 17.955  -1.910  -12.961 1.00 74.71  ? 12 LYS B CG  1 
ATOM 581 C CD  . LYS B 1 12 ? 18.650  -1.012  -13.996 1.00 87.12  ? 12 LYS B CD  1 
ATOM 582 C CE  . LYS B 1 12 ? 20.147  -0.849  -13.652 1.00 100.01 ? 12 LYS B CE  1 
ATOM 583 N NZ  . LYS B 1 12 ? 20.897  0.125   -14.520 1.00 90.37  ? 12 LYS B NZ  1 
ATOM 584 N N   . TYR B 1 13 ? 13.917  -4.015  -12.455 1.00 46.44  ? 13 TYR B N   1 
ATOM 585 C CA  . TYR B 1 13 ? 12.563  -4.451  -12.708 1.00 49.01  ? 13 TYR B CA  1 
ATOM 586 C C   . TYR B 1 13 ? 11.735  -4.299  -11.444 1.00 53.51  ? 13 TYR B C   1 
ATOM 587 O O   . TYR B 1 13 ? 10.672  -3.673  -11.455 1.00 46.77  ? 13 TYR B O   1 
ATOM 588 C CB  . TYR B 1 13 ? 12.548  -5.902  -13.148 1.00 56.54  ? 13 TYR B CB  1 
ATOM 589 C CG  . TYR B 1 13 ? 11.156  -6.456  -13.186 1.00 61.66  ? 13 TYR B CG  1 
ATOM 590 C CD1 . TYR B 1 13 ? 10.289  -6.121  -14.223 1.00 63.35  ? 13 TYR B CD1 1 
ATOM 591 C CD2 . TYR B 1 13 ? 10.692  -7.291  -12.173 1.00 60.65  ? 13 TYR B CD2 1 
ATOM 592 C CE1 . TYR B 1 13 ? 8.999   -6.613  -14.269 1.00 61.70  ? 13 TYR B CE1 1 
ATOM 593 C CE2 . TYR B 1 13 ? 9.398   -7.793  -12.204 1.00 65.99  ? 13 TYR B CE2 1 
ATOM 594 C CZ  . TYR B 1 13 ? 8.556   -7.453  -13.259 1.00 76.61  ? 13 TYR B CZ  1 
ATOM 595 O OH  . TYR B 1 13 ? 7.268   -7.951  -13.306 1.00 86.89  ? 13 TYR B OH  1 
ATOM 596 N N   . LYS B 1 14 ? 12.232  -4.884  -10.356 1.00 51.80  ? 14 LYS B N   1 
ATOM 597 C CA  . LYS B 1 14 ? 11.577  -4.779  -9.062  1.00 49.73  ? 14 LYS B CA  1 
ATOM 598 C C   . LYS B 1 14 ? 11.326  -3.313  -8.708  1.00 46.73  ? 14 LYS B C   1 
ATOM 599 O O   . LYS B 1 14 ? 10.231  -2.954  -8.287  1.00 45.67  ? 14 LYS B O   1 
ATOM 600 C CB  . LYS B 1 14 ? 12.377  -5.513  -7.975  1.00 49.73  ? 14 LYS B CB  1 
ATOM 601 C CG  . LYS B 1 14 ? 12.232  -7.051  -8.031  1.00 61.84  ? 14 LYS B CG  1 
ATOM 602 C CD  . LYS B 1 14 ? 13.047  -7.785  -6.940  1.00 83.64  ? 14 LYS B CD  1 
ATOM 603 C CE  . LYS B 1 14 ? 12.948  -9.329  -7.057  1.00 81.65  ? 14 LYS B CE  1 
ATOM 604 N NZ  . LYS B 1 14 ? 13.340  -10.102 -5.812  1.00 65.67  ? 14 LYS B NZ  1 
ATOM 605 N N   . HIS B 1 15 ? 12.324  -2.463  -8.913  1.00 39.55  ? 15 HIS B N   1 
ATOM 606 C CA  . HIS B 1 15 ? 12.146  -1.041  -8.646  1.00 47.93  ? 15 HIS B CA  1 
ATOM 607 C C   . HIS B 1 15 ? 11.087  -0.423  -9.563  1.00 46.35  ? 15 HIS B C   1 
ATOM 608 O O   . HIS B 1 15 ? 10.360  0.500   -9.188  1.00 42.38  ? 15 HIS B O   1 
ATOM 609 C CB  . HIS B 1 15 ? 13.477  -0.283  -8.769  1.00 48.66  ? 15 HIS B CB  1 
ATOM 610 C CG  . HIS B 1 15 ? 13.311  1.188   -9.033  1.00 65.21  ? 15 HIS B CG  1 
ATOM 611 N ND1 . HIS B 1 15 ? 12.853  2.072   -8.079  1.00 65.26  ? 15 HIS B ND1 1 
ATOM 612 C CD2 . HIS B 1 15 ? 13.539  1.924   -10.151 1.00 67.21  ? 15 HIS B CD2 1 
ATOM 613 C CE1 . HIS B 1 15 ? 12.808  3.291   -8.596  1.00 76.90  ? 15 HIS B CE1 1 
ATOM 614 N NE2 . HIS B 1 15 ? 13.221  3.230   -9.851  1.00 63.32  ? 15 HIS B NE2 1 
ATOM 615 N N   . SER B 1 16 ? 11.014  -0.940  -10.778 1.00 45.64  ? 16 SER B N   1 
ATOM 616 C CA  . SER B 1 16 ? 10.107  -0.422  -11.783 1.00 42.43  ? 16 SER B CA  1 
ATOM 617 C C   . SER B 1 16 ? 8.656   -0.675  -11.370 1.00 42.30  ? 16 SER B C   1 
ATOM 618 O O   . SER B 1 16 ? 7.778   0.183   -11.523 1.00 36.85  ? 16 SER B O   1 
ATOM 619 C CB  . SER B 1 16 ? 10.402  -1.125  -13.105 1.00 44.69  ? 16 SER B CB  1 
ATOM 620 O OG  . SER B 1 16 ? 9.621   -0.591  -14.142 1.00 54.49  ? 16 SER B OG  1 
ATOM 621 N N   . VAL B 1 17 ? 8.426   -1.879  -10.863 1.00 36.08  ? 17 VAL B N   1 
ATOM 622 C CA  . VAL B 1 17 ? 7.130   -2.307  -10.367 1.00 47.43  ? 17 VAL B CA  1 
ATOM 623 C C   . VAL B 1 17 ? 6.653   -1.396  -9.238  1.00 42.74  ? 17 VAL B C   1 
ATOM 624 O O   . VAL B 1 17 ? 5.528   -0.871  -9.255  1.00 39.78  ? 17 VAL B O   1 
ATOM 625 C CB  . VAL B 1 17 ? 7.214   -3.757  -9.840  1.00 52.85  ? 17 VAL B CB  1 
ATOM 626 C CG1 . VAL B 1 17 ? 6.067   -4.051  -8.883  1.00 35.63  ? 17 VAL B CG1 1 
ATOM 627 C CG2 . VAL B 1 17 ? 7.268   -4.748  -11.004 1.00 34.89  ? 17 VAL B CG2 1 
ATOM 628 N N   . VAL B 1 18 ? 7.525   -1.208  -8.261  1.00 30.22  ? 18 VAL B N   1 
ATOM 629 C CA  . VAL B 1 18 ? 7.218   -0.333  -7.146  1.00 42.78  ? 18 VAL B CA  1 
ATOM 630 C C   . VAL B 1 18 ? 6.891   1.069   -7.628  1.00 32.73  ? 18 VAL B C   1 
ATOM 631 O O   . VAL B 1 18 ? 5.973   1.711   -7.127  1.00 35.96  ? 18 VAL B O   1 
ATOM 632 C CB  . VAL B 1 18 ? 8.389   -0.271  -6.142  1.00 43.37  ? 18 VAL B CB  1 
ATOM 633 C CG1 . VAL B 1 18 ? 8.107   0.766   -5.065  1.00 35.59  ? 18 VAL B CG1 1 
ATOM 634 C CG2 . VAL B 1 18 ? 8.610   -1.633  -5.528  1.00 37.74  ? 18 VAL B CG2 1 
ATOM 635 N N   . LYS B 1 19 ? 7.652   1.539   -8.603  1.00 35.16  ? 19 LYS B N   1 
ATOM 636 C CA  . LYS B 1 19 ? 7.459   2.869   -9.158  1.00 34.75  ? 19 LYS B CA  1 
ATOM 637 C C   . LYS B 1 19 ? 6.070   2.974   -9.779  1.00 36.99  ? 19 LYS B C   1 
ATOM 638 O O   . LYS B 1 19 ? 5.337   3.920   -9.496  1.00 32.34  ? 19 LYS B O   1 
ATOM 639 C CB  . LYS B 1 19 ? 8.550   3.153   -10.187 1.00 49.06  ? 19 LYS B CB  1 
ATOM 640 C CG  . LYS B 1 19 ? 8.767   4.605   -10.531 1.00 54.87  ? 19 LYS B CG  1 
ATOM 641 C CD  . LYS B 1 19 ? 9.932   4.733   -11.515 1.00 75.81  ? 19 LYS B CD  1 
ATOM 642 C CE  . LYS B 1 19 ? 9.904   6.085   -12.234 1.00 103.82 ? 19 LYS B CE  1 
ATOM 643 N NZ  . LYS B 1 19 ? 10.944  6.226   -13.310 1.00 92.69  ? 19 LYS B NZ  1 
ATOM 644 N N   . LYS B 1 20 ? 5.690   1.978   -10.586 1.00 36.73  ? 20 LYS B N   1 
ATOM 645 C CA  . LYS B 1 20 ? 4.389   2.003   -11.266 1.00 40.70  ? 20 LYS B CA  1 
ATOM 646 C C   . LYS B 1 20 ? 3.223   2.013   -10.286 1.00 37.70  ? 20 LYS B C   1 
ATOM 647 O O   . LYS B 1 20 ? 2.248   2.729   -10.484 1.00 30.63  ? 20 LYS B O   1 
ATOM 648 C CB  . LYS B 1 20 ? 4.223   0.828   -12.241 1.00 39.64  ? 20 LYS B CB  1 
ATOM 649 C CG  . LYS B 1 20 ? 5.120   0.870   -13.471 1.00 66.25  ? 20 LYS B CG  1 
ATOM 650 C CD  . LYS B 1 20 ? 4.586   1.818   -14.547 1.00 86.57  ? 20 LYS B CD  1 
ATOM 651 C CE  . LYS B 1 20 ? 5.357   1.637   -15.873 1.00 90.21  ? 20 LYS B CE  1 
ATOM 652 N NZ  . LYS B 1 20 ? 4.871   2.504   -17.010 1.00 75.82  ? 20 LYS B NZ  1 
ATOM 653 N N   . CYS B 1 21 ? 3.323   1.213   -9.232  1.00 36.53  ? 21 CYS B N   1 
ATOM 654 C CA  . CYS B 1 21 ? 2.211   1.053   -8.309  1.00 37.49  ? 21 CYS B CA  1 
ATOM 655 C C   . CYS B 1 21 ? 2.018   2.304   -7.468  1.00 36.76  ? 21 CYS B C   1 
ATOM 656 O O   . CYS B 1 21 ? 0.891   2.740   -7.236  1.00 35.98  ? 21 CYS B O   1 
ATOM 657 C CB  . CYS B 1 21 ? 2.416   -0.188  -7.446  1.00 34.23  ? 21 CYS B CB  1 
ATOM 658 S SG  . CYS B 1 21 ? 2.536   -1.696  -8.457  1.00 40.22  ? 21 CYS B SG  1 
ATOM 659 N N   . CYS B 1 22 ? 3.122   2.885   -7.025  1.00 32.52  ? 22 CYS B N   1 
ATOM 660 C CA  . CYS B 1 22 ? 3.056   4.145   -6.312  1.00 35.71  ? 22 CYS B CA  1 
ATOM 661 C C   . CYS B 1 22 ? 2.402   5.222   -7.176  1.00 39.00  ? 22 CYS B C   1 
ATOM 662 O O   . CYS B 1 22 ? 1.428   5.862   -6.753  1.00 33.12  ? 22 CYS B O   1 
ATOM 663 C CB  . CYS B 1 22 ? 4.451   4.587   -5.918  1.00 37.29  ? 22 CYS B CB  1 
ATOM 664 S SG  . CYS B 1 22 ? 4.474   6.192   -5.214  1.00 30.22  ? 22 CYS B SG  1 
ATOM 665 N N   . TYR B 1 23 ? 2.939   5.404   -8.382  1.00 34.00  ? 23 TYR B N   1 
ATOM 666 C CA  . TYR B 1 23 ? 2.361   6.321   -9.357  1.00 35.21  ? 23 TYR B CA  1 
ATOM 667 C C   . TYR B 1 23 ? 0.856   6.107   -9.552  1.00 36.18  ? 23 TYR B C   1 
ATOM 668 O O   . TYR B 1 23 ? 0.091   7.074   -9.543  1.00 36.63  ? 23 TYR B O   1 
ATOM 669 C CB  . TYR B 1 23 ? 3.109   6.235   -10.697 1.00 33.04  ? 23 TYR B CB  1 
ATOM 670 C CG  . TYR B 1 23 ? 2.535   7.147   -11.759 1.00 47.31  ? 23 TYR B CG  1 
ATOM 671 C CD1 . TYR B 1 23 ? 1.559   6.687   -12.655 1.00 47.75  ? 23 TYR B CD1 1 
ATOM 672 C CD2 . TYR B 1 23 ? 2.951   8.477   -11.861 1.00 51.90  ? 23 TYR B CD2 1 
ATOM 673 C CE1 . TYR B 1 23 ? 1.018   7.525   -13.623 1.00 51.00  ? 23 TYR B CE1 1 
ATOM 674 C CE2 . TYR B 1 23 ? 2.420   9.324   -12.825 1.00 44.95  ? 23 TYR B CE2 1 
ATOM 675 C CZ  . TYR B 1 23 ? 1.453   8.842   -13.704 1.00 54.89  ? 23 TYR B CZ  1 
ATOM 676 O OH  . TYR B 1 23 ? 0.917   9.673   -14.668 1.00 57.63  ? 23 TYR B OH  1 
ATOM 677 N N   . ASP B 1 24 ? 0.436   4.850   -9.724  1.00 32.62  ? 24 ASP B N   1 
ATOM 678 C CA  . ASP B 1 24 ? -0.981  4.544   -9.932  1.00 32.69  ? 24 ASP B CA  1 
ATOM 679 C C   . ASP B 1 24 ? -1.822  4.947   -8.738  1.00 38.55  ? 24 ASP B C   1 
ATOM 680 O O   . ASP B 1 24 ? -2.902  5.494   -8.896  1.00 39.09  ? 24 ASP B O   1 
ATOM 681 C CB  . ASP B 1 24 ? -1.210  3.062   -10.200 1.00 34.31  ? 24 ASP B CB  1 
ATOM 682 C CG  . ASP B 1 24 ? -0.748  2.633   -11.586 1.00 52.04  ? 24 ASP B CG  1 
ATOM 683 O OD1 . ASP B 1 24 ? -0.507  3.520   -12.444 1.00 50.31  ? 24 ASP B OD1 1 
ATOM 684 O OD2 . ASP B 1 24 ? -0.627  1.404   -11.817 1.00 46.09  ? 24 ASP B OD2 1 
ATOM 685 N N   . GLY B 1 25 ? -1.327  4.641   -7.541  1.00 39.45  ? 25 GLY B N   1 
ATOM 686 C CA  . GLY B 1 25 ? -1.993  5.022   -6.313  1.00 36.80  ? 25 GLY B CA  1 
ATOM 687 C C   . GLY B 1 25 ? -2.112  6.529   -6.183  1.00 36.73  ? 25 GLY B C   1 
ATOM 688 O O   . GLY B 1 25 ? -3.109  7.025   -5.683  1.00 38.04  ? 25 GLY B O   1 
ATOM 689 N N   . ALA B 1 26 ? -1.097  7.255   -6.635  1.00 35.93  ? 26 ALA B N   1 
ATOM 690 C CA  . ALA B 1 26 ? -1.097  8.710   -6.537  1.00 42.27  ? 26 ALA B CA  1 
ATOM 691 C C   . ALA B 1 26 ? -2.003  9.429   -7.560  1.00 50.64  ? 26 ALA B C   1 
ATOM 692 O O   . ALA B 1 26 ? -2.329  10.591  -7.359  1.00 50.84  ? 26 ALA B O   1 
ATOM 693 C CB  . ALA B 1 26 ? 0.319   9.253   -6.598  1.00 33.50  ? 26 ALA B CB  1 
ATOM 694 N N   . CYS B 1 27 ? -2.404  8.759   -8.646  1.00 52.32  ? 27 CYS B N   1 
ATOM 695 C CA  . CYS B 1 27 ? -3.311  9.390   -9.619  1.00 59.04  ? 27 CYS B CA  1 
ATOM 696 C C   . CYS B 1 27 ? -4.769  9.404   -9.147  1.00 69.11  ? 27 CYS B C   1 
ATOM 697 O O   . CYS B 1 27 ? -5.276  8.396   -8.644  1.00 63.58  ? 27 CYS B O   1 
ATOM 698 C CB  . CYS B 1 27 ? -3.168  8.786   -11.015 1.00 53.13  ? 27 CYS B CB  1 
ATOM 699 S SG  . CYS B 1 27 ? -1.830  9.566   -11.945 1.00 70.59  ? 27 CYS B SG  1 
ATOM 700 N N   . VAL B 1 28 ? -5.422  10.565  -9.296  1.00 80.90  ? 28 VAL B N   1 
ATOM 701 C CA  . VAL B 1 28 ? -6.744  10.820  -8.702  1.00 82.65  ? 28 VAL B CA  1 
ATOM 702 C C   . VAL B 1 28 ? -7.808  9.845   -9.171  1.00 89.94  ? 28 VAL B C   1 
ATOM 703 O O   . VAL B 1 28 ? -7.766  9.332   -10.291 1.00 91.98  ? 28 VAL B O   1 
ATOM 704 C CB  . VAL B 1 28 ? -7.282  12.245  -9.010  1.00 86.45  ? 28 VAL B CB  1 
ATOM 705 C CG1 . VAL B 1 28 ? -8.527  12.548  -8.166  1.00 76.74  ? 28 VAL B CG1 1 
ATOM 706 C CG2 . VAL B 1 28 ? -6.213  13.301  -8.771  1.00 88.64  ? 28 VAL B CG2 1 
ATOM 707 N N   . ASN B 1 29 ? -8.778  9.608   -8.301  1.00 89.35  ? 29 ASN B N   1 
ATOM 708 C CA  . ASN B 1 29 ? -9.932  8.816   -8.654  1.00 92.76  ? 29 ASN B CA  1 
ATOM 709 C C   . ASN B 1 29 ? -10.972 9.099   -7.595  1.00 95.94  ? 29 ASN B C   1 
ATOM 710 O O   . ASN B 1 29 ? -11.152 8.313   -6.671  1.00 100.52 ? 29 ASN B O   1 
ATOM 711 C CB  . ASN B 1 29 ? -9.560  7.334   -8.686  1.00 85.80  ? 29 ASN B CB  1 
ATOM 712 C CG  . ASN B 1 29 ? -10.651 6.471   -9.278  1.00 88.36  ? 29 ASN B CG  1 
ATOM 713 O OD1 . ASN B 1 29 ? -11.824 6.599   -8.929  1.00 91.17  ? 29 ASN B OD1 1 
ATOM 714 N ND2 . ASN B 1 29 ? -10.265 5.574   -10.172 1.00 87.51  ? 29 ASN B ND2 1 
ATOM 715 N N   . ASN B 1 30 ? -11.629 10.250  -7.714  1.00 97.95  ? 30 ASN B N   1 
ATOM 716 C CA  . ASN B 1 30 ? -12.560 10.704  -6.684  1.00 103.55 ? 30 ASN B CA  1 
ATOM 717 C C   . ASN B 1 30 ? -13.678 9.710   -6.454  1.00 100.88 ? 30 ASN B C   1 
ATOM 718 O O   . ASN B 1 30 ? -14.280 9.649   -5.370  1.00 95.95  ? 30 ASN B O   1 
ATOM 719 C CB  . ASN B 1 30 ? -13.131 12.074  -7.031  1.00 106.63 ? 30 ASN B CB  1 
ATOM 720 C CG  . ASN B 1 30 ? -12.130 13.185  -6.812  1.00 113.05 ? 30 ASN B CG  1 
ATOM 721 O OD1 . ASN B 1 30 ? -11.478 13.256  -5.764  1.00 105.46 ? 30 ASN B OD1 1 
ATOM 722 N ND2 . ASN B 1 30 ? -11.995 14.058  -7.802  1.00 121.26 ? 30 ASN B ND2 1 
ATOM 723 N N   . ASP B 1 31 ? -13.940 8.921   -7.486  1.00 89.65  ? 31 ASP B N   1 
ATOM 724 C CA  . ASP B 1 31 ? -14.940 7.884   -7.383  1.00 98.75  ? 31 ASP B CA  1 
ATOM 725 C C   . ASP B 1 31 ? -14.633 6.929   -6.226  1.00 95.24  ? 31 ASP B C   1 
ATOM 726 O O   . ASP B 1 31 ? -15.545 6.501   -5.511  1.00 94.31  ? 31 ASP B O   1 
ATOM 727 C CB  . ASP B 1 31 ? -15.043 7.134   -8.707  1.00 94.89  ? 31 ASP B CB  1 
ATOM 728 C CG  . ASP B 1 31 ? -15.350 8.056   -9.861  1.00 100.68 ? 31 ASP B CG  1 
ATOM 729 O OD1 . ASP B 1 31 ? -16.098 9.033   -9.651  1.00 103.44 ? 31 ASP B OD1 1 
ATOM 730 O OD2 . ASP B 1 31 ? -14.838 7.815   -10.970 1.00 102.52 ? 31 ASP B OD2 1 
ATOM 731 N N   . GLU B 1 32 ? -13.354 6.617   -6.023  1.00 82.51  ? 32 GLU B N   1 
ATOM 732 C CA  . GLU B 1 32 ? -12.998 5.566   -5.071  1.00 74.04  ? 32 GLU B CA  1 
ATOM 733 C C   . GLU B 1 32 ? -11.955 5.918   -4.012  1.00 65.79  ? 32 GLU B C   1 
ATOM 734 O O   . GLU B 1 32 ? -11.051 6.720   -4.243  1.00 59.29  ? 32 GLU B O   1 
ATOM 735 C CB  . GLU B 1 32 ? -12.559 4.323   -5.826  1.00 72.84  ? 32 GLU B CB  1 
ATOM 736 C CG  . GLU B 1 32 ? -13.605 3.814   -6.778  1.00 78.51  ? 32 GLU B CG  1 
ATOM 737 C CD  . GLU B 1 32 ? -13.087 2.686   -7.616  1.00 86.63  ? 32 GLU B CD  1 
ATOM 738 O OE1 . GLU B 1 32 ? -12.885 1.596   -7.040  1.00 79.97  ? 32 GLU B OE1 1 
ATOM 739 O OE2 . GLU B 1 32 ? -12.868 2.897   -8.834  1.00 85.25  ? 32 GLU B OE2 1 
ATOM 740 N N   . THR B 1 33 ? -12.097 5.299   -2.844  1.00 57.20  ? 33 THR B N   1 
ATOM 741 C CA  . THR B 1 33 ? -11.097 5.423   -1.800  1.00 52.95  ? 33 THR B CA  1 
ATOM 742 C C   . THR B 1 33 ? -9.869  4.559   -2.110  1.00 53.41  ? 33 THR B C   1 
ATOM 743 O O   . THR B 1 33 ? -9.926  3.635   -2.933  1.00 46.43  ? 33 THR B O   1 
ATOM 744 C CB  . THR B 1 33 ? -11.656 5.069   -0.414  1.00 55.87  ? 33 THR B CB  1 
ATOM 745 O OG1 . THR B 1 33 ? -12.015 3.681   -0.363  1.00 45.25  ? 33 THR B OG1 1 
ATOM 746 C CG2 . THR B 1 33 ? -12.859 5.944   -0.101  1.00 53.41  ? 33 THR B CG2 1 
ATOM 747 N N   . CYS B 1 34 ? -8.756  4.880   -1.455  1.00 45.73  ? 34 CYS B N   1 
ATOM 748 C CA  . CYS B 1 34 ? -7.514  4.145   -1.644  1.00 39.83  ? 34 CYS B CA  1 
ATOM 749 C C   . CYS B 1 34 ? -7.717  2.687   -1.319  1.00 40.53  ? 34 CYS B C   1 
ATOM 750 O O   . CYS B 1 34 ? -7.327  1.807   -2.093  1.00 37.06  ? 34 CYS B O   1 
ATOM 751 C CB  . CYS B 1 34 ? -6.420  4.724   -0.755  1.00 32.72  ? 34 CYS B CB  1 
ATOM 752 S SG  . CYS B 1 34 ? -5.888  6.369   -1.291  1.00 28.61  ? 34 CYS B SG  1 
ATOM 753 N N   . GLU B 1 35 ? -8.337  2.466   -0.161  1.00 36.04  ? 35 GLU B N   1 
ATOM 754 C CA  . GLU B 1 35 ? -8.704  1.143   0.332   1.00 44.55  ? 35 GLU B CA  1 
ATOM 755 C C   . GLU B 1 35 ? -9.510  0.343   -0.695  1.00 43.46  ? 35 GLU B C   1 
ATOM 756 O O   . GLU B 1 35 ? -9.276  -0.837  -0.913  1.00 44.09  ? 35 GLU B O   1 
ATOM 757 C CB  . GLU B 1 35 ? -9.506  1.301   1.610   1.00 44.12  ? 35 GLU B CB  1 
ATOM 758 C CG  . GLU B 1 35 ? -9.666  0.039   2.434   1.00 50.93  ? 35 GLU B CG  1 
ATOM 759 C CD  . GLU B 1 35 ? -10.345 0.319   3.787   1.00 74.66  ? 35 GLU B CD  1 
ATOM 760 O OE1 . GLU B 1 35 ? -10.934 1.423   3.934   1.00 67.05  ? 35 GLU B OE1 1 
ATOM 761 O OE2 . GLU B 1 35 ? -10.291 -0.552  4.700   1.00 65.92  ? 35 GLU B OE2 1 
ATOM 762 N N   . GLN B 1 36 ? -10.442 0.996   -1.357  1.00 40.60  ? 36 GLN B N   1 
ATOM 763 C CA  . GLN B 1 36 ? -11.241 0.291   -2.343  1.00 47.64  ? 36 GLN B CA  1 
ATOM 764 C C   . GLN B 1 36 ? -10.446 -0.090  -3.575  1.00 50.96  ? 36 GLN B C   1 
ATOM 765 O O   . GLN B 1 36 ? -10.562 -1.211  -4.065  1.00 49.86  ? 36 GLN B O   1 
ATOM 766 C CB  . GLN B 1 36 ? -12.450 1.114   -2.752  1.00 49.88  ? 36 GLN B CB  1 
ATOM 767 C CG  . GLN B 1 36 ? -13.424 1.318   -1.626  1.00 63.85  ? 36 GLN B CG  1 
ATOM 768 C CD  . GLN B 1 36 ? -14.341 2.503   -1.873  1.00 73.53  ? 36 GLN B CD  1 
ATOM 769 O OE1 . GLN B 1 36 ? -13.972 3.453   -2.571  1.00 71.22  ? 36 GLN B OE1 1 
ATOM 770 N NE2 . GLN B 1 36 ? -15.537 2.456   -1.295  1.00 75.93  ? 36 GLN B NE2 1 
ATOM 771 N N   . ARG B 1 37 ? -9.650  0.839   -4.090  1.00 42.67  ? 37 ARG B N   1 
ATOM 772 C CA  . ARG B 1 37 ? -8.876  0.547   -5.278  1.00 37.74  ? 37 ARG B CA  1 
ATOM 773 C C   . ARG B 1 37 ? -7.838  -0.556  -5.012  1.00 44.98  ? 37 ARG B C   1 
ATOM 774 O O   . ARG B 1 37 ? -7.673  -1.480  -5.815  1.00 46.56  ? 37 ARG B O   1 
ATOM 775 C CB  . ARG B 1 37 ? -8.223  1.810   -5.821  1.00 41.28  ? 37 ARG B CB  1 
ATOM 776 C CG  . ARG B 1 37 ? -9.201  2.921   -6.191  1.00 51.96  ? 37 ARG B CG  1 
ATOM 777 C CD  . ARG B 1 37 ? -8.527  4.293   -6.207  1.00 49.80  ? 37 ARG B CD  1 
ATOM 778 N NE  . ARG B 1 37 ? -7.413  4.323   -7.147  1.00 55.52  ? 37 ARG B NE  1 
ATOM 779 C CZ  . ARG B 1 37 ? -6.565  5.337   -7.288  1.00 56.88  ? 37 ARG B CZ  1 
ATOM 780 N NH1 . ARG B 1 37 ? -6.704  6.444   -6.558  1.00 68.07  ? 37 ARG B NH1 1 
ATOM 781 N NH2 . ARG B 1 37 ? -5.583  5.246   -8.174  1.00 47.46  ? 37 ARG B NH2 1 
ATOM 782 N N   . ALA B 1 38 ? -7.164  -0.468  -3.871  1.00 39.00  ? 38 ALA B N   1 
ATOM 783 C CA  . ALA B 1 38 ? -6.108  -1.411  -3.515  1.00 43.39  ? 38 ALA B CA  1 
ATOM 784 C C   . ALA B 1 38 ? -6.627  -2.844  -3.385  1.00 47.54  ? 38 ALA B C   1 
ATOM 785 O O   . ALA B 1 38 ? -5.935  -3.816  -3.736  1.00 40.48  ? 38 ALA B O   1 
ATOM 786 C CB  . ALA B 1 38 ? -5.426  -0.979  -2.222  1.00 36.34  ? 38 ALA B CB  1 
ATOM 787 N N   . ALA B 1 39 ? -7.853  -2.960  -2.884  1.00 48.78  ? 39 ALA B N   1 
ATOM 788 C CA  . ALA B 1 39 ? -8.508  -4.248  -2.712  1.00 41.69  ? 39 ALA B CA  1 
ATOM 789 C C   . ALA B 1 39 ? -8.524  -5.056  -4.001  1.00 44.57  ? 39 ALA B C   1 
ATOM 790 O O   . ALA B 1 39 ? -8.391  -6.268  -3.974  1.00 47.78  ? 39 ALA B O   1 
ATOM 791 C CB  . ALA B 1 39 ? -9.926  -4.031  -2.211  1.00 40.87  ? 39 ALA B CB  1 
ATOM 792 N N   . ARG B 1 40 ? -8.695  -4.377  -5.128  1.00 44.69  ? 40 ARG B N   1 
ATOM 793 C CA  . ARG B 1 40 ? -8.801  -5.039  -6.423  1.00 45.55  ? 40 ARG B CA  1 
ATOM 794 C C   . ARG B 1 40 ? -7.480  -5.479  -7.007  1.00 46.01  ? 40 ARG B C   1 
ATOM 795 O O   . ARG B 1 40 ? -7.454  -6.242  -7.959  1.00 59.28  ? 40 ARG B O   1 
ATOM 796 C CB  . ARG B 1 40 ? -9.462  -4.114  -7.426  1.00 49.02  ? 40 ARG B CB  1 
ATOM 797 C CG  . ARG B 1 40 ? -10.819 -3.648  -7.008  1.00 60.10  ? 40 ARG B CG  1 
ATOM 798 C CD  . ARG B 1 40 ? -11.248 -2.545  -7.911  1.00 75.85  ? 40 ARG B CD  1 
ATOM 799 N NE  . ARG B 1 40 ? -12.585 -2.093  -7.581  1.00 96.46  ? 40 ARG B NE  1 
ATOM 800 C CZ  . ARG B 1 40 ? -13.137 -1.011  -8.111  1.00 109.16 ? 40 ARG B CZ  1 
ATOM 801 N NH1 . ARG B 1 40 ? -12.443 -0.284  -8.988  1.00 105.09 ? 40 ARG B NH1 1 
ATOM 802 N NH2 . ARG B 1 40 ? -14.371 -0.660  -7.764  1.00 104.51 ? 40 ARG B NH2 1 
ATOM 803 N N   . ILE B 1 41 ? -6.377  -4.984  -6.470  1.00 41.25  ? 41 ILE B N   1 
ATOM 804 C CA  . ILE B 1 41 ? -5.083  -5.369  -7.005  1.00 50.81  ? 41 ILE B CA  1 
ATOM 805 C C   . ILE B 1 41 ? -4.809  -6.874  -6.885  1.00 43.64  ? 41 ILE B C   1 
ATOM 806 O O   . ILE B 1 41 ? -4.975  -7.488  -5.829  1.00 40.63  ? 41 ILE B O   1 
ATOM 807 C CB  . ILE B 1 41 ? -3.947  -4.535  -6.383  1.00 50.34  ? 41 ILE B CB  1 
ATOM 808 C CG1 . ILE B 1 41 ? -4.081  -3.083  -6.856  1.00 45.88  ? 41 ILE B CG1 1 
ATOM 809 C CG2 . ILE B 1 41 ? -2.581  -5.125  -6.755  1.00 37.93  ? 41 ILE B CG2 1 
ATOM 810 C CD1 . ILE B 1 41 ? -3.561  -2.054  -5.886  1.00 39.85  ? 41 ILE B CD1 1 
ATOM 811 N N   . SER B 1 42 ? -4.381  -7.464  -7.986  1.00 47.23  ? 42 SER B N   1 
ATOM 812 C CA  . SER B 1 42 ? -4.081  -8.884  -7.985  1.00 59.80  ? 42 SER B CA  1 
ATOM 813 C C   . SER B 1 42 ? -2.593  -9.161  -8.177  1.00 50.23  ? 42 SER B C   1 
ATOM 814 O O   . SER B 1 42 ? -2.186  -10.309 -8.298  1.00 59.80  ? 42 SER B O   1 
ATOM 815 C CB  . SER B 1 42 ? -4.930  -9.632  -9.022  1.00 54.50  ? 42 SER B CB  1 
ATOM 816 O OG  . SER B 1 42 ? -4.990  -8.921  -10.243 1.00 72.29  ? 42 SER B OG  1 
ATOM 817 N N   . LEU B 1 43 ? -1.783  -8.113  -8.191  1.00 41.41  ? 43 LEU B N   1 
ATOM 818 C CA  . LEU B 1 43 ? -0.344  -8.287  -8.151  1.00 35.23  ? 43 LEU B CA  1 
ATOM 819 C C   . LEU B 1 43 ? 0.098   -8.469  -6.698  1.00 42.43  ? 43 LEU B C   1 
ATOM 820 O O   . LEU B 1 43 ? -0.747  -8.513  -5.791  1.00 46.14  ? 43 LEU B O   1 
ATOM 821 C CB  . LEU B 1 43 ? 0.361   -7.099  -8.789  1.00 36.58  ? 43 LEU B CB  1 
ATOM 822 C CG  . LEU B 1 43 ? -0.263  -6.644  -10.103 1.00 46.85  ? 43 LEU B CG  1 
ATOM 823 C CD1 . LEU B 1 43 ? 0.546   -5.517  -10.711 1.00 40.88  ? 43 LEU B CD1 1 
ATOM 824 C CD2 . LEU B 1 43 ? -0.375  -7.788  -11.085 1.00 49.35  ? 43 LEU B CD2 1 
ATOM 825 N N   . GLY B 1 44 ? 1.412   -8.569  -6.487  1.00 39.08  ? 44 GLY B N   1 
ATOM 826 C CA  . GLY B 1 44 ? 1.962   -8.941  -5.200  1.00 40.74  ? 44 GLY B CA  1 
ATOM 827 C C   . GLY B 1 44 ? 1.956   -7.861  -4.144  1.00 44.33  ? 44 GLY B C   1 
ATOM 828 O O   . GLY B 1 44 ? 1.582   -6.732  -4.413  1.00 37.42  ? 44 GLY B O   1 
ATOM 829 N N   . PRO B 1 45 ? 2.373   -8.220  -2.921  1.00 52.94  ? 45 PRO B N   1 
ATOM 830 C CA  . PRO B 1 45 ? 2.444   -7.311  -1.774  1.00 42.37  ? 45 PRO B CA  1 
ATOM 831 C C   . PRO B 1 45 ? 3.253   -6.074  -2.094  1.00 37.98  ? 45 PRO B C   1 
ATOM 832 O O   . PRO B 1 45 ? 2.879   -4.980  -1.688  1.00 37.95  ? 45 PRO B O   1 
ATOM 833 C CB  . PRO B 1 45 ? 3.182   -8.140  -0.727  1.00 44.28  ? 45 PRO B CB  1 
ATOM 834 C CG  . PRO B 1 45 ? 2.861   -9.542  -1.080  1.00 48.44  ? 45 PRO B CG  1 
ATOM 835 C CD  . PRO B 1 45 ? 2.811   -9.582  -2.569  1.00 46.95  ? 45 PRO B CD  1 
ATOM 836 N N   . ARG B 1 46 ? 4.350   -6.266  -2.820  1.00 43.02  ? 46 ARG B N   1 
ATOM 837 C CA  . ARG B 1 46 ? 5.253   -5.179  -3.194  1.00 42.16  ? 46 ARG B CA  1 
ATOM 838 C C   . ARG B 1 46 ? 4.504   -4.037  -3.892  1.00 38.37  ? 46 ARG B C   1 
ATOM 839 O O   . ARG B 1 46 ? 4.566   -2.881  -3.460  1.00 37.00  ? 46 ARG B O   1 
ATOM 840 C CB  . ARG B 1 46 ? 6.388   -5.701  -4.086  1.00 42.91  ? 46 ARG B CB  1 
ATOM 841 C CG  . ARG B 1 46 ? 7.437   -4.647  -4.445  1.00 61.67  ? 46 ARG B CG  1 
ATOM 842 C CD  . ARG B 1 46 ? 8.401   -5.077  -5.567  1.00 66.03  ? 46 ARG B CD  1 
ATOM 843 N NE  . ARG B 1 46 ? 9.018   -6.385  -5.331  1.00 83.35  ? 46 ARG B NE  1 
ATOM 844 C CZ  . ARG B 1 46 ? 10.051  -6.605  -4.518  1.00 87.15  ? 46 ARG B CZ  1 
ATOM 845 N NH1 . ARG B 1 46 ? 10.593  -5.597  -3.844  1.00 71.37  ? 46 ARG B NH1 1 
ATOM 846 N NH2 . ARG B 1 46 ? 10.538  -7.838  -4.376  1.00 93.97  ? 46 ARG B NH2 1 
ATOM 847 N N   . CYS B 1 47 ? 3.814   -4.370  -4.980  1.00 33.39  ? 47 CYS B N   1 
ATOM 848 C CA  . CYS B 1 47 ? 2.934   -3.443  -5.676  1.00 30.62  ? 47 CYS B CA  1 
ATOM 849 C C   . CYS B 1 47 ? 1.854   -2.875  -4.760  1.00 35.99  ? 47 CYS B C   1 
ATOM 850 O O   . CYS B 1 47 ? 1.607   -1.672  -4.745  1.00 39.16  ? 47 CYS B O   1 
ATOM 851 C CB  . CYS B 1 47 ? 2.262   -4.146  -6.851  1.00 32.86  ? 47 CYS B CB  1 
ATOM 852 S SG  . CYS B 1 47 ? 1.187   -3.083  -7.845  1.00 37.93  ? 47 CYS B SG  1 
ATOM 853 N N   . ILE B 1 48 ? 1.215   -3.759  -4.007  1.00 34.69  ? 48 ILE B N   1 
ATOM 854 C CA  . ILE B 1 48 ? 0.165   -3.412  -3.062  1.00 34.12  ? 48 ILE B CA  1 
ATOM 855 C C   . ILE B 1 48 ? 0.621   -2.391  -2.013  1.00 35.05  ? 48 ILE B C   1 
ATOM 856 O O   . ILE B 1 48 ? -0.062  -1.394  -1.774  1.00 30.86  ? 48 ILE B O   1 
ATOM 857 C CB  . ILE B 1 48 ? -0.388  -4.695  -2.383  1.00 39.17  ? 48 ILE B CB  1 
ATOM 858 C CG1 . ILE B 1 48 ? -1.059  -5.588  -3.426  1.00 41.69  ? 48 ILE B CG1 1 
ATOM 859 C CG2 . ILE B 1 48 ? -1.349  -4.374  -1.244  1.00 28.57  ? 48 ILE B CG2 1 
ATOM 860 C CD1 . ILE B 1 48 ? -1.367  -6.973  -2.919  1.00 38.13  ? 48 ILE B CD1 1 
ATOM 861 N N   . LYS B 1 49 ? 1.771   -2.636  -1.395  1.00 35.05  ? 49 LYS B N   1 
ATOM 862 C CA  . LYS B 1 49 ? 2.296   -1.715  -0.393  1.00 35.21  ? 49 LYS B CA  1 
ATOM 863 C C   . LYS B 1 49 ? 2.627   -0.344  -0.986  1.00 34.46  ? 49 LYS B C   1 
ATOM 864 O O   . LYS B 1 49 ? 2.267   0.677   -0.414  1.00 31.32  ? 49 LYS B O   1 
ATOM 865 C CB  . LYS B 1 49 ? 3.501   -2.314  0.324   1.00 29.29  ? 49 LYS B CB  1 
ATOM 866 C CG  . LYS B 1 49 ? 3.117   -3.484  1.188   1.00 40.46  ? 49 LYS B CG  1 
ATOM 867 C CD  . LYS B 1 49 ? 4.297   -4.050  1.931   1.00 41.64  ? 49 LYS B CD  1 
ATOM 868 C CE  . LYS B 1 49 ? 4.939   -5.168  1.161   1.00 44.88  ? 49 LYS B CE  1 
ATOM 869 N NZ  . LYS B 1 49 ? 5.761   -5.988  2.068   1.00 54.04  ? 49 LYS B NZ  1 
ATOM 870 N N   . ALA B 1 50 ? 3.289   -0.331  -2.143  1.00 32.03  ? 50 ALA B N   1 
ATOM 871 C CA  . ALA B 1 50 ? 3.681   0.918   -2.779  1.00 30.75  ? 50 ALA B CA  1 
ATOM 872 C C   . ALA B 1 50 ? 2.455   1.710   -3.214  1.00 33.48  ? 50 ALA B C   1 
ATOM 873 O O   . ALA B 1 50 ? 2.380   2.926   -3.020  1.00 35.38  ? 50 ALA B O   1 
ATOM 874 C CB  . ALA B 1 50 ? 4.610   0.661   -3.962  1.00 30.05  ? 50 ALA B CB  1 
ATOM 875 N N   . PHE B 1 51 ? 1.489   1.013   -3.794  1.00 29.41  ? 51 PHE B N   1 
ATOM 876 C CA  . PHE B 1 51 ? 0.248   1.647   -4.197  1.00 32.14  ? 51 PHE B CA  1 
ATOM 877 C C   . PHE B 1 51 ? -0.433  2.296   -2.995  1.00 32.87  ? 51 PHE B C   1 
ATOM 878 O O   . PHE B 1 51 ? -0.915  3.429   -3.075  1.00 30.86  ? 51 PHE B O   1 
ATOM 879 C CB  . PHE B 1 51 ? -0.677  0.611   -4.835  1.00 33.76  ? 51 PHE B CB  1 
ATOM 880 C CG  . PHE B 1 51 ? -2.022  1.153   -5.251  1.00 31.88  ? 51 PHE B CG  1 
ATOM 881 C CD1 . PHE B 1 51 ? -2.253  1.526   -6.561  1.00 35.90  ? 51 PHE B CD1 1 
ATOM 882 C CD2 . PHE B 1 51 ? -3.062  1.255   -4.339  1.00 32.75  ? 51 PHE B CD2 1 
ATOM 883 C CE1 . PHE B 1 51 ? -3.483  2.007   -6.950  1.00 35.49  ? 51 PHE B CE1 1 
ATOM 884 C CE2 . PHE B 1 51 ? -4.289  1.742   -4.723  1.00 40.05  ? 51 PHE B CE2 1 
ATOM 885 C CZ  . PHE B 1 51 ? -4.500  2.120   -6.027  1.00 36.57  ? 51 PHE B CZ  1 
ATOM 886 N N   . THR B 1 52 ? -0.445  1.568   -1.882  1.00 32.89  ? 52 THR B N   1 
ATOM 887 C CA  . THR B 1 52 ? -1.174  1.977   -0.694  1.00 32.34  ? 52 THR B CA  1 
ATOM 888 C C   . THR B 1 52 ? -0.517  3.155   -0.039  1.00 26.69  ? 52 THR B C   1 
ATOM 889 O O   . THR B 1 52 ? -1.177  4.160   0.232   1.00 29.95  ? 52 THR B O   1 
ATOM 890 C CB  . THR B 1 52 ? -1.323  0.830   0.325   1.00 30.65  ? 52 THR B CB  1 
ATOM 891 O OG1 . THR B 1 52 ? -1.993  -0.258  -0.303  1.00 28.33  ? 52 THR B OG1 1 
ATOM 892 C CG2 . THR B 1 52 ? -2.129  1.266   1.543   1.00 22.42  ? 52 THR B CG2 1 
ATOM 893 N N   . GLU B 1 53 ? 0.783   3.040   0.206   1.00 29.72  ? 53 GLU B N   1 
ATOM 894 C CA  . GLU B 1 53 ? 1.532   4.136   0.813   1.00 31.16  ? 53 GLU B CA  1 
ATOM 895 C C   . GLU B 1 53 ? 1.345   5.424   0.010   1.00 33.74  ? 53 GLU B C   1 
ATOM 896 O O   . GLU B 1 53 ? 1.087   6.479   0.594   1.00 28.83  ? 53 GLU B O   1 
ATOM 897 C CB  . GLU B 1 53 ? 3.017   3.809   0.951   1.00 30.67  ? 53 GLU B CB  1 
ATOM 898 C CG  . GLU B 1 53 ? 3.379   2.620   1.856   1.00 26.88  ? 53 GLU B CG  1 
ATOM 899 C CD  . GLU B 1 53 ? 4.513   1.816   1.224   1.00 31.48  ? 53 GLU B CD  1 
ATOM 900 O OE1 . GLU B 1 53 ? 4.883   2.193   0.095   1.00 35.27  ? 53 GLU B OE1 1 
ATOM 901 O OE2 . GLU B 1 53 ? 5.019   0.821   1.796   1.00 34.03  ? 53 GLU B OE2 1 
ATOM 902 N N   . CYS B 1 54 ? 1.442   5.340   -1.319  1.00 29.73  ? 54 CYS B N   1 
ATOM 903 C CA  . CYS B 1 54 ? 1.359   6.542   -2.158  1.00 28.13  ? 54 CYS B CA  1 
ATOM 904 C C   . CYS B 1 54 ? -0.028  7.151   -2.292  1.00 30.01  ? 54 CYS B C   1 
ATOM 905 O O   . CYS B 1 54 ? -0.194  8.371   -2.263  1.00 28.24  ? 54 CYS B O   1 
ATOM 906 C CB  . CYS B 1 54 ? 1.955   6.278   -3.520  1.00 25.84  ? 54 CYS B CB  1 
ATOM 907 S SG  . CYS B 1 54 ? 3.712   6.227   -3.358  1.00 33.78  ? 54 CYS B SG  1 
ATOM 908 N N   . CYS B 1 55 ? -1.013  6.283   -2.440  1.00 30.72  ? 55 CYS B N   1 
ATOM 909 C CA  . CYS B 1 55 ? -2.400  6.683   -2.481  1.00 28.65  ? 55 CYS B CA  1 
ATOM 910 C C   . CYS B 1 55 ? -2.817  7.414   -1.186  1.00 32.67  ? 55 CYS B C   1 
ATOM 911 O O   . CYS B 1 55 ? -3.447  8.472   -1.234  1.00 32.15  ? 55 CYS B O   1 
ATOM 912 C CB  . CYS B 1 55 ? -3.269  5.444   -2.704  1.00 34.31  ? 55 CYS B CB  1 
ATOM 913 S SG  . CYS B 1 55 ? -5.005  5.795   -3.011  1.00 28.35  ? 55 CYS B SG  1 
ATOM 914 N N   . VAL B 1 56 ? -2.464  6.865   -0.030  1.00 26.69  ? 56 VAL B N   1 
ATOM 915 C CA  . VAL B 1 56 ? -2.898  7.465   1.225   1.00 31.08  ? 56 VAL B CA  1 
ATOM 916 C C   . VAL B 1 56 ? -2.286  8.860   1.419   1.00 34.56  ? 56 VAL B C   1 
ATOM 917 O O   . VAL B 1 56 ? -2.981  9.822   1.756   1.00 37.54  ? 56 VAL B O   1 
ATOM 918 C CB  . VAL B 1 56 ? -2.617  6.531   2.442   1.00 31.13  ? 56 VAL B CB  1 
ATOM 919 C CG1 . VAL B 1 56 ? -2.722  7.283   3.761   1.00 33.07  ? 56 VAL B CG1 1 
ATOM 920 C CG2 . VAL B 1 56 ? -3.571  5.353   2.429   1.00 26.92  ? 56 VAL B CG2 1 
ATOM 921 N N   . VAL B 1 57 ? -0.987  8.961   1.182   1.00 31.08  ? 57 VAL B N   1 
ATOM 922 C CA  . VAL B 1 57 ? -0.276  10.213  1.346   1.00 31.13  ? 57 VAL B CA  1 
ATOM 923 C C   . VAL B 1 57 ? -0.712  11.268  0.325   1.00 33.93  ? 57 VAL B C   1 
ATOM 924 O O   . VAL B 1 57 ? -0.861  12.429  0.667   1.00 37.39  ? 57 VAL B O   1 
ATOM 925 C CB  . VAL B 1 57 ? 1.257   10.001  1.256   1.00 28.93  ? 57 VAL B CB  1 
ATOM 926 C CG1 . VAL B 1 57 ? 1.988   11.333  1.320   1.00 22.79  ? 57 VAL B CG1 1 
ATOM 927 C CG2 . VAL B 1 57 ? 1.720   9.116   2.387   1.00 30.99  ? 57 VAL B CG2 1 
ATOM 928 N N   . ALA B 1 58 ? -0.900  10.863  -0.926  1.00 32.30  ? 58 ALA B N   1 
ATOM 929 C CA  . ALA B 1 58 ? -1.387  11.778  -1.953  1.00 40.35  ? 58 ALA B CA  1 
ATOM 930 C C   . ALA B 1 58 ? -2.806  12.272  -1.629  1.00 42.31  ? 58 ALA B C   1 
ATOM 931 O O   . ALA B 1 58 ? -3.145  13.423  -1.892  1.00 38.87  ? 58 ALA B O   1 
ATOM 932 C CB  . ALA B 1 58 ? -1.337  11.118  -3.347  1.00 31.50  ? 58 ALA B CB  1 
ATOM 933 N N   . SER B 1 59 ? -3.627  11.395  -1.056  1.00 36.23  ? 59 SER B N   1 
ATOM 934 C CA  . SER B 1 59 ? -4.972  11.770  -0.614  1.00 40.73  ? 59 SER B CA  1 
ATOM 935 C C   . SER B 1 59 ? -5.020  12.786  0.517   1.00 43.49  ? 59 SER B C   1 
ATOM 936 O O   . SER B 1 59 ? -5.812  13.724  0.464   1.00 45.52  ? 59 SER B O   1 
ATOM 937 C CB  . SER B 1 59 ? -5.779  10.541  -0.206  1.00 27.85  ? 59 SER B CB  1 
ATOM 938 O OG  . SER B 1 59 ? -6.160  9.850   -1.371  1.00 39.40  ? 59 SER B OG  1 
ATOM 939 N N   . GLN B 1 60 ? -4.216  12.592  1.555   1.00 37.37  ? 60 GLN B N   1 
ATOM 940 C CA  . GLN B 1 60 ? -4.203  13.568  2.630   1.00 48.80  ? 60 GLN B CA  1 
ATOM 941 C C   . GLN B 1 60 ? -3.811  14.929  2.081   1.00 50.24  ? 60 GLN B C   1 
ATOM 942 O O   . GLN B 1 60 ? -4.293  15.950  2.553   1.00 49.82  ? 60 GLN B O   1 
ATOM 943 C CB  . GLN B 1 60 ? -3.264  13.149  3.745   1.00 44.19  ? 60 GLN B CB  1 
ATOM 944 C CG  . GLN B 1 60 ? -3.673  11.856  4.380   1.00 59.45  ? 60 GLN B CG  1 
ATOM 945 C CD  . GLN B 1 60 ? -2.663  11.397  5.397   1.00 71.67  ? 60 GLN B CD  1 
ATOM 946 O OE1 . GLN B 1 60 ? -1.732  12.141  5.725   1.00 65.62  ? 60 GLN B OE1 1 
ATOM 947 N NE2 . GLN B 1 60 ? -2.830  10.167  5.904   1.00 61.35  ? 60 GLN B NE2 1 
ATOM 948 N N   . LEU B 1 61 ? -2.955  14.930  1.063   1.00 43.44  ? 61 LEU B N   1 
ATOM 949 C CA  . LEU B 1 61 ? -2.515  16.169  0.432   1.00 50.32  ? 61 LEU B CA  1 
ATOM 950 C C   . LEU B 1 61 ? -3.646  16.871  -0.312  1.00 51.25  ? 61 LEU B C   1 
ATOM 951 O O   . LEU B 1 61 ? -3.906  18.048  -0.097  1.00 52.24  ? 61 LEU B O   1 
ATOM 952 C CB  . LEU B 1 61 ? -1.377  15.887  -0.538  1.00 39.06  ? 61 LEU B CB  1 
ATOM 953 C CG  . LEU B 1 61 ? -0.024  15.706  0.137   1.00 52.58  ? 61 LEU B CG  1 
ATOM 954 C CD1 . LEU B 1 61 ? 1.049   15.298  -0.875  1.00 48.06  ? 61 LEU B CD1 1 
ATOM 955 C CD2 . LEU B 1 61 ? 0.345   16.989  0.841   1.00 53.29  ? 61 LEU B CD2 1 
ATOM 956 N N   . ARG B 1 62 ? -4.307  16.128  -1.188  1.00 44.57  ? 62 ARG B N   1 
ATOM 957 C CA  . ARG B 1 62 ? -5.377  16.652  -2.011  1.00 49.38  ? 62 ARG B CA  1 
ATOM 958 C C   . ARG B 1 62 ? -6.593  17.070  -1.177  1.00 57.67  ? 62 ARG B C   1 
ATOM 959 O O   . ARG B 1 62 ? -7.398  17.913  -1.599  1.00 57.99  ? 62 ARG B O   1 
ATOM 960 C CB  . ARG B 1 62 ? -5.757  15.626  -3.082  1.00 38.48  ? 62 ARG B CB  1 
ATOM 961 C CG  . ARG B 1 62 ? -4.742  15.547  -4.202  1.00 39.77  ? 62 ARG B CG  1 
ATOM 962 C CD  . ARG B 1 62 ? -5.291  14.758  -5.362  1.00 46.58  ? 62 ARG B CD  1 
ATOM 963 N NE  . ARG B 1 62 ? -5.135  13.328  -5.143  1.00 61.09  ? 62 ARG B NE  1 
ATOM 964 C CZ  . ARG B 1 62 ? -4.266  12.574  -5.803  1.00 62.51  ? 62 ARG B CZ  1 
ATOM 965 N NH1 . ARG B 1 62 ? -3.497  13.129  -6.740  1.00 51.17  ? 62 ARG B NH1 1 
ATOM 966 N NH2 . ARG B 1 62 ? -4.181  11.268  -5.530  1.00 61.47  ? 62 ARG B NH2 1 
ATOM 967 N N   . ALA B 1 63 ? -6.709  16.481  0.009   1.00 54.96  ? 63 ALA B N   1 
ATOM 968 C CA  . ALA B 1 63 ? -7.786  16.812  0.926   1.00 58.73  ? 63 ALA B CA  1 
ATOM 969 C C   . ALA B 1 63 ? -7.460  18.101  1.660   1.00 59.69  ? 63 ALA B C   1 
ATOM 970 O O   . ALA B 1 63 ? -8.327  18.958  1.832   1.00 68.36  ? 63 ALA B O   1 
ATOM 971 C CB  . ALA B 1 63 ? -8.016  15.677  1.916   1.00 42.65  ? 63 ALA B CB  1 
ATOM 972 N N   . ASN B 1 64 ? -6.208  18.221  2.098   1.00 58.36  ? 64 ASN B N   1 
ATOM 973 C CA  . ASN B 1 64 ? -5.717  19.425  2.767   1.00 63.23  ? 64 ASN B CA  1 
ATOM 974 C C   . ASN B 1 64 ? -5.839  20.652  1.861   1.00 70.22  ? 64 ASN B C   1 
ATOM 975 O O   . ASN B 1 64 ? -5.739  21.795  2.308   1.00 75.81  ? 64 ASN B O   1 
ATOM 976 C CB  . ASN B 1 64 ? -4.255  19.249  3.204   1.00 63.32  ? 64 ASN B CB  1 
ATOM 977 C CG  . ASN B 1 64 ? -4.103  18.314  4.389   1.00 75.58  ? 64 ASN B CG  1 
ATOM 978 O OD1 . ASN B 1 64 ? -5.088  17.957  5.048   1.00 70.19  ? 64 ASN B OD1 1 
ATOM 979 N ND2 . ASN B 1 64 ? -2.860  17.912  4.670   1.00 77.17  ? 64 ASN B ND2 1 
ATOM 980 N N   . ILE B 1 65 ? -6.053  20.406  0.576   1.00 66.99  ? 65 ILE B N   1 
ATOM 981 C CA  . ILE B 1 65 ? -6.221  21.490  -0.373  1.00 70.03  ? 65 ILE B CA  1 
ATOM 982 C C   . ILE B 1 65 ? -7.700  21.900  -0.481  1.00 79.42  ? 65 ILE B C   1 
ATOM 983 O O   . ILE B 1 65 ? -8.163  22.365  -1.516  1.00 81.90  ? 65 ILE B O   1 
ATOM 984 C CB  . ILE B 1 65 ? -5.602  21.104  -1.724  1.00 64.70  ? 65 ILE B CB  1 
ATOM 985 C CG1 . ILE B 1 65 ? -4.105  20.841  -1.537  1.00 57.80  ? 65 ILE B CG1 1 
ATOM 986 C CG2 . ILE B 1 65 ? -5.802  22.195  -2.753  1.00 63.85  ? 65 ILE B CG2 1 
ATOM 987 C CD1 . ILE B 1 65 ? -3.362  20.577  -2.826  1.00 52.02  ? 65 ILE B CD1 1 
ATOM 988 N N   . SER B 1 66 ? -8.436  21.732  0.615   1.00 87.77  ? 66 SER B N   1 
ATOM 989 C CA  . SER B 1 66 ? -9.851  22.084  0.657   1.00 88.69  ? 66 SER B CA  1 
ATOM 990 C C   . SER B 1 66 ? -10.225 22.629  2.040   1.00 91.03  ? 66 SER B C   1 
ATOM 991 O O   . SER B 1 66 ? -10.624 23.792  2.167   1.00 94.93  ? 66 SER B O   1 
ATOM 992 C CB  . SER B 1 66 ? -10.712 20.870  0.291   1.00 83.43  ? 66 SER B CB  1 
ATOM 993 O OG  . SER B 1 66 ? -10.274 20.287  -0.933  1.00 73.11  ? 66 SER B OG  1 
# 
